data_7YKW
# 
_entry.id   7YKW 
# 
_audit_conform.dict_name       mmcif_pdbx.dic 
_audit_conform.dict_version    5.391 
_audit_conform.dict_location   http://mmcif.pdb.org/dictionaries/ascii/mmcif_pdbx.dic 
# 
loop_
_database_2.database_id 
_database_2.database_code 
_database_2.pdbx_database_accession 
_database_2.pdbx_DOI 
PDB   7YKW         pdb_00007ykw 10.2210/pdb7ykw/pdb 
WWPDB D_1300031131 ?            ?                   
EMDB  EMD-33897    ?            ?                   
# 
loop_
_pdbx_audit_revision_history.ordinal 
_pdbx_audit_revision_history.data_content_type 
_pdbx_audit_revision_history.major_revision 
_pdbx_audit_revision_history.minor_revision 
_pdbx_audit_revision_history.revision_date 
1 'Structure model' 1 0 2023-01-18 
2 'Structure model' 1 1 2024-05-08 
# 
_pdbx_audit_revision_details.ordinal             1 
_pdbx_audit_revision_details.revision_ordinal    1 
_pdbx_audit_revision_details.data_content_type   'Structure model' 
_pdbx_audit_revision_details.provider            repository 
_pdbx_audit_revision_details.type                'Initial release' 
_pdbx_audit_revision_details.description         ? 
_pdbx_audit_revision_details.details             ? 
# 
loop_
_pdbx_audit_revision_group.ordinal 
_pdbx_audit_revision_group.revision_ordinal 
_pdbx_audit_revision_group.data_content_type 
_pdbx_audit_revision_group.group 
1 2 'Structure model' 'Data collection'     
2 2 'Structure model' 'Database references' 
# 
loop_
_pdbx_audit_revision_category.ordinal 
_pdbx_audit_revision_category.revision_ordinal 
_pdbx_audit_revision_category.data_content_type 
_pdbx_audit_revision_category.category 
1 2 'Structure model' chem_comp_atom 
2 2 'Structure model' chem_comp_bond 
3 2 'Structure model' citation       
# 
loop_
_pdbx_audit_revision_item.ordinal 
_pdbx_audit_revision_item.revision_ordinal 
_pdbx_audit_revision_item.data_content_type 
_pdbx_audit_revision_item.item 
1 2 'Structure model' '_citation.page_last'               
2 2 'Structure model' '_citation.pdbx_database_id_PubMed' 
3 2 'Structure model' '_citation.title'                   
# 
_pdbx_database_status.status_code                     REL 
_pdbx_database_status.status_code_sf                  ? 
_pdbx_database_status.status_code_mr                  ? 
_pdbx_database_status.entry_id                        7YKW 
_pdbx_database_status.recvd_initial_deposition_date   2022-07-25 
_pdbx_database_status.SG_entry                        N 
_pdbx_database_status.deposit_site                    PDBJ 
_pdbx_database_status.process_site                    PDBJ 
_pdbx_database_status.status_code_cs                  ? 
_pdbx_database_status.status_code_nmr_data            ? 
_pdbx_database_status.methods_development_category    ? 
_pdbx_database_status.pdb_format_compatible           Y 
# 
_pdbx_database_related.db_name        EMDB 
_pdbx_database_related.details        hIAPP-SF 
_pdbx_database_related.db_id          EMD-33897 
_pdbx_database_related.content_type   'associated EM volume' 
# 
_pdbx_contact_author.id                 2 
_pdbx_contact_author.email              zhup@ibp.ac.cn 
_pdbx_contact_author.name_first         Ping 
_pdbx_contact_author.name_last          Zhu 
_pdbx_contact_author.name_mi            ? 
_pdbx_contact_author.role               'principal investigator/group leader' 
_pdbx_contact_author.identifier_ORCID   0000-0003-2648-3170 
# 
loop_
_audit_author.name 
_audit_author.pdbx_ordinal 
_audit_author.identifier_ORCID 
'Li, D.'    1 0000-0003-2960-509X 
'Zhang, X.' 2 ?                   
'Wang, Y.'  3 ?                   
'Zhu, P.'   4 ?                   
# 
_citation.abstract                  ? 
_citation.abstract_id_CAS           ? 
_citation.book_id_ISBN              ? 
_citation.book_publisher            ? 
_citation.book_publisher_city       ? 
_citation.book_title                ? 
_citation.coordinate_linkage        ? 
_citation.country                   US 
_citation.database_id_Medline       ? 
_citation.details                   ? 
_citation.id                        primary 
_citation.journal_abbrev            Iscience 
_citation.journal_id_ASTM           ? 
_citation.journal_id_CSD            ? 
_citation.journal_id_ISSN           2589-0042 
_citation.journal_full              ? 
_citation.journal_issue             ? 
_citation.journal_volume            25 
_citation.language                  ? 
_citation.page_first                105705 
_citation.page_last                 105705 
_citation.title                     'A new polymorphism of human amylin fibrils with similar protofilaments and a conserved core.' 
_citation.year                      2022 
_citation.database_id_CSD           ? 
_citation.pdbx_database_id_DOI      10.1016/j.isci.2022.105705 
_citation.pdbx_database_id_PubMed   36567711 
_citation.pdbx_database_id_patent   ? 
_citation.unpublished_flag          ? 
# 
loop_
_citation_author.citation_id 
_citation_author.name 
_citation_author.ordinal 
_citation_author.identifier_ORCID 
primary 'Li, D.'    1 ? 
primary 'Zhang, X.' 2 ? 
primary 'Wang, Y.'  3 ? 
primary 'Zhang, H.' 4 ? 
primary 'Song, K.'  5 ? 
primary 'Bao, K.'   6 ? 
primary 'Zhu, P.'   7 ? 
# 
_entity.id                         1 
_entity.type                       polymer 
_entity.src_method                 syn 
_entity.pdbx_description           'Islet amyloid polypeptide' 
_entity.formula_weight             3908.319 
_entity.pdbx_number_of_molecules   8 
_entity.pdbx_ec                    ? 
_entity.pdbx_mutation              ? 
_entity.pdbx_fragment              ? 
_entity.details                    ? 
# 
_entity_name_com.entity_id   1 
_entity_name_com.name        'Amylin,Diabetes-associated peptide,DAP,Insulinoma amyloid peptide' 
# 
_entity_poly.entity_id                      1 
_entity_poly.type                           'polypeptide(L)' 
_entity_poly.nstd_linkage                   no 
_entity_poly.nstd_monomer                   yes 
_entity_poly.pdbx_seq_one_letter_code       'KCNTATCATQRLANFLVHSSNNFGAILSSTNVGSNT(TYC)' 
_entity_poly.pdbx_seq_one_letter_code_can   KCNTATCATQRLANFLVHSSNNFGAILSSTNVGSNTY 
_entity_poly.pdbx_strand_id                 A,B,C,D,E,F,G,H 
_entity_poly.pdbx_target_identifier         ? 
# 
loop_
_entity_poly_seq.entity_id 
_entity_poly_seq.num 
_entity_poly_seq.mon_id 
_entity_poly_seq.hetero 
1 1  LYS n 
1 2  CYS n 
1 3  ASN n 
1 4  THR n 
1 5  ALA n 
1 6  THR n 
1 7  CYS n 
1 8  ALA n 
1 9  THR n 
1 10 GLN n 
1 11 ARG n 
1 12 LEU n 
1 13 ALA n 
1 14 ASN n 
1 15 PHE n 
1 16 LEU n 
1 17 VAL n 
1 18 HIS n 
1 19 SER n 
1 20 SER n 
1 21 ASN n 
1 22 ASN n 
1 23 PHE n 
1 24 GLY n 
1 25 ALA n 
1 26 ILE n 
1 27 LEU n 
1 28 SER n 
1 29 SER n 
1 30 THR n 
1 31 ASN n 
1 32 VAL n 
1 33 GLY n 
1 34 SER n 
1 35 ASN n 
1 36 THR n 
1 37 TYC n 
# 
_pdbx_entity_src_syn.entity_id              1 
_pdbx_entity_src_syn.pdbx_src_id            1 
_pdbx_entity_src_syn.pdbx_alt_source_flag   sample 
_pdbx_entity_src_syn.pdbx_beg_seq_num       1 
_pdbx_entity_src_syn.pdbx_end_seq_num       37 
_pdbx_entity_src_syn.organism_scientific    'Homo sapiens' 
_pdbx_entity_src_syn.organism_common_name   human 
_pdbx_entity_src_syn.ncbi_taxonomy_id       9606 
_pdbx_entity_src_syn.details                ? 
# 
loop_
_chem_comp.id 
_chem_comp.type 
_chem_comp.mon_nstd_flag 
_chem_comp.name 
_chem_comp.pdbx_synonyms 
_chem_comp.formula 
_chem_comp.formula_weight 
ALA 'L-peptide linking'               y ALANINE        ? 'C3 H7 N O2'     89.093  
ARG 'L-peptide linking'               y ARGININE       ? 'C6 H15 N4 O2 1' 175.209 
ASN 'L-peptide linking'               y ASPARAGINE     ? 'C4 H8 N2 O3'    132.118 
CYS 'L-peptide linking'               y CYSTEINE       ? 'C3 H7 N O2 S'   121.158 
GLN 'L-peptide linking'               y GLUTAMINE      ? 'C5 H10 N2 O3'   146.144 
GLY 'peptide linking'                 y GLYCINE        ? 'C2 H5 N O2'     75.067  
HIS 'L-peptide linking'               y HISTIDINE      ? 'C6 H10 N3 O2 1' 156.162 
ILE 'L-peptide linking'               y ISOLEUCINE     ? 'C6 H13 N O2'    131.173 
LEU 'L-peptide linking'               y LEUCINE        ? 'C6 H13 N O2'    131.173 
LYS 'L-peptide linking'               y LYSINE         ? 'C6 H15 N2 O2 1' 147.195 
PHE 'L-peptide linking'               y PHENYLALANINE  ? 'C9 H11 N O2'    165.189 
SER 'L-peptide linking'               y SERINE         ? 'C3 H7 N O3'     105.093 
THR 'L-peptide linking'               y THREONINE      ? 'C4 H9 N O3'     119.119 
TYC 'L-peptide COOH carboxy terminus' n L-TYROSINAMIDE ? 'C9 H12 N2 O2'   180.204 
VAL 'L-peptide linking'               y VALINE         ? 'C5 H11 N O2'    117.146 
# 
loop_
_pdbx_poly_seq_scheme.asym_id 
_pdbx_poly_seq_scheme.entity_id 
_pdbx_poly_seq_scheme.seq_id 
_pdbx_poly_seq_scheme.mon_id 
_pdbx_poly_seq_scheme.ndb_seq_num 
_pdbx_poly_seq_scheme.pdb_seq_num 
_pdbx_poly_seq_scheme.auth_seq_num 
_pdbx_poly_seq_scheme.pdb_mon_id 
_pdbx_poly_seq_scheme.auth_mon_id 
_pdbx_poly_seq_scheme.pdb_strand_id 
_pdbx_poly_seq_scheme.pdb_ins_code 
_pdbx_poly_seq_scheme.hetero 
A 1 1  LYS 1  1  ?  ?   ?   A . n 
A 1 2  CYS 2  2  ?  ?   ?   A . n 
A 1 3  ASN 3  3  ?  ?   ?   A . n 
A 1 4  THR 4  4  ?  ?   ?   A . n 
A 1 5  ALA 5  5  ?  ?   ?   A . n 
A 1 6  THR 6  6  ?  ?   ?   A . n 
A 1 7  CYS 7  7  ?  ?   ?   A . n 
A 1 8  ALA 8  8  ?  ?   ?   A . n 
A 1 9  THR 9  9  ?  ?   ?   A . n 
A 1 10 GLN 10 10 ?  ?   ?   A . n 
A 1 11 ARG 11 11 11 ARG ARG A . n 
A 1 12 LEU 12 12 12 LEU LEU A . n 
A 1 13 ALA 13 13 13 ALA ALA A . n 
A 1 14 ASN 14 14 14 ASN ASN A . n 
A 1 15 PHE 15 15 15 PHE PHE A . n 
A 1 16 LEU 16 16 16 LEU LEU A . n 
A 1 17 VAL 17 17 17 VAL VAL A . n 
A 1 18 HIS 18 18 18 HIS HIS A . n 
A 1 19 SER 19 19 19 SER SER A . n 
A 1 20 SER 20 20 20 SER SER A . n 
A 1 21 ASN 21 21 21 ASN ASN A . n 
A 1 22 ASN 22 22 22 ASN ASN A . n 
A 1 23 PHE 23 23 23 PHE PHE A . n 
A 1 24 GLY 24 24 24 GLY GLY A . n 
A 1 25 ALA 25 25 25 ALA ALA A . n 
A 1 26 ILE 26 26 26 ILE ILE A . n 
A 1 27 LEU 27 27 27 LEU LEU A . n 
A 1 28 SER 28 28 28 SER SER A . n 
A 1 29 SER 29 29 29 SER SER A . n 
A 1 30 THR 30 30 30 THR THR A . n 
A 1 31 ASN 31 31 31 ASN ASN A . n 
A 1 32 VAL 32 32 32 VAL VAL A . n 
A 1 33 GLY 33 33 33 GLY GLY A . n 
A 1 34 SER 34 34 34 SER SER A . n 
A 1 35 ASN 35 35 35 ASN ASN A . n 
A 1 36 THR 36 36 36 THR THR A . n 
A 1 37 TYC 37 37 37 TYC TYC A . n 
B 1 1  LYS 1  1  1  LYS LYS B . n 
B 1 2  CYS 2  2  2  CYS CYS B . n 
B 1 3  ASN 3  3  3  ASN ASN B . n 
B 1 4  THR 4  4  4  THR THR B . n 
B 1 5  ALA 5  5  5  ALA ALA B . n 
B 1 6  THR 6  6  6  THR THR B . n 
B 1 7  CYS 7  7  7  CYS CYS B . n 
B 1 8  ALA 8  8  8  ALA ALA B . n 
B 1 9  THR 9  9  9  THR THR B . n 
B 1 10 GLN 10 10 10 GLN GLN B . n 
B 1 11 ARG 11 11 11 ARG ARG B . n 
B 1 12 LEU 12 12 12 LEU LEU B . n 
B 1 13 ALA 13 13 13 ALA ALA B . n 
B 1 14 ASN 14 14 14 ASN ASN B . n 
B 1 15 PHE 15 15 15 PHE PHE B . n 
B 1 16 LEU 16 16 16 LEU LEU B . n 
B 1 17 VAL 17 17 17 VAL VAL B . n 
B 1 18 HIS 18 18 18 HIS HIS B . n 
B 1 19 SER 19 19 19 SER SER B . n 
B 1 20 SER 20 20 20 SER SER B . n 
B 1 21 ASN 21 21 21 ASN ASN B . n 
B 1 22 ASN 22 22 22 ASN ASN B . n 
B 1 23 PHE 23 23 23 PHE PHE B . n 
B 1 24 GLY 24 24 24 GLY GLY B . n 
B 1 25 ALA 25 25 25 ALA ALA B . n 
B 1 26 ILE 26 26 26 ILE ILE B . n 
B 1 27 LEU 27 27 27 LEU LEU B . n 
B 1 28 SER 28 28 28 SER SER B . n 
B 1 29 SER 29 29 29 SER SER B . n 
B 1 30 THR 30 30 30 THR THR B . n 
B 1 31 ASN 31 31 31 ASN ASN B . n 
B 1 32 VAL 32 32 32 VAL VAL B . n 
B 1 33 GLY 33 33 33 GLY GLY B . n 
B 1 34 SER 34 34 34 SER SER B . n 
B 1 35 ASN 35 35 35 ASN ASN B . n 
B 1 36 THR 36 36 36 THR THR B . n 
B 1 37 TYC 37 37 37 TYC TYC B . n 
C 1 1  LYS 1  1  ?  ?   ?   C . n 
C 1 2  CYS 2  2  ?  ?   ?   C . n 
C 1 3  ASN 3  3  ?  ?   ?   C . n 
C 1 4  THR 4  4  ?  ?   ?   C . n 
C 1 5  ALA 5  5  ?  ?   ?   C . n 
C 1 6  THR 6  6  ?  ?   ?   C . n 
C 1 7  CYS 7  7  ?  ?   ?   C . n 
C 1 8  ALA 8  8  ?  ?   ?   C . n 
C 1 9  THR 9  9  ?  ?   ?   C . n 
C 1 10 GLN 10 10 ?  ?   ?   C . n 
C 1 11 ARG 11 11 11 ARG ARG C . n 
C 1 12 LEU 12 12 12 LEU LEU C . n 
C 1 13 ALA 13 13 13 ALA ALA C . n 
C 1 14 ASN 14 14 14 ASN ASN C . n 
C 1 15 PHE 15 15 15 PHE PHE C . n 
C 1 16 LEU 16 16 16 LEU LEU C . n 
C 1 17 VAL 17 17 17 VAL VAL C . n 
C 1 18 HIS 18 18 18 HIS HIS C . n 
C 1 19 SER 19 19 19 SER SER C . n 
C 1 20 SER 20 20 20 SER SER C . n 
C 1 21 ASN 21 21 21 ASN ASN C . n 
C 1 22 ASN 22 22 22 ASN ASN C . n 
C 1 23 PHE 23 23 23 PHE PHE C . n 
C 1 24 GLY 24 24 24 GLY GLY C . n 
C 1 25 ALA 25 25 25 ALA ALA C . n 
C 1 26 ILE 26 26 26 ILE ILE C . n 
C 1 27 LEU 27 27 27 LEU LEU C . n 
C 1 28 SER 28 28 28 SER SER C . n 
C 1 29 SER 29 29 29 SER SER C . n 
C 1 30 THR 30 30 30 THR THR C . n 
C 1 31 ASN 31 31 31 ASN ASN C . n 
C 1 32 VAL 32 32 32 VAL VAL C . n 
C 1 33 GLY 33 33 33 GLY GLY C . n 
C 1 34 SER 34 34 34 SER SER C . n 
C 1 35 ASN 35 35 35 ASN ASN C . n 
C 1 36 THR 36 36 36 THR THR C . n 
C 1 37 TYC 37 37 37 TYC TYC C . n 
D 1 1  LYS 1  1  1  LYS LYS D . n 
D 1 2  CYS 2  2  2  CYS CYS D . n 
D 1 3  ASN 3  3  3  ASN ASN D . n 
D 1 4  THR 4  4  4  THR THR D . n 
D 1 5  ALA 5  5  5  ALA ALA D . n 
D 1 6  THR 6  6  6  THR THR D . n 
D 1 7  CYS 7  7  7  CYS CYS D . n 
D 1 8  ALA 8  8  8  ALA ALA D . n 
D 1 9  THR 9  9  9  THR THR D . n 
D 1 10 GLN 10 10 10 GLN GLN D . n 
D 1 11 ARG 11 11 11 ARG ARG D . n 
D 1 12 LEU 12 12 12 LEU LEU D . n 
D 1 13 ALA 13 13 13 ALA ALA D . n 
D 1 14 ASN 14 14 14 ASN ASN D . n 
D 1 15 PHE 15 15 15 PHE PHE D . n 
D 1 16 LEU 16 16 16 LEU LEU D . n 
D 1 17 VAL 17 17 17 VAL VAL D . n 
D 1 18 HIS 18 18 18 HIS HIS D . n 
D 1 19 SER 19 19 19 SER SER D . n 
D 1 20 SER 20 20 20 SER SER D . n 
D 1 21 ASN 21 21 21 ASN ASN D . n 
D 1 22 ASN 22 22 22 ASN ASN D . n 
D 1 23 PHE 23 23 23 PHE PHE D . n 
D 1 24 GLY 24 24 24 GLY GLY D . n 
D 1 25 ALA 25 25 25 ALA ALA D . n 
D 1 26 ILE 26 26 26 ILE ILE D . n 
D 1 27 LEU 27 27 27 LEU LEU D . n 
D 1 28 SER 28 28 28 SER SER D . n 
D 1 29 SER 29 29 29 SER SER D . n 
D 1 30 THR 30 30 30 THR THR D . n 
D 1 31 ASN 31 31 31 ASN ASN D . n 
D 1 32 VAL 32 32 32 VAL VAL D . n 
D 1 33 GLY 33 33 33 GLY GLY D . n 
D 1 34 SER 34 34 34 SER SER D . n 
D 1 35 ASN 35 35 35 ASN ASN D . n 
D 1 36 THR 36 36 36 THR THR D . n 
D 1 37 TYC 37 37 37 TYC TYC D . n 
E 1 1  LYS 1  1  ?  ?   ?   E . n 
E 1 2  CYS 2  2  ?  ?   ?   E . n 
E 1 3  ASN 3  3  ?  ?   ?   E . n 
E 1 4  THR 4  4  ?  ?   ?   E . n 
E 1 5  ALA 5  5  ?  ?   ?   E . n 
E 1 6  THR 6  6  ?  ?   ?   E . n 
E 1 7  CYS 7  7  ?  ?   ?   E . n 
E 1 8  ALA 8  8  ?  ?   ?   E . n 
E 1 9  THR 9  9  ?  ?   ?   E . n 
E 1 10 GLN 10 10 ?  ?   ?   E . n 
E 1 11 ARG 11 11 11 ARG ARG E . n 
E 1 12 LEU 12 12 12 LEU LEU E . n 
E 1 13 ALA 13 13 13 ALA ALA E . n 
E 1 14 ASN 14 14 14 ASN ASN E . n 
E 1 15 PHE 15 15 15 PHE PHE E . n 
E 1 16 LEU 16 16 16 LEU LEU E . n 
E 1 17 VAL 17 17 17 VAL VAL E . n 
E 1 18 HIS 18 18 18 HIS HIS E . n 
E 1 19 SER 19 19 19 SER SER E . n 
E 1 20 SER 20 20 20 SER SER E . n 
E 1 21 ASN 21 21 21 ASN ASN E . n 
E 1 22 ASN 22 22 22 ASN ASN E . n 
E 1 23 PHE 23 23 23 PHE PHE E . n 
E 1 24 GLY 24 24 24 GLY GLY E . n 
E 1 25 ALA 25 25 25 ALA ALA E . n 
E 1 26 ILE 26 26 26 ILE ILE E . n 
E 1 27 LEU 27 27 27 LEU LEU E . n 
E 1 28 SER 28 28 28 SER SER E . n 
E 1 29 SER 29 29 29 SER SER E . n 
E 1 30 THR 30 30 30 THR THR E . n 
E 1 31 ASN 31 31 31 ASN ASN E . n 
E 1 32 VAL 32 32 32 VAL VAL E . n 
E 1 33 GLY 33 33 33 GLY GLY E . n 
E 1 34 SER 34 34 34 SER SER E . n 
E 1 35 ASN 35 35 35 ASN ASN E . n 
E 1 36 THR 36 36 36 THR THR E . n 
E 1 37 TYC 37 37 37 TYC TYC E . n 
F 1 1  LYS 1  1  1  LYS LYS F . n 
F 1 2  CYS 2  2  2  CYS CYS F . n 
F 1 3  ASN 3  3  3  ASN ASN F . n 
F 1 4  THR 4  4  4  THR THR F . n 
F 1 5  ALA 5  5  5  ALA ALA F . n 
F 1 6  THR 6  6  6  THR THR F . n 
F 1 7  CYS 7  7  7  CYS CYS F . n 
F 1 8  ALA 8  8  8  ALA ALA F . n 
F 1 9  THR 9  9  9  THR THR F . n 
F 1 10 GLN 10 10 10 GLN GLN F . n 
F 1 11 ARG 11 11 11 ARG ARG F . n 
F 1 12 LEU 12 12 12 LEU LEU F . n 
F 1 13 ALA 13 13 13 ALA ALA F . n 
F 1 14 ASN 14 14 14 ASN ASN F . n 
F 1 15 PHE 15 15 15 PHE PHE F . n 
F 1 16 LEU 16 16 16 LEU LEU F . n 
F 1 17 VAL 17 17 17 VAL VAL F . n 
F 1 18 HIS 18 18 18 HIS HIS F . n 
F 1 19 SER 19 19 19 SER SER F . n 
F 1 20 SER 20 20 20 SER SER F . n 
F 1 21 ASN 21 21 21 ASN ASN F . n 
F 1 22 ASN 22 22 22 ASN ASN F . n 
F 1 23 PHE 23 23 23 PHE PHE F . n 
F 1 24 GLY 24 24 24 GLY GLY F . n 
F 1 25 ALA 25 25 25 ALA ALA F . n 
F 1 26 ILE 26 26 26 ILE ILE F . n 
F 1 27 LEU 27 27 27 LEU LEU F . n 
F 1 28 SER 28 28 28 SER SER F . n 
F 1 29 SER 29 29 29 SER SER F . n 
F 1 30 THR 30 30 30 THR THR F . n 
F 1 31 ASN 31 31 31 ASN ASN F . n 
F 1 32 VAL 32 32 32 VAL VAL F . n 
F 1 33 GLY 33 33 33 GLY GLY F . n 
F 1 34 SER 34 34 34 SER SER F . n 
F 1 35 ASN 35 35 35 ASN ASN F . n 
F 1 36 THR 36 36 36 THR THR F . n 
F 1 37 TYC 37 37 37 TYC TYC F . n 
G 1 1  LYS 1  1  ?  ?   ?   G . n 
G 1 2  CYS 2  2  ?  ?   ?   G . n 
G 1 3  ASN 3  3  ?  ?   ?   G . n 
G 1 4  THR 4  4  ?  ?   ?   G . n 
G 1 5  ALA 5  5  ?  ?   ?   G . n 
G 1 6  THR 6  6  ?  ?   ?   G . n 
G 1 7  CYS 7  7  ?  ?   ?   G . n 
G 1 8  ALA 8  8  ?  ?   ?   G . n 
G 1 9  THR 9  9  ?  ?   ?   G . n 
G 1 10 GLN 10 10 ?  ?   ?   G . n 
G 1 11 ARG 11 11 11 ARG ARG G . n 
G 1 12 LEU 12 12 12 LEU LEU G . n 
G 1 13 ALA 13 13 13 ALA ALA G . n 
G 1 14 ASN 14 14 14 ASN ASN G . n 
G 1 15 PHE 15 15 15 PHE PHE G . n 
G 1 16 LEU 16 16 16 LEU LEU G . n 
G 1 17 VAL 17 17 17 VAL VAL G . n 
G 1 18 HIS 18 18 18 HIS HIS G . n 
G 1 19 SER 19 19 19 SER SER G . n 
G 1 20 SER 20 20 20 SER SER G . n 
G 1 21 ASN 21 21 21 ASN ASN G . n 
G 1 22 ASN 22 22 22 ASN ASN G . n 
G 1 23 PHE 23 23 23 PHE PHE G . n 
G 1 24 GLY 24 24 24 GLY GLY G . n 
G 1 25 ALA 25 25 25 ALA ALA G . n 
G 1 26 ILE 26 26 26 ILE ILE G . n 
G 1 27 LEU 27 27 27 LEU LEU G . n 
G 1 28 SER 28 28 28 SER SER G . n 
G 1 29 SER 29 29 29 SER SER G . n 
G 1 30 THR 30 30 30 THR THR G . n 
G 1 31 ASN 31 31 31 ASN ASN G . n 
G 1 32 VAL 32 32 32 VAL VAL G . n 
G 1 33 GLY 33 33 33 GLY GLY G . n 
G 1 34 SER 34 34 34 SER SER G . n 
G 1 35 ASN 35 35 35 ASN ASN G . n 
G 1 36 THR 36 36 36 THR THR G . n 
G 1 37 TYC 37 37 37 TYC TYC G . n 
H 1 1  LYS 1  1  1  LYS LYS H . n 
H 1 2  CYS 2  2  2  CYS CYS H . n 
H 1 3  ASN 3  3  3  ASN ASN H . n 
H 1 4  THR 4  4  4  THR THR H . n 
H 1 5  ALA 5  5  5  ALA ALA H . n 
H 1 6  THR 6  6  6  THR THR H . n 
H 1 7  CYS 7  7  7  CYS CYS H . n 
H 1 8  ALA 8  8  8  ALA ALA H . n 
H 1 9  THR 9  9  9  THR THR H . n 
H 1 10 GLN 10 10 10 GLN GLN H . n 
H 1 11 ARG 11 11 11 ARG ARG H . n 
H 1 12 LEU 12 12 12 LEU LEU H . n 
H 1 13 ALA 13 13 13 ALA ALA H . n 
H 1 14 ASN 14 14 14 ASN ASN H . n 
H 1 15 PHE 15 15 15 PHE PHE H . n 
H 1 16 LEU 16 16 16 LEU LEU H . n 
H 1 17 VAL 17 17 17 VAL VAL H . n 
H 1 18 HIS 18 18 18 HIS HIS H . n 
H 1 19 SER 19 19 19 SER SER H . n 
H 1 20 SER 20 20 20 SER SER H . n 
H 1 21 ASN 21 21 21 ASN ASN H . n 
H 1 22 ASN 22 22 22 ASN ASN H . n 
H 1 23 PHE 23 23 23 PHE PHE H . n 
H 1 24 GLY 24 24 24 GLY GLY H . n 
H 1 25 ALA 25 25 25 ALA ALA H . n 
H 1 26 ILE 26 26 26 ILE ILE H . n 
H 1 27 LEU 27 27 27 LEU LEU H . n 
H 1 28 SER 28 28 28 SER SER H . n 
H 1 29 SER 29 29 29 SER SER H . n 
H 1 30 THR 30 30 30 THR THR H . n 
H 1 31 ASN 31 31 31 ASN ASN H . n 
H 1 32 VAL 32 32 32 VAL VAL H . n 
H 1 33 GLY 33 33 33 GLY GLY H . n 
H 1 34 SER 34 34 34 SER SER H . n 
H 1 35 ASN 35 35 35 ASN ASN H . n 
H 1 36 THR 36 36 36 THR THR H . n 
H 1 37 TYC 37 37 37 TYC TYC H . n 
# 
_exptl.absorpt_coefficient_mu     ? 
_exptl.absorpt_correction_T_max   ? 
_exptl.absorpt_correction_T_min   ? 
_exptl.absorpt_correction_type    ? 
_exptl.absorpt_process_details    ? 
_exptl.entry_id                   7YKW 
_exptl.crystals_number            ? 
_exptl.details                    ? 
_exptl.method                     'ELECTRON MICROSCOPY' 
_exptl.method_details             ? 
# 
_struct.entry_id                     7YKW 
_struct.title                        'Structure of hIAPP fibril at 3.6 Angstroms resolution' 
_struct.pdbx_model_details           ? 
_struct.pdbx_formula_weight          ? 
_struct.pdbx_formula_weight_method   ? 
_struct.pdbx_model_type_details      ? 
_struct.pdbx_CASP_flag               N 
# 
_struct_keywords.entry_id        7YKW 
_struct_keywords.text            'amylin, PROTEIN FIBRIL' 
_struct_keywords.pdbx_keywords   'PROTEIN FIBRIL' 
# 
loop_
_struct_asym.id 
_struct_asym.pdbx_blank_PDB_chainid_flag 
_struct_asym.pdbx_modified 
_struct_asym.entity_id 
_struct_asym.details 
A N N 1 ? 
B N N 1 ? 
C N N 1 ? 
D N N 1 ? 
E N N 1 ? 
F N N 1 ? 
G N N 1 ? 
H N N 1 ? 
# 
_struct_ref.id                         1 
_struct_ref.db_name                    UNP 
_struct_ref.db_code                    IAPP_HUMAN 
_struct_ref.pdbx_db_accession          P10997 
_struct_ref.pdbx_db_isoform            ? 
_struct_ref.entity_id                  1 
_struct_ref.pdbx_seq_one_letter_code   KCNTATCATQRLANFLVHSSNNFGAILSSTNVGSNTY 
_struct_ref.pdbx_align_begin           34 
# 
loop_
_struct_ref_seq.align_id 
_struct_ref_seq.ref_id 
_struct_ref_seq.pdbx_PDB_id_code 
_struct_ref_seq.pdbx_strand_id 
_struct_ref_seq.seq_align_beg 
_struct_ref_seq.pdbx_seq_align_beg_ins_code 
_struct_ref_seq.seq_align_end 
_struct_ref_seq.pdbx_seq_align_end_ins_code 
_struct_ref_seq.pdbx_db_accession 
_struct_ref_seq.db_align_beg 
_struct_ref_seq.pdbx_db_align_beg_ins_code 
_struct_ref_seq.db_align_end 
_struct_ref_seq.pdbx_db_align_end_ins_code 
_struct_ref_seq.pdbx_auth_seq_align_beg 
_struct_ref_seq.pdbx_auth_seq_align_end 
1 1 7YKW A 1 ? 37 ? P10997 34 ? 70 ? 1 37 
2 1 7YKW B 1 ? 37 ? P10997 34 ? 70 ? 1 37 
3 1 7YKW C 1 ? 37 ? P10997 34 ? 70 ? 1 37 
4 1 7YKW D 1 ? 37 ? P10997 34 ? 70 ? 1 37 
5 1 7YKW E 1 ? 37 ? P10997 34 ? 70 ? 1 37 
6 1 7YKW F 1 ? 37 ? P10997 34 ? 70 ? 1 37 
7 1 7YKW G 1 ? 37 ? P10997 34 ? 70 ? 1 37 
8 1 7YKW H 1 ? 37 ? P10997 34 ? 70 ? 1 37 
# 
_pdbx_struct_assembly.id                   1 
_pdbx_struct_assembly.details              author_defined_assembly 
_pdbx_struct_assembly.method_details       ? 
_pdbx_struct_assembly.oligomeric_details   octameric 
_pdbx_struct_assembly.oligomeric_count     8 
# 
_pdbx_struct_assembly_gen.assembly_id       1 
_pdbx_struct_assembly_gen.oper_expression   1 
_pdbx_struct_assembly_gen.asym_id_list      A,B,C,D,E,F,G,H 
# 
_pdbx_struct_assembly_auth_evidence.id                     1 
_pdbx_struct_assembly_auth_evidence.assembly_id            1 
_pdbx_struct_assembly_auth_evidence.experimental_support   none 
_pdbx_struct_assembly_auth_evidence.details                ? 
# 
_pdbx_struct_oper_list.id                   1 
_pdbx_struct_oper_list.type                 'identity operation' 
_pdbx_struct_oper_list.name                 1_555 
_pdbx_struct_oper_list.symmetry_operation   ? 
_pdbx_struct_oper_list.matrix[1][1]         1.0000000000 
_pdbx_struct_oper_list.matrix[1][2]         0.0000000000 
_pdbx_struct_oper_list.matrix[1][3]         0.0000000000 
_pdbx_struct_oper_list.vector[1]            0.0000000000 
_pdbx_struct_oper_list.matrix[2][1]         0.0000000000 
_pdbx_struct_oper_list.matrix[2][2]         1.0000000000 
_pdbx_struct_oper_list.matrix[2][3]         0.0000000000 
_pdbx_struct_oper_list.vector[2]            0.0000000000 
_pdbx_struct_oper_list.matrix[3][1]         0.0000000000 
_pdbx_struct_oper_list.matrix[3][2]         0.0000000000 
_pdbx_struct_oper_list.matrix[3][3]         1.0000000000 
_pdbx_struct_oper_list.vector[3]            0.0000000000 
# 
loop_
_struct_conn.id 
_struct_conn.conn_type_id 
_struct_conn.pdbx_leaving_atom_flag 
_struct_conn.pdbx_PDB_id 
_struct_conn.ptnr1_label_asym_id 
_struct_conn.ptnr1_label_comp_id 
_struct_conn.ptnr1_label_seq_id 
_struct_conn.ptnr1_label_atom_id 
_struct_conn.pdbx_ptnr1_label_alt_id 
_struct_conn.pdbx_ptnr1_PDB_ins_code 
_struct_conn.pdbx_ptnr1_standard_comp_id 
_struct_conn.ptnr1_symmetry 
_struct_conn.ptnr2_label_asym_id 
_struct_conn.ptnr2_label_comp_id 
_struct_conn.ptnr2_label_seq_id 
_struct_conn.ptnr2_label_atom_id 
_struct_conn.pdbx_ptnr2_label_alt_id 
_struct_conn.pdbx_ptnr2_PDB_ins_code 
_struct_conn.ptnr1_auth_asym_id 
_struct_conn.ptnr1_auth_comp_id 
_struct_conn.ptnr1_auth_seq_id 
_struct_conn.ptnr2_auth_asym_id 
_struct_conn.ptnr2_auth_comp_id 
_struct_conn.ptnr2_auth_seq_id 
_struct_conn.ptnr2_symmetry 
_struct_conn.pdbx_ptnr3_label_atom_id 
_struct_conn.pdbx_ptnr3_label_seq_id 
_struct_conn.pdbx_ptnr3_label_comp_id 
_struct_conn.pdbx_ptnr3_label_asym_id 
_struct_conn.pdbx_ptnr3_label_alt_id 
_struct_conn.pdbx_ptnr3_PDB_ins_code 
_struct_conn.details 
_struct_conn.pdbx_dist_value 
_struct_conn.pdbx_value_order 
_struct_conn.pdbx_role 
disulf1 disulf ?   ? B CYS 2  SG ? ? ? 1_555 B CYS 7  SG ? ? B CYS 2  B CYS 7  1_555 ? ? ? ? ? ? ? 2.029 ? ? 
disulf2 disulf ?   ? D CYS 2  SG ? ? ? 1_555 D CYS 7  SG ? ? D CYS 2  D CYS 7  1_555 ? ? ? ? ? ? ? 2.031 ? ? 
disulf3 disulf ?   ? F CYS 2  SG ? ? ? 1_555 F CYS 7  SG ? ? F CYS 2  F CYS 7  1_555 ? ? ? ? ? ? ? 2.031 ? ? 
disulf4 disulf ?   ? H CYS 2  SG ? ? ? 1_555 H CYS 7  SG ? ? H CYS 2  H CYS 7  1_555 ? ? ? ? ? ? ? 2.025 ? ? 
covale1 covale one ? A THR 36 C  ? ? ? 1_555 A TYC 37 N  ? ? A THR 36 A TYC 37 1_555 ? ? ? ? ? ? ? 1.372 ? ? 
covale2 covale one ? B THR 36 C  ? ? ? 1_555 B TYC 37 N  ? ? B THR 36 B TYC 37 1_555 ? ? ? ? ? ? ? 1.262 ? ? 
covale3 covale one ? C THR 36 C  ? ? ? 1_555 C TYC 37 N  ? ? C THR 36 C TYC 37 1_555 ? ? ? ? ? ? ? 1.372 ? ? 
covale4 covale one ? D THR 36 C  ? ? ? 1_555 D TYC 37 N  ? ? D THR 36 D TYC 37 1_555 ? ? ? ? ? ? ? 1.261 ? ? 
covale5 covale one ? E THR 36 C  ? ? ? 1_555 E TYC 37 N  ? ? E THR 36 E TYC 37 1_555 ? ? ? ? ? ? ? 1.372 ? ? 
covale6 covale one ? F THR 36 C  ? ? ? 1_555 F TYC 37 N  ? ? F THR 36 F TYC 37 1_555 ? ? ? ? ? ? ? 1.263 ? ? 
covale7 covale one ? G THR 36 C  ? ? ? 1_555 G TYC 37 N  ? ? G THR 36 G TYC 37 1_555 ? ? ? ? ? ? ? 1.372 ? ? 
covale8 covale one ? H THR 36 C  ? ? ? 1_555 H TYC 37 N  ? ? H THR 36 H TYC 37 1_555 ? ? ? ? ? ? ? 1.263 ? ? 
# 
loop_
_struct_conn_type.id 
_struct_conn_type.criteria 
_struct_conn_type.reference 
disulf ? ? 
covale ? ? 
# 
loop_
_struct_sheet.id 
_struct_sheet.type 
_struct_sheet.number_strands 
_struct_sheet.details 
AA1 ? 4 ? 
AA2 ? 4 ? 
AA3 ? 4 ? 
AA4 ? 4 ? 
AA5 ? 4 ? 
AA6 ? 4 ? 
# 
loop_
_struct_sheet_order.sheet_id 
_struct_sheet_order.range_id_1 
_struct_sheet_order.range_id_2 
_struct_sheet_order.offset 
_struct_sheet_order.sense 
AA1 1 2 ? parallel 
AA1 2 3 ? parallel 
AA1 3 4 ? parallel 
AA2 1 2 ? parallel 
AA2 2 3 ? parallel 
AA2 3 4 ? parallel 
AA3 1 2 ? parallel 
AA3 2 3 ? parallel 
AA3 3 4 ? parallel 
AA4 1 2 ? parallel 
AA4 2 3 ? parallel 
AA4 3 4 ? parallel 
AA5 1 2 ? parallel 
AA5 2 3 ? parallel 
AA5 3 4 ? parallel 
AA6 1 2 ? parallel 
AA6 2 3 ? parallel 
AA6 3 4 ? parallel 
# 
loop_
_struct_sheet_range.sheet_id 
_struct_sheet_range.id 
_struct_sheet_range.beg_label_comp_id 
_struct_sheet_range.beg_label_asym_id 
_struct_sheet_range.beg_label_seq_id 
_struct_sheet_range.pdbx_beg_PDB_ins_code 
_struct_sheet_range.end_label_comp_id 
_struct_sheet_range.end_label_asym_id 
_struct_sheet_range.end_label_seq_id 
_struct_sheet_range.pdbx_end_PDB_ins_code 
_struct_sheet_range.beg_auth_comp_id 
_struct_sheet_range.beg_auth_asym_id 
_struct_sheet_range.beg_auth_seq_id 
_struct_sheet_range.end_auth_comp_id 
_struct_sheet_range.end_auth_asym_id 
_struct_sheet_range.end_auth_seq_id 
AA1 1 ALA A 13 ? ASN A 22 ? ALA A 13 ASN A 22 
AA1 2 ALA C 13 ? ASN C 22 ? ALA C 13 ASN C 22 
AA1 3 ALA E 13 ? ASN E 22 ? ALA E 13 ASN E 22 
AA1 4 ALA G 13 ? ASN G 22 ? ALA G 13 ASN G 22 
AA2 1 ILE A 26 ? VAL A 32 ? ILE A 26 VAL A 32 
AA2 2 ILE C 26 ? VAL C 32 ? ILE C 26 VAL C 32 
AA2 3 ILE E 26 ? VAL E 32 ? ILE E 26 VAL E 32 
AA2 4 ILE G 26 ? VAL G 32 ? ILE G 26 VAL G 32 
AA3 1 ASN A 35 ? THR A 36 ? ASN A 35 THR A 36 
AA3 2 ASN C 35 ? THR C 36 ? ASN C 35 THR C 36 
AA3 3 ASN E 35 ? THR E 36 ? ASN E 35 THR E 36 
AA3 4 ASN G 35 ? THR G 36 ? ASN G 35 THR G 36 
AA4 1 THR B 6  ? ASN B 22 ? THR B 6  ASN B 22 
AA4 2 THR D 6  ? ASN D 22 ? THR D 6  ASN D 22 
AA4 3 THR F 6  ? ASN F 22 ? THR F 6  ASN F 22 
AA4 4 THR H 6  ? ASN H 22 ? THR H 6  ASN H 22 
AA5 1 ALA B 25 ? VAL B 32 ? ALA B 25 VAL B 32 
AA5 2 ALA D 25 ? VAL D 32 ? ALA D 25 VAL D 32 
AA5 3 ALA F 25 ? VAL F 32 ? ALA F 25 VAL F 32 
AA5 4 ALA H 25 ? VAL H 32 ? ALA H 25 VAL H 32 
AA6 1 ASN B 35 ? THR B 36 ? ASN B 35 THR B 36 
AA6 2 ASN D 35 ? THR D 36 ? ASN D 35 THR D 36 
AA6 3 ASN F 35 ? THR F 36 ? ASN F 35 THR F 36 
AA6 4 ASN H 35 ? THR H 36 ? ASN H 35 THR H 36 
# 
loop_
_pdbx_struct_sheet_hbond.sheet_id 
_pdbx_struct_sheet_hbond.range_id_1 
_pdbx_struct_sheet_hbond.range_id_2 
_pdbx_struct_sheet_hbond.range_1_label_atom_id 
_pdbx_struct_sheet_hbond.range_1_label_comp_id 
_pdbx_struct_sheet_hbond.range_1_label_asym_id 
_pdbx_struct_sheet_hbond.range_1_label_seq_id 
_pdbx_struct_sheet_hbond.range_1_PDB_ins_code 
_pdbx_struct_sheet_hbond.range_1_auth_atom_id 
_pdbx_struct_sheet_hbond.range_1_auth_comp_id 
_pdbx_struct_sheet_hbond.range_1_auth_asym_id 
_pdbx_struct_sheet_hbond.range_1_auth_seq_id 
_pdbx_struct_sheet_hbond.range_2_label_atom_id 
_pdbx_struct_sheet_hbond.range_2_label_comp_id 
_pdbx_struct_sheet_hbond.range_2_label_asym_id 
_pdbx_struct_sheet_hbond.range_2_label_seq_id 
_pdbx_struct_sheet_hbond.range_2_PDB_ins_code 
_pdbx_struct_sheet_hbond.range_2_auth_atom_id 
_pdbx_struct_sheet_hbond.range_2_auth_comp_id 
_pdbx_struct_sheet_hbond.range_2_auth_asym_id 
_pdbx_struct_sheet_hbond.range_2_auth_seq_id 
AA1 1 2 N HIS A 18 ? N HIS A 18 O VAL C 17 ? O VAL C 17 
AA1 2 3 N HIS C 18 ? N HIS C 18 O VAL E 17 ? O VAL E 17 
AA1 3 4 N HIS E 18 ? N HIS E 18 O VAL G 17 ? O VAL G 17 
AA2 1 2 N VAL A 32 ? N VAL A 32 O ASN C 31 ? O ASN C 31 
AA2 2 3 N VAL C 32 ? N VAL C 32 O ASN E 31 ? O ASN E 31 
AA2 3 4 N VAL E 32 ? N VAL E 32 O ASN G 31 ? O ASN G 31 
AA3 1 2 N ASN A 35 ? N ASN A 35 O THR C 36 ? O THR C 36 
AA3 2 3 N ASN C 35 ? N ASN C 35 O THR E 36 ? O THR E 36 
AA3 3 4 N ASN E 35 ? N ASN E 35 O THR G 36 ? O THR G 36 
AA4 1 2 N ASN B 14 ? N ASN B 14 O PHE D 15 ? O PHE D 15 
AA4 2 3 N LEU D 16 ? N LEU D 16 O PHE F 15 ? O PHE F 15 
AA4 3 4 N ASN F 14 ? N ASN F 14 O PHE H 15 ? O PHE H 15 
AA5 1 2 N THR B 30 ? N THR B 30 O ASN D 31 ? O ASN D 31 
AA5 2 3 N THR D 30 ? N THR D 30 O ASN F 31 ? O ASN F 31 
AA5 3 4 N THR F 30 ? N THR F 30 O ASN H 31 ? O ASN H 31 
AA6 1 2 N ASN B 35 ? N ASN B 35 O THR D 36 ? O THR D 36 
AA6 2 3 N ASN D 35 ? N ASN D 35 O THR F 36 ? O THR F 36 
AA6 3 4 N ASN F 35 ? N ASN F 35 O THR H 36 ? O THR H 36 
# 
loop_
_pdbx_struct_mod_residue.id 
_pdbx_struct_mod_residue.label_asym_id 
_pdbx_struct_mod_residue.label_comp_id 
_pdbx_struct_mod_residue.label_seq_id 
_pdbx_struct_mod_residue.auth_asym_id 
_pdbx_struct_mod_residue.auth_comp_id 
_pdbx_struct_mod_residue.auth_seq_id 
_pdbx_struct_mod_residue.PDB_ins_code 
_pdbx_struct_mod_residue.parent_comp_id 
_pdbx_struct_mod_residue.details 
1 A TYC 37 A TYC 37 ? TYR 'modified residue' 
2 B TYC 37 B TYC 37 ? TYR 'modified residue' 
3 C TYC 37 C TYC 37 ? TYR 'modified residue' 
4 D TYC 37 D TYC 37 ? TYR 'modified residue' 
5 E TYC 37 E TYC 37 ? TYR 'modified residue' 
6 F TYC 37 F TYC 37 ? TYR 'modified residue' 
7 G TYC 37 G TYC 37 ? TYR 'modified residue' 
8 H TYC 37 H TYC 37 ? TYR 'modified residue' 
# 
_pdbx_entry_details.entry_id                 7YKW 
_pdbx_entry_details.nonpolymer_details       ? 
_pdbx_entry_details.sequence_details         ? 
_pdbx_entry_details.compound_details         ? 
_pdbx_entry_details.source_details           ? 
_pdbx_entry_details.has_ligand_of_interest   N 
# 
_em_3d_fitting.id                1 
_em_3d_fitting.entry_id          7YKW 
_em_3d_fitting.method            ? 
_em_3d_fitting.target_criteria   ? 
_em_3d_fitting.details           ? 
_em_3d_fitting.overall_b_value   ? 
_em_3d_fitting.ref_space         ? 
_em_3d_fitting.ref_protocol      ? 
# 
_em_3d_reconstruction.entry_id                    7YKW 
_em_3d_reconstruction.id                          1 
_em_3d_reconstruction.method                      ? 
_em_3d_reconstruction.algorithm                   ? 
_em_3d_reconstruction.citation_id                 ? 
_em_3d_reconstruction.details                     ? 
_em_3d_reconstruction.resolution                  3.6 
_em_3d_reconstruction.resolution_method           'FSC 0.143 CUT-OFF' 
_em_3d_reconstruction.magnification_calibration   ? 
_em_3d_reconstruction.nominal_pixel_size          ? 
_em_3d_reconstruction.actual_pixel_size           ? 
_em_3d_reconstruction.num_particles               58039 
_em_3d_reconstruction.euler_angles_details        ? 
_em_3d_reconstruction.num_class_averages          ? 
_em_3d_reconstruction.refinement_type             ? 
_em_3d_reconstruction.image_processing_id         1 
_em_3d_reconstruction.symmetry_type               HELICAL 
# 
_em_buffer.id            1 
_em_buffer.specimen_id   1 
_em_buffer.name          ? 
_em_buffer.details       ? 
_em_buffer.pH            7.0 
# 
_em_entity_assembly.id                   1 
_em_entity_assembly.parent_id            0 
_em_entity_assembly.source               'MULTIPLE SOURCES' 
_em_entity_assembly.type                 COMPLEX 
_em_entity_assembly.name                 'Islet amyloid polypeptide' 
_em_entity_assembly.details              ? 
_em_entity_assembly.synonym              ? 
_em_entity_assembly.oligomeric_details   ? 
_em_entity_assembly.entity_id_list       1 
# 
_em_imaging.entry_id                        7YKW 
_em_imaging.id                              1 
_em_imaging.astigmatism                     ? 
_em_imaging.electron_beam_tilt_params       ? 
_em_imaging.residual_tilt                   ? 
_em_imaging.microscope_model                'FEI TITAN KRIOS' 
_em_imaging.specimen_holder_type            ? 
_em_imaging.specimen_holder_model           ? 
_em_imaging.details                         ? 
_em_imaging.date                            ? 
_em_imaging.accelerating_voltage            300 
_em_imaging.illumination_mode               'FLOOD BEAM' 
_em_imaging.mode                            'BRIGHT FIELD' 
_em_imaging.nominal_cs                      2.8 
_em_imaging.nominal_defocus_min             1000 
_em_imaging.nominal_defocus_max             1500 
_em_imaging.calibrated_defocus_min          ? 
_em_imaging.calibrated_defocus_max          ? 
_em_imaging.tilt_angle_min                  ? 
_em_imaging.tilt_angle_max                  ? 
_em_imaging.nominal_magnification           ? 
_em_imaging.calibrated_magnification        ? 
_em_imaging.electron_source                 'FIELD EMISSION GUN' 
_em_imaging.citation_id                     ? 
_em_imaging.temperature                     ? 
_em_imaging.detector_distance               ? 
_em_imaging.recording_temperature_minimum   ? 
_em_imaging.recording_temperature_maximum   ? 
_em_imaging.alignment_procedure             ? 
_em_imaging.c2_aperture_diameter            ? 
_em_imaging.specimen_id                     1 
_em_imaging.cryogen                         ? 
# 
_em_vitrification.entry_id              7YKW 
_em_vitrification.id                    1 
_em_vitrification.specimen_id           1 
_em_vitrification.cryogen_name          ETHANE 
_em_vitrification.humidity              ? 
_em_vitrification.temp                  ? 
_em_vitrification.chamber_temperature   ? 
_em_vitrification.instrument            ? 
_em_vitrification.method                ? 
_em_vitrification.time_resolved_state   ? 
_em_vitrification.citation_id           ? 
_em_vitrification.details               ? 
# 
_em_experiment.entry_id                7YKW 
_em_experiment.id                      1 
_em_experiment.reconstruction_method   HELICAL 
_em_experiment.aggregation_state       'HELICAL ARRAY' 
_em_experiment.entity_assembly_id      1 
# 
loop_
_pdbx_unobs_or_zero_occ_residues.id 
_pdbx_unobs_or_zero_occ_residues.PDB_model_num 
_pdbx_unobs_or_zero_occ_residues.polymer_flag 
_pdbx_unobs_or_zero_occ_residues.occupancy_flag 
_pdbx_unobs_or_zero_occ_residues.auth_asym_id 
_pdbx_unobs_or_zero_occ_residues.auth_comp_id 
_pdbx_unobs_or_zero_occ_residues.auth_seq_id 
_pdbx_unobs_or_zero_occ_residues.PDB_ins_code 
_pdbx_unobs_or_zero_occ_residues.label_asym_id 
_pdbx_unobs_or_zero_occ_residues.label_comp_id 
_pdbx_unobs_or_zero_occ_residues.label_seq_id 
1  1 Y 1 A LYS 1  ? A LYS 1  
2  1 Y 1 A CYS 2  ? A CYS 2  
3  1 Y 1 A ASN 3  ? A ASN 3  
4  1 Y 1 A THR 4  ? A THR 4  
5  1 Y 1 A ALA 5  ? A ALA 5  
6  1 Y 1 A THR 6  ? A THR 6  
7  1 Y 1 A CYS 7  ? A CYS 7  
8  1 Y 1 A ALA 8  ? A ALA 8  
9  1 Y 1 A THR 9  ? A THR 9  
10 1 Y 1 A GLN 10 ? A GLN 10 
11 1 Y 1 C LYS 1  ? C LYS 1  
12 1 Y 1 C CYS 2  ? C CYS 2  
13 1 Y 1 C ASN 3  ? C ASN 3  
14 1 Y 1 C THR 4  ? C THR 4  
15 1 Y 1 C ALA 5  ? C ALA 5  
16 1 Y 1 C THR 6  ? C THR 6  
17 1 Y 1 C CYS 7  ? C CYS 7  
18 1 Y 1 C ALA 8  ? C ALA 8  
19 1 Y 1 C THR 9  ? C THR 9  
20 1 Y 1 C GLN 10 ? C GLN 10 
21 1 Y 1 E LYS 1  ? E LYS 1  
22 1 Y 1 E CYS 2  ? E CYS 2  
23 1 Y 1 E ASN 3  ? E ASN 3  
24 1 Y 1 E THR 4  ? E THR 4  
25 1 Y 1 E ALA 5  ? E ALA 5  
26 1 Y 1 E THR 6  ? E THR 6  
27 1 Y 1 E CYS 7  ? E CYS 7  
28 1 Y 1 E ALA 8  ? E ALA 8  
29 1 Y 1 E THR 9  ? E THR 9  
30 1 Y 1 E GLN 10 ? E GLN 10 
31 1 Y 1 G LYS 1  ? G LYS 1  
32 1 Y 1 G CYS 2  ? G CYS 2  
33 1 Y 1 G ASN 3  ? G ASN 3  
34 1 Y 1 G THR 4  ? G THR 4  
35 1 Y 1 G ALA 5  ? G ALA 5  
36 1 Y 1 G THR 6  ? G THR 6  
37 1 Y 1 G CYS 7  ? G CYS 7  
38 1 Y 1 G ALA 8  ? G ALA 8  
39 1 Y 1 G THR 9  ? G THR 9  
40 1 Y 1 G GLN 10 ? G GLN 10 
# 
loop_
_chem_comp_atom.comp_id 
_chem_comp_atom.atom_id 
_chem_comp_atom.type_symbol 
_chem_comp_atom.pdbx_aromatic_flag 
_chem_comp_atom.pdbx_stereo_config 
_chem_comp_atom.pdbx_ordinal 
ALA N    N N N 1   
ALA CA   C N S 2   
ALA C    C N N 3   
ALA O    O N N 4   
ALA CB   C N N 5   
ALA OXT  O N N 6   
ALA H    H N N 7   
ALA H2   H N N 8   
ALA HA   H N N 9   
ALA HB1  H N N 10  
ALA HB2  H N N 11  
ALA HB3  H N N 12  
ALA HXT  H N N 13  
ARG N    N N N 14  
ARG CA   C N S 15  
ARG C    C N N 16  
ARG O    O N N 17  
ARG CB   C N N 18  
ARG CG   C N N 19  
ARG CD   C N N 20  
ARG NE   N N N 21  
ARG CZ   C N N 22  
ARG NH1  N N N 23  
ARG NH2  N N N 24  
ARG OXT  O N N 25  
ARG H    H N N 26  
ARG H2   H N N 27  
ARG HA   H N N 28  
ARG HB2  H N N 29  
ARG HB3  H N N 30  
ARG HG2  H N N 31  
ARG HG3  H N N 32  
ARG HD2  H N N 33  
ARG HD3  H N N 34  
ARG HE   H N N 35  
ARG HH11 H N N 36  
ARG HH12 H N N 37  
ARG HH21 H N N 38  
ARG HH22 H N N 39  
ARG HXT  H N N 40  
ASN N    N N N 41  
ASN CA   C N S 42  
ASN C    C N N 43  
ASN O    O N N 44  
ASN CB   C N N 45  
ASN CG   C N N 46  
ASN OD1  O N N 47  
ASN ND2  N N N 48  
ASN OXT  O N N 49  
ASN H    H N N 50  
ASN H2   H N N 51  
ASN HA   H N N 52  
ASN HB2  H N N 53  
ASN HB3  H N N 54  
ASN HD21 H N N 55  
ASN HD22 H N N 56  
ASN HXT  H N N 57  
CYS N    N N N 58  
CYS CA   C N R 59  
CYS C    C N N 60  
CYS O    O N N 61  
CYS CB   C N N 62  
CYS SG   S N N 63  
CYS OXT  O N N 64  
CYS H    H N N 65  
CYS H2   H N N 66  
CYS HA   H N N 67  
CYS HB2  H N N 68  
CYS HB3  H N N 69  
CYS HG   H N N 70  
CYS HXT  H N N 71  
GLN N    N N N 72  
GLN CA   C N S 73  
GLN C    C N N 74  
GLN O    O N N 75  
GLN CB   C N N 76  
GLN CG   C N N 77  
GLN CD   C N N 78  
GLN OE1  O N N 79  
GLN NE2  N N N 80  
GLN OXT  O N N 81  
GLN H    H N N 82  
GLN H2   H N N 83  
GLN HA   H N N 84  
GLN HB2  H N N 85  
GLN HB3  H N N 86  
GLN HG2  H N N 87  
GLN HG3  H N N 88  
GLN HE21 H N N 89  
GLN HE22 H N N 90  
GLN HXT  H N N 91  
GLY N    N N N 92  
GLY CA   C N N 93  
GLY C    C N N 94  
GLY O    O N N 95  
GLY OXT  O N N 96  
GLY H    H N N 97  
GLY H2   H N N 98  
GLY HA2  H N N 99  
GLY HA3  H N N 100 
GLY HXT  H N N 101 
HIS N    N N N 102 
HIS CA   C N S 103 
HIS C    C N N 104 
HIS O    O N N 105 
HIS CB   C N N 106 
HIS CG   C Y N 107 
HIS ND1  N Y N 108 
HIS CD2  C Y N 109 
HIS CE1  C Y N 110 
HIS NE2  N Y N 111 
HIS OXT  O N N 112 
HIS H    H N N 113 
HIS H2   H N N 114 
HIS HA   H N N 115 
HIS HB2  H N N 116 
HIS HB3  H N N 117 
HIS HD1  H N N 118 
HIS HD2  H N N 119 
HIS HE1  H N N 120 
HIS HE2  H N N 121 
HIS HXT  H N N 122 
ILE N    N N N 123 
ILE CA   C N S 124 
ILE C    C N N 125 
ILE O    O N N 126 
ILE CB   C N S 127 
ILE CG1  C N N 128 
ILE CG2  C N N 129 
ILE CD1  C N N 130 
ILE OXT  O N N 131 
ILE H    H N N 132 
ILE H2   H N N 133 
ILE HA   H N N 134 
ILE HB   H N N 135 
ILE HG12 H N N 136 
ILE HG13 H N N 137 
ILE HG21 H N N 138 
ILE HG22 H N N 139 
ILE HG23 H N N 140 
ILE HD11 H N N 141 
ILE HD12 H N N 142 
ILE HD13 H N N 143 
ILE HXT  H N N 144 
LEU N    N N N 145 
LEU CA   C N S 146 
LEU C    C N N 147 
LEU O    O N N 148 
LEU CB   C N N 149 
LEU CG   C N N 150 
LEU CD1  C N N 151 
LEU CD2  C N N 152 
LEU OXT  O N N 153 
LEU H    H N N 154 
LEU H2   H N N 155 
LEU HA   H N N 156 
LEU HB2  H N N 157 
LEU HB3  H N N 158 
LEU HG   H N N 159 
LEU HD11 H N N 160 
LEU HD12 H N N 161 
LEU HD13 H N N 162 
LEU HD21 H N N 163 
LEU HD22 H N N 164 
LEU HD23 H N N 165 
LEU HXT  H N N 166 
LYS N    N N N 167 
LYS CA   C N S 168 
LYS C    C N N 169 
LYS O    O N N 170 
LYS CB   C N N 171 
LYS CG   C N N 172 
LYS CD   C N N 173 
LYS CE   C N N 174 
LYS NZ   N N N 175 
LYS OXT  O N N 176 
LYS H    H N N 177 
LYS H2   H N N 178 
LYS HA   H N N 179 
LYS HB2  H N N 180 
LYS HB3  H N N 181 
LYS HG2  H N N 182 
LYS HG3  H N N 183 
LYS HD2  H N N 184 
LYS HD3  H N N 185 
LYS HE2  H N N 186 
LYS HE3  H N N 187 
LYS HZ1  H N N 188 
LYS HZ2  H N N 189 
LYS HZ3  H N N 190 
LYS HXT  H N N 191 
PHE N    N N N 192 
PHE CA   C N S 193 
PHE C    C N N 194 
PHE O    O N N 195 
PHE CB   C N N 196 
PHE CG   C Y N 197 
PHE CD1  C Y N 198 
PHE CD2  C Y N 199 
PHE CE1  C Y N 200 
PHE CE2  C Y N 201 
PHE CZ   C Y N 202 
PHE OXT  O N N 203 
PHE H    H N N 204 
PHE H2   H N N 205 
PHE HA   H N N 206 
PHE HB2  H N N 207 
PHE HB3  H N N 208 
PHE HD1  H N N 209 
PHE HD2  H N N 210 
PHE HE1  H N N 211 
PHE HE2  H N N 212 
PHE HZ   H N N 213 
PHE HXT  H N N 214 
SER N    N N N 215 
SER CA   C N S 216 
SER C    C N N 217 
SER O    O N N 218 
SER CB   C N N 219 
SER OG   O N N 220 
SER OXT  O N N 221 
SER H    H N N 222 
SER H2   H N N 223 
SER HA   H N N 224 
SER HB2  H N N 225 
SER HB3  H N N 226 
SER HG   H N N 227 
SER HXT  H N N 228 
THR N    N N N 229 
THR CA   C N S 230 
THR C    C N N 231 
THR O    O N N 232 
THR CB   C N R 233 
THR OG1  O N N 234 
THR CG2  C N N 235 
THR OXT  O N N 236 
THR H    H N N 237 
THR H2   H N N 238 
THR HA   H N N 239 
THR HB   H N N 240 
THR HG1  H N N 241 
THR HG21 H N N 242 
THR HG22 H N N 243 
THR HG23 H N N 244 
THR HXT  H N N 245 
TYC N    N N N 246 
TYC CA   C N S 247 
TYC C    C N N 248 
TYC O    O N N 249 
TYC CB   C N N 250 
TYC CG   C Y N 251 
TYC CD1  C Y N 252 
TYC CD2  C Y N 253 
TYC CE1  C Y N 254 
TYC CE2  C Y N 255 
TYC OH   O N N 256 
TYC CZ   C Y N 257 
TYC NXT  N N N 258 
TYC H0   H N N 259 
TYC H    H N N 260 
TYC HA   H N N 261 
TYC HB1  H N N 262 
TYC HB2  H N N 263 
TYC HD1  H N N 264 
TYC HD2  H N N 265 
TYC HE1  H N N 266 
TYC HE2  H N N 267 
TYC HH   H N N 268 
TYC HT21 H N N 269 
TYC HT22 H N N 270 
VAL N    N N N 271 
VAL CA   C N S 272 
VAL C    C N N 273 
VAL O    O N N 274 
VAL CB   C N N 275 
VAL CG1  C N N 276 
VAL CG2  C N N 277 
VAL OXT  O N N 278 
VAL H    H N N 279 
VAL H2   H N N 280 
VAL HA   H N N 281 
VAL HB   H N N 282 
VAL HG11 H N N 283 
VAL HG12 H N N 284 
VAL HG13 H N N 285 
VAL HG21 H N N 286 
VAL HG22 H N N 287 
VAL HG23 H N N 288 
VAL HXT  H N N 289 
# 
loop_
_chem_comp_bond.comp_id 
_chem_comp_bond.atom_id_1 
_chem_comp_bond.atom_id_2 
_chem_comp_bond.value_order 
_chem_comp_bond.pdbx_aromatic_flag 
_chem_comp_bond.pdbx_stereo_config 
_chem_comp_bond.pdbx_ordinal 
ALA N   CA   sing N N 1   
ALA N   H    sing N N 2   
ALA N   H2   sing N N 3   
ALA CA  C    sing N N 4   
ALA CA  CB   sing N N 5   
ALA CA  HA   sing N N 6   
ALA C   O    doub N N 7   
ALA C   OXT  sing N N 8   
ALA CB  HB1  sing N N 9   
ALA CB  HB2  sing N N 10  
ALA CB  HB3  sing N N 11  
ALA OXT HXT  sing N N 12  
ARG N   CA   sing N N 13  
ARG N   H    sing N N 14  
ARG N   H2   sing N N 15  
ARG CA  C    sing N N 16  
ARG CA  CB   sing N N 17  
ARG CA  HA   sing N N 18  
ARG C   O    doub N N 19  
ARG C   OXT  sing N N 20  
ARG CB  CG   sing N N 21  
ARG CB  HB2  sing N N 22  
ARG CB  HB3  sing N N 23  
ARG CG  CD   sing N N 24  
ARG CG  HG2  sing N N 25  
ARG CG  HG3  sing N N 26  
ARG CD  NE   sing N N 27  
ARG CD  HD2  sing N N 28  
ARG CD  HD3  sing N N 29  
ARG NE  CZ   sing N N 30  
ARG NE  HE   sing N N 31  
ARG CZ  NH1  sing N N 32  
ARG CZ  NH2  doub N N 33  
ARG NH1 HH11 sing N N 34  
ARG NH1 HH12 sing N N 35  
ARG NH2 HH21 sing N N 36  
ARG NH2 HH22 sing N N 37  
ARG OXT HXT  sing N N 38  
ASN N   CA   sing N N 39  
ASN N   H    sing N N 40  
ASN N   H2   sing N N 41  
ASN CA  C    sing N N 42  
ASN CA  CB   sing N N 43  
ASN CA  HA   sing N N 44  
ASN C   O    doub N N 45  
ASN C   OXT  sing N N 46  
ASN CB  CG   sing N N 47  
ASN CB  HB2  sing N N 48  
ASN CB  HB3  sing N N 49  
ASN CG  OD1  doub N N 50  
ASN CG  ND2  sing N N 51  
ASN ND2 HD21 sing N N 52  
ASN ND2 HD22 sing N N 53  
ASN OXT HXT  sing N N 54  
CYS N   CA   sing N N 55  
CYS N   H    sing N N 56  
CYS N   H2   sing N N 57  
CYS CA  C    sing N N 58  
CYS CA  CB   sing N N 59  
CYS CA  HA   sing N N 60  
CYS C   O    doub N N 61  
CYS C   OXT  sing N N 62  
CYS CB  SG   sing N N 63  
CYS CB  HB2  sing N N 64  
CYS CB  HB3  sing N N 65  
CYS SG  HG   sing N N 66  
CYS OXT HXT  sing N N 67  
GLN N   CA   sing N N 68  
GLN N   H    sing N N 69  
GLN N   H2   sing N N 70  
GLN CA  C    sing N N 71  
GLN CA  CB   sing N N 72  
GLN CA  HA   sing N N 73  
GLN C   O    doub N N 74  
GLN C   OXT  sing N N 75  
GLN CB  CG   sing N N 76  
GLN CB  HB2  sing N N 77  
GLN CB  HB3  sing N N 78  
GLN CG  CD   sing N N 79  
GLN CG  HG2  sing N N 80  
GLN CG  HG3  sing N N 81  
GLN CD  OE1  doub N N 82  
GLN CD  NE2  sing N N 83  
GLN NE2 HE21 sing N N 84  
GLN NE2 HE22 sing N N 85  
GLN OXT HXT  sing N N 86  
GLY N   CA   sing N N 87  
GLY N   H    sing N N 88  
GLY N   H2   sing N N 89  
GLY CA  C    sing N N 90  
GLY CA  HA2  sing N N 91  
GLY CA  HA3  sing N N 92  
GLY C   O    doub N N 93  
GLY C   OXT  sing N N 94  
GLY OXT HXT  sing N N 95  
HIS N   CA   sing N N 96  
HIS N   H    sing N N 97  
HIS N   H2   sing N N 98  
HIS CA  C    sing N N 99  
HIS CA  CB   sing N N 100 
HIS CA  HA   sing N N 101 
HIS C   O    doub N N 102 
HIS C   OXT  sing N N 103 
HIS CB  CG   sing N N 104 
HIS CB  HB2  sing N N 105 
HIS CB  HB3  sing N N 106 
HIS CG  ND1  sing Y N 107 
HIS CG  CD2  doub Y N 108 
HIS ND1 CE1  doub Y N 109 
HIS ND1 HD1  sing N N 110 
HIS CD2 NE2  sing Y N 111 
HIS CD2 HD2  sing N N 112 
HIS CE1 NE2  sing Y N 113 
HIS CE1 HE1  sing N N 114 
HIS NE2 HE2  sing N N 115 
HIS OXT HXT  sing N N 116 
ILE N   CA   sing N N 117 
ILE N   H    sing N N 118 
ILE N   H2   sing N N 119 
ILE CA  C    sing N N 120 
ILE CA  CB   sing N N 121 
ILE CA  HA   sing N N 122 
ILE C   O    doub N N 123 
ILE C   OXT  sing N N 124 
ILE CB  CG1  sing N N 125 
ILE CB  CG2  sing N N 126 
ILE CB  HB   sing N N 127 
ILE CG1 CD1  sing N N 128 
ILE CG1 HG12 sing N N 129 
ILE CG1 HG13 sing N N 130 
ILE CG2 HG21 sing N N 131 
ILE CG2 HG22 sing N N 132 
ILE CG2 HG23 sing N N 133 
ILE CD1 HD11 sing N N 134 
ILE CD1 HD12 sing N N 135 
ILE CD1 HD13 sing N N 136 
ILE OXT HXT  sing N N 137 
LEU N   CA   sing N N 138 
LEU N   H    sing N N 139 
LEU N   H2   sing N N 140 
LEU CA  C    sing N N 141 
LEU CA  CB   sing N N 142 
LEU CA  HA   sing N N 143 
LEU C   O    doub N N 144 
LEU C   OXT  sing N N 145 
LEU CB  CG   sing N N 146 
LEU CB  HB2  sing N N 147 
LEU CB  HB3  sing N N 148 
LEU CG  CD1  sing N N 149 
LEU CG  CD2  sing N N 150 
LEU CG  HG   sing N N 151 
LEU CD1 HD11 sing N N 152 
LEU CD1 HD12 sing N N 153 
LEU CD1 HD13 sing N N 154 
LEU CD2 HD21 sing N N 155 
LEU CD2 HD22 sing N N 156 
LEU CD2 HD23 sing N N 157 
LEU OXT HXT  sing N N 158 
LYS N   CA   sing N N 159 
LYS N   H    sing N N 160 
LYS N   H2   sing N N 161 
LYS CA  C    sing N N 162 
LYS CA  CB   sing N N 163 
LYS CA  HA   sing N N 164 
LYS C   O    doub N N 165 
LYS C   OXT  sing N N 166 
LYS CB  CG   sing N N 167 
LYS CB  HB2  sing N N 168 
LYS CB  HB3  sing N N 169 
LYS CG  CD   sing N N 170 
LYS CG  HG2  sing N N 171 
LYS CG  HG3  sing N N 172 
LYS CD  CE   sing N N 173 
LYS CD  HD2  sing N N 174 
LYS CD  HD3  sing N N 175 
LYS CE  NZ   sing N N 176 
LYS CE  HE2  sing N N 177 
LYS CE  HE3  sing N N 178 
LYS NZ  HZ1  sing N N 179 
LYS NZ  HZ2  sing N N 180 
LYS NZ  HZ3  sing N N 181 
LYS OXT HXT  sing N N 182 
PHE N   CA   sing N N 183 
PHE N   H    sing N N 184 
PHE N   H2   sing N N 185 
PHE CA  C    sing N N 186 
PHE CA  CB   sing N N 187 
PHE CA  HA   sing N N 188 
PHE C   O    doub N N 189 
PHE C   OXT  sing N N 190 
PHE CB  CG   sing N N 191 
PHE CB  HB2  sing N N 192 
PHE CB  HB3  sing N N 193 
PHE CG  CD1  doub Y N 194 
PHE CG  CD2  sing Y N 195 
PHE CD1 CE1  sing Y N 196 
PHE CD1 HD1  sing N N 197 
PHE CD2 CE2  doub Y N 198 
PHE CD2 HD2  sing N N 199 
PHE CE1 CZ   doub Y N 200 
PHE CE1 HE1  sing N N 201 
PHE CE2 CZ   sing Y N 202 
PHE CE2 HE2  sing N N 203 
PHE CZ  HZ   sing N N 204 
PHE OXT HXT  sing N N 205 
SER N   CA   sing N N 206 
SER N   H    sing N N 207 
SER N   H2   sing N N 208 
SER CA  C    sing N N 209 
SER CA  CB   sing N N 210 
SER CA  HA   sing N N 211 
SER C   O    doub N N 212 
SER C   OXT  sing N N 213 
SER CB  OG   sing N N 214 
SER CB  HB2  sing N N 215 
SER CB  HB3  sing N N 216 
SER OG  HG   sing N N 217 
SER OXT HXT  sing N N 218 
THR N   CA   sing N N 219 
THR N   H    sing N N 220 
THR N   H2   sing N N 221 
THR CA  C    sing N N 222 
THR CA  CB   sing N N 223 
THR CA  HA   sing N N 224 
THR C   O    doub N N 225 
THR C   OXT  sing N N 226 
THR CB  OG1  sing N N 227 
THR CB  CG2  sing N N 228 
THR CB  HB   sing N N 229 
THR OG1 HG1  sing N N 230 
THR CG2 HG21 sing N N 231 
THR CG2 HG22 sing N N 232 
THR CG2 HG23 sing N N 233 
THR OXT HXT  sing N N 234 
TYC N   CA   sing N N 235 
TYC N   H0   sing N N 236 
TYC N   H    sing N N 237 
TYC CA  C    sing N N 238 
TYC CA  CB   sing N N 239 
TYC CA  HA   sing N N 240 
TYC C   O    doub N N 241 
TYC C   NXT  sing N N 242 
TYC CB  CG   sing N N 243 
TYC CB  HB1  sing N N 244 
TYC CB  HB2  sing N N 245 
TYC CG  CD1  doub Y N 246 
TYC CG  CD2  sing Y N 247 
TYC CD1 CE1  sing Y N 248 
TYC CD1 HD1  sing N N 249 
TYC CD2 CE2  doub Y N 250 
TYC CD2 HD2  sing N N 251 
TYC CE1 CZ   doub Y N 252 
TYC CE1 HE1  sing N N 253 
TYC CE2 CZ   sing Y N 254 
TYC CE2 HE2  sing N N 255 
TYC OH  CZ   sing N N 256 
TYC OH  HH   sing N N 257 
TYC NXT HT21 sing N N 258 
TYC NXT HT22 sing N N 259 
VAL N   CA   sing N N 260 
VAL N   H    sing N N 261 
VAL N   H2   sing N N 262 
VAL CA  C    sing N N 263 
VAL CA  CB   sing N N 264 
VAL CA  HA   sing N N 265 
VAL C   O    doub N N 266 
VAL C   OXT  sing N N 267 
VAL CB  CG1  sing N N 268 
VAL CB  CG2  sing N N 269 
VAL CB  HB   sing N N 270 
VAL CG1 HG11 sing N N 271 
VAL CG1 HG12 sing N N 272 
VAL CG1 HG13 sing N N 273 
VAL CG2 HG21 sing N N 274 
VAL CG2 HG22 sing N N 275 
VAL CG2 HG23 sing N N 276 
VAL OXT HXT  sing N N 277 
# 
_em_ctf_correction.details                  ? 
_em_ctf_correction.em_image_processing_id   1 
_em_ctf_correction.id                       1 
_em_ctf_correction.type                     NONE 
# 
_em_entity_assembly_naturalsource.cell                 ? 
_em_entity_assembly_naturalsource.cellular_location    ? 
_em_entity_assembly_naturalsource.entity_assembly_id   1 
_em_entity_assembly_naturalsource.id                   2 
_em_entity_assembly_naturalsource.ncbi_tax_id          9606 
_em_entity_assembly_naturalsource.organism             'Homo sapiens' 
_em_entity_assembly_naturalsource.organelle            ? 
_em_entity_assembly_naturalsource.organ                ? 
_em_entity_assembly_naturalsource.strain               ? 
_em_entity_assembly_naturalsource.tissue               ? 
# 
_em_entity_assembly_synthetic.cell                 ? 
_em_entity_assembly_synthetic.cellular_location    ? 
_em_entity_assembly_synthetic.entity_assembly_id   1 
_em_entity_assembly_synthetic.id                   1 
_em_entity_assembly_synthetic.ncbi_tax_id          9606 
_em_entity_assembly_synthetic.organ                ? 
_em_entity_assembly_synthetic.organelle            ? 
_em_entity_assembly_synthetic.organism             'Homo sapiens' 
_em_entity_assembly_synthetic.strain               ? 
_em_entity_assembly_synthetic.tissue               ? 
# 
_em_helical_entity.id                             1 
_em_helical_entity.image_processing_id            1 
_em_helical_entity.details                        ? 
_em_helical_entity.axial_symmetry                 C1 
_em_helical_entity.angular_rotation_per_subunit   -1.22 
_em_helical_entity.axial_rise_per_subunit         4.75 
# 
_em_image_processing.details              ? 
_em_image_processing.id                   1 
_em_image_processing.image_recording_id   1 
# 
_em_image_recording.average_exposure_time               ? 
_em_image_recording.avg_electron_dose_per_subtomogram   ? 
_em_image_recording.avg_electron_dose_per_image         60 
_em_image_recording.details                             ? 
_em_image_recording.detector_mode                       SUPER-RESOLUTION 
_em_image_recording.film_or_detector_model              'GATAN K2 SUMMIT (4k x 4k)' 
_em_image_recording.id                                  1 
_em_image_recording.imaging_id                          1 
_em_image_recording.num_diffraction_images              ? 
_em_image_recording.num_grids_imaged                    ? 
_em_image_recording.num_real_images                     ? 
# 
loop_
_em_software.category 
_em_software.details 
_em_software.id 
_em_software.image_processing_id 
_em_software.fitting_id 
_em_software.imaging_id 
_em_software.name 
_em_software.version 
'PARTICLE SELECTION'            ? 1  1 ? ? ?      ?   
'IMAGE ACQUISITION'             ? 2  ? ? 1 ?      ?   
MASKING                         ? 3  ? ? ? ?      ?   
'CTF CORRECTION'                ? 4  1 ? ? ?      ?   
'LAYERLINE INDEXING'            ? 5  ? ? ? ?      ?   
'DIFFRACTION INDEXING'          ? 6  ? ? ? ?      ?   
'MODEL FITTING'                 ? 7  ? ? ? ?      ?   
'MODEL REFINEMENT'              ? 8  ? ? ? ?      ?   
OTHER                           ? 9  ? ? ? ?      ?   
'INITIAL EULER ASSIGNMENT'      ? 10 1 ? ? ?      ?   
'FINAL EULER ASSIGNMENT'        ? 11 1 ? ? ?      ?   
CLASSIFICATION                  ? 12 1 ? ? ?      ?   
RECONSTRUCTION                  ? 13 1 ? ? RELION 3.0 
'VOLUME SELECTION'              ? 14 1 1 1 ?      ?   
'SERIES ALIGNMENT'              ? 15 1 1 1 ?      ?   
'MOLECULAR REPLACEMENT'         ? 16 1 1 1 ?      ?   
'LATTICE DISTORTION CORRECTION' ? 17 1 1 1 ?      ?   
'SYMMETRY DETERMINATION'        ? 18 1 1 1 ?      ?   
'CRYSTALLOGRAPHY MERGING'       ? 19 1 1 1 ?      ?   
# 
_em_specimen.concentration           ? 
_em_specimen.details                 ? 
_em_specimen.embedding_applied       NO 
_em_specimen.experiment_id           1 
_em_specimen.id                      1 
_em_specimen.shadowing_applied       NO 
_em_specimen.staining_applied        NO 
_em_specimen.vitrification_applied   YES 
# 
loop_
_pdbx_audit_support.funding_organization 
_pdbx_audit_support.country 
_pdbx_audit_support.grant_number 
_pdbx_audit_support.ordinal 
'National Natural Science Foundation of China (NSFC)' China 2017YFA0504700 1 
'National Natural Science Foundation of China (NSFC)' China 2018YFE0203300 2 
'National Natural Science Foundation of China (NSFC)' China 2021YFA1300100 3 
# 
_atom_sites.entry_id                    7YKW 
_atom_sites.Cartn_transf_matrix[1][1]   ? 
_atom_sites.Cartn_transf_matrix[1][2]   ? 
_atom_sites.Cartn_transf_matrix[1][3]   ? 
_atom_sites.Cartn_transf_matrix[2][1]   ? 
_atom_sites.Cartn_transf_matrix[2][2]   ? 
_atom_sites.Cartn_transf_matrix[2][3]   ? 
_atom_sites.Cartn_transf_matrix[3][1]   ? 
_atom_sites.Cartn_transf_matrix[3][2]   ? 
_atom_sites.Cartn_transf_matrix[3][3]   ? 
_atom_sites.Cartn_transf_vector[1]      ? 
_atom_sites.Cartn_transf_vector[2]      ? 
_atom_sites.Cartn_transf_vector[3]      ? 
_atom_sites.fract_transf_matrix[1][1]   1.000000 
_atom_sites.fract_transf_matrix[1][2]   0.000000 
_atom_sites.fract_transf_matrix[1][3]   0.000000 
_atom_sites.fract_transf_matrix[2][1]   0.000000 
_atom_sites.fract_transf_matrix[2][2]   1.000000 
_atom_sites.fract_transf_matrix[2][3]   0.000000 
_atom_sites.fract_transf_matrix[3][1]   0.000000 
_atom_sites.fract_transf_matrix[3][2]   0.000000 
_atom_sites.fract_transf_matrix[3][3]   1.000000 
_atom_sites.fract_transf_vector[1]      0.00000 
_atom_sites.fract_transf_vector[2]      0.00000 
_atom_sites.fract_transf_vector[3]      0.00000 
_atom_sites.solution_primary            ? 
_atom_sites.solution_secondary          ? 
_atom_sites.solution_hydrogens          ? 
_atom_sites.special_details             ? 
# 
loop_
_atom_type.symbol 
C 
N 
O 
S 
# 
loop_
_atom_site.group_PDB 
_atom_site.id 
_atom_site.type_symbol 
_atom_site.label_atom_id 
_atom_site.label_alt_id 
_atom_site.label_comp_id 
_atom_site.label_asym_id 
_atom_site.label_entity_id 
_atom_site.label_seq_id 
_atom_site.pdbx_PDB_ins_code 
_atom_site.Cartn_x 
_atom_site.Cartn_y 
_atom_site.Cartn_z 
_atom_site.occupancy 
_atom_site.B_iso_or_equiv 
_atom_site.pdbx_formal_charge 
_atom_site.auth_seq_id 
_atom_site.auth_comp_id 
_atom_site.auth_asym_id 
_atom_site.auth_atom_id 
_atom_site.pdbx_PDB_model_num 
ATOM   1    N N   . ARG A 1 11 ? 26.228  -21.213 -28.360 1.00 164.35 ? 11 ARG A N   1 
ATOM   2    C CA  . ARG A 1 11 ? 25.777  -21.409 -26.988 1.00 164.35 ? 11 ARG A CA  1 
ATOM   3    C C   . ARG A 1 11 ? 25.682  -20.080 -26.255 1.00 164.35 ? 11 ARG A C   1 
ATOM   4    O O   . ARG A 1 11 ? 26.690  -19.518 -25.841 1.00 164.35 ? 11 ARG A O   1 
ATOM   5    C CB  . ARG A 1 11 ? 26.718  -22.366 -26.250 1.00 164.35 ? 11 ARG A CB  1 
ATOM   6    C CG  . ARG A 1 11 ? 26.294  -22.692 -24.827 1.00 164.35 ? 11 ARG A CG  1 
ATOM   7    C CD  . ARG A 1 11 ? 27.040  -23.908 -24.310 1.00 164.35 ? 11 ARG A CD  1 
ATOM   8    N NE  . ARG A 1 11 ? 26.830  -25.067 -25.173 1.00 164.35 ? 11 ARG A NE  1 
ATOM   9    C CZ  . ARG A 1 11 ? 27.386  -26.258 -24.973 1.00 164.35 ? 11 ARG A CZ  1 
ATOM   10   N NH1 . ARG A 1 11 ? 28.190  -26.450 -23.938 1.00 164.35 ? 11 ARG A NH1 1 
ATOM   11   N NH2 . ARG A 1 11 ? 27.139  -27.256 -25.809 1.00 164.35 ? 11 ARG A NH2 1 
ATOM   12   N N   . LEU A 1 12 ? 24.468  -19.572 -26.088 1.00 152.89 ? 12 LEU A N   1 
ATOM   13   C CA  . LEU A 1 12 ? 24.310  -18.274 -25.448 1.00 152.89 ? 12 LEU A CA  1 
ATOM   14   C C   . LEU A 1 12 ? 23.697  -18.428 -24.069 1.00 152.89 ? 12 LEU A C   1 
ATOM   15   O O   . LEU A 1 12 ? 22.639  -19.030 -23.919 1.00 152.89 ? 12 LEU A O   1 
ATOM   16   C CB  . LEU A 1 12 ? 23.431  -17.356 -26.300 1.00 152.89 ? 12 LEU A CB  1 
ATOM   17   C CG  . LEU A 1 12 ? 23.749  -17.242 -27.792 1.00 152.89 ? 12 LEU A CG  1 
ATOM   18   C CD1 . LEU A 1 12 ? 22.752  -16.324 -28.482 1.00 152.89 ? 12 LEU A CD1 1 
ATOM   19   C CD2 . LEU A 1 12 ? 25.174  -16.769 -28.034 1.00 152.89 ? 12 LEU A CD2 1 
ATOM   20   N N   . ALA A 1 13 ? 24.361  -17.880 -23.059 1.00 138.94 ? 13 ALA A N   1 
ATOM   21   C CA  . ALA A 1 13 ? 23.844  -17.971 -21.703 1.00 138.94 ? 13 ALA A CA  1 
ATOM   22   C C   . ALA A 1 13 ? 23.551  -16.596 -21.132 1.00 138.94 ? 13 ALA A C   1 
ATOM   23   O O   . ALA A 1 13 ? 24.406  -15.720 -21.151 1.00 138.94 ? 13 ALA A O   1 
ATOM   24   C CB  . ALA A 1 13 ? 24.821  -18.719 -20.811 1.00 138.94 ? 13 ALA A CB  1 
ATOM   25   N N   . ASN A 1 14 ? 22.344  -16.402 -20.625 1.00 120.12 ? 14 ASN A N   1 
ATOM   26   C CA  . ASN A 1 14 ? 22.014  -15.134 -19.994 1.00 120.12 ? 14 ASN A CA  1 
ATOM   27   C C   . ASN A 1 14 ? 21.617  -15.395 -18.560 1.00 120.12 ? 14 ASN A C   1 
ATOM   28   O O   . ASN A 1 14 ? 20.759  -16.229 -18.295 1.00 120.12 ? 14 ASN A O   1 
ATOM   29   C CB  . ASN A 1 14 ? 20.871  -14.444 -20.734 1.00 120.12 ? 14 ASN A CB  1 
ATOM   30   C CG  . ASN A 1 14 ? 20.485  -13.118 -20.103 1.00 120.12 ? 14 ASN A CG  1 
ATOM   31   O OD1 . ASN A 1 14 ? 21.318  -12.425 -19.520 1.00 120.12 ? 14 ASN A OD1 1 
ATOM   32   N ND2 . ASN A 1 14 ? 19.215  -12.756 -20.227 1.00 120.12 ? 14 ASN A ND2 1 
ATOM   33   N N   . PHE A 1 15 ? 22.196  -14.658 -17.626 1.00 109.15 ? 15 PHE A N   1 
ATOM   34   C CA  . PHE A 1 15 ? 21.859  -14.842 -16.227 1.00 109.15 ? 15 PHE A CA  1 
ATOM   35   C C   . PHE A 1 15 ? 21.403  -13.529 -15.625 1.00 109.15 ? 15 PHE A C   1 
ATOM   36   O O   . PHE A 1 15 ? 22.193  -12.603 -15.496 1.00 109.15 ? 15 PHE A O   1 
ATOM   37   C CB  . PHE A 1 15 ? 23.071  -15.370 -15.474 1.00 109.15 ? 15 PHE A CB  1 
ATOM   38   C CG  . PHE A 1 15 ? 22.729  -16.153 -14.247 1.00 109.15 ? 15 PHE A CG  1 
ATOM   39   C CD1 . PHE A 1 15 ? 22.415  -15.511 -13.065 1.00 109.15 ? 15 PHE A CD1 1 
ATOM   40   C CD2 . PHE A 1 15 ? 22.734  -17.535 -14.275 1.00 109.15 ? 15 PHE A CD2 1 
ATOM   41   C CE1 . PHE A 1 15 ? 22.105  -16.235 -11.932 1.00 109.15 ? 15 PHE A CE1 1 
ATOM   42   C CE2 . PHE A 1 15 ? 22.425  -18.266 -13.146 1.00 109.15 ? 15 PHE A CE2 1 
ATOM   43   C CZ  . PHE A 1 15 ? 22.109  -17.616 -11.971 1.00 109.15 ? 15 PHE A CZ  1 
ATOM   44   N N   . LEU A 1 16 ? 20.134  -13.438 -15.254 1.00 87.83  ? 16 LEU A N   1 
ATOM   45   C CA  . LEU A 1 16 ? 19.615  -12.195 -14.722 1.00 87.83  ? 16 LEU A CA  1 
ATOM   46   C C   . LEU A 1 16 ? 19.156  -12.427 -13.303 1.00 87.83  ? 16 LEU A C   1 
ATOM   47   O O   . LEU A 1 16 ? 18.373  -13.334 -13.049 1.00 87.83  ? 16 LEU A O   1 
ATOM   48   C CB  . LEU A 1 16 ? 18.457  -11.693 -15.585 1.00 87.83  ? 16 LEU A CB  1 
ATOM   49   C CG  . LEU A 1 16 ? 18.008  -10.234 -15.448 1.00 87.83  ? 16 LEU A CG  1 
ATOM   50   C CD1 . LEU A 1 16 ? 17.476  -9.724  -16.778 1.00 87.83  ? 16 LEU A CD1 1 
ATOM   51   C CD2 . LEU A 1 16 ? 16.983  -10.027 -14.341 1.00 87.83  ? 16 LEU A CD2 1 
ATOM   52   N N   . VAL A 1 17 ? 19.638  -11.621 -12.371 1.00 71.64  ? 17 VAL A N   1 
ATOM   53   C CA  . VAL A 1 17 ? 19.163  -11.739 -11.006 1.00 71.64  ? 17 VAL A CA  1 
ATOM   54   C C   . VAL A 1 17 ? 18.596  -10.415 -10.567 1.00 71.64  ? 17 VAL A C   1 
ATOM   55   O O   . VAL A 1 17 ? 19.288  -9.406  -10.610 1.00 71.64  ? 17 VAL A O   1 
ATOM   56   C CB  . VAL A 1 17 ? 20.301  -12.102 -10.039 1.00 71.64  ? 17 VAL A CB  1 
ATOM   57   C CG1 . VAL A 1 17 ? 19.765  -12.277 -8.627  1.00 71.64  ? 17 VAL A CG1 1 
ATOM   58   C CG2 . VAL A 1 17 ? 21.021  -13.358 -10.496 1.00 71.64  ? 17 VAL A CG2 1 
ATOM   59   N N   . HIS A 1 18 ? 17.343  -10.395 -10.148 1.00 67.07  ? 18 HIS A N   1 
ATOM   60   C CA  . HIS A 1 18 ? 16.795  -9.171  -9.603  1.00 67.07  ? 18 HIS A CA  1 
ATOM   61   C C   . HIS A 1 18 ? 16.463  -9.531  -8.179  1.00 67.07  ? 18 HIS A C   1 
ATOM   62   O O   . HIS A 1 18 ? 15.625  -10.388 -7.933  1.00 67.07  ? 18 HIS A O   1 
ATOM   63   C CB  . HIS A 1 18 ? 15.533  -8.759  -10.348 1.00 67.07  ? 18 HIS A CB  1 
ATOM   64   C CG  . HIS A 1 18 ? 14.973  -7.445  -9.904  1.00 67.07  ? 18 HIS A CG  1 
ATOM   65   N ND1 . HIS A 1 18 ? 15.106  -6.293  -10.649 1.00 67.07  ? 18 HIS A ND1 1 
ATOM   66   C CD2 . HIS A 1 18 ? 14.283  -7.097  -8.792  1.00 67.07  ? 18 HIS A CD2 1 
ATOM   67   C CE1 . HIS A 1 18 ? 14.517  -5.293  -10.016 1.00 67.07  ? 18 HIS A CE1 1 
ATOM   68   N NE2 . HIS A 1 18 ? 14.011  -5.755  -8.887  1.00 67.07  ? 18 HIS A NE2 1 
ATOM   69   N N   . SER A 1 19 ? 17.117  -8.882  -7.231  1.00 60.62  ? 19 SER A N   1 
ATOM   70   C CA  . SER A 1 19 ? 16.879  -9.201  -5.842  1.00 60.62  ? 19 SER A CA  1 
ATOM   71   C C   . SER A 1 19 ? 16.531  -7.967  -5.059  1.00 60.62  ? 19 SER A C   1 
ATOM   72   O O   . SER A 1 19 ? 17.252  -6.979  -5.106  1.00 60.62  ? 19 SER A O   1 
ATOM   73   C CB  . SER A 1 19 ? 18.097  -9.883  -5.228  1.00 60.62  ? 19 SER A CB  1 
ATOM   74   O OG  . SER A 1 19 ? 19.251  -9.077  -5.357  1.00 60.62  ? 19 SER A OG  1 
ATOM   75   N N   . SER A 1 20 ? 15.429  -8.007  -4.333  1.00 54.76  ? 20 SER A N   1 
ATOM   76   C CA  . SER A 1 20 ? 15.098  -6.884  -3.485  1.00 54.76  ? 20 SER A CA  1 
ATOM   77   C C   . SER A 1 20 ? 14.980  -7.386  -2.073  1.00 54.76  ? 20 SER A C   1 
ATOM   78   O O   . SER A 1 20 ? 14.205  -8.292  -1.797  1.00 54.76  ? 20 SER A O   1 
ATOM   79   C CB  . SER A 1 20 ? 13.787  -6.244  -3.925  1.00 54.76  ? 20 SER A CB  1 
ATOM   80   O OG  . SER A 1 20 ? 13.440  -5.172  -3.066  1.00 54.76  ? 20 SER A OG  1 
ATOM   81   N N   . ASN A 1 21 ? 15.746  -6.806  -1.169  1.00 53.92  ? 21 ASN A N   1 
ATOM   82   C CA  . ASN A 1 21 ? 15.633  -7.186  0.220   1.00 53.92  ? 21 ASN A CA  1 
ATOM   83   C C   . ASN A 1 21 ? 15.234  -5.940  0.965   1.00 53.92  ? 21 ASN A C   1 
ATOM   84   O O   . ASN A 1 21 ? 15.877  -4.906  0.832   1.00 53.92  ? 21 ASN A O   1 
ATOM   85   C CB  . ASN A 1 21 ? 16.965  -7.696  0.754   1.00 53.92  ? 21 ASN A CB  1 
ATOM   86   C CG  . ASN A 1 21 ? 17.440  -8.953  0.053   1.00 53.92  ? 21 ASN A CG  1 
ATOM   87   O OD1 . ASN A 1 21 ? 18.641  -9.208  -0.031  1.00 53.92  ? 21 ASN A OD1 1 
ATOM   88   N ND2 . ASN A 1 21 ? 16.505  -9.746  -0.450  1.00 53.92  ? 21 ASN A ND2 1 
ATOM   89   N N   . ASN A 1 22 ? 14.175  -6.023  1.751   1.00 50.64  ? 22 ASN A N   1 
ATOM   90   C CA  . ASN A 1 22 ? 13.788  -4.880  2.549   1.00 50.64  ? 22 ASN A CA  1 
ATOM   91   C C   . ASN A 1 22 ? 13.883  -5.245  3.999   1.00 50.64  ? 22 ASN A C   1 
ATOM   92   O O   . ASN A 1 22 ? 13.362  -6.268  4.412   1.00 50.64  ? 22 ASN A O   1 
ATOM   93   C CB  . ASN A 1 22 ? 12.367  -4.444  2.226   1.00 50.64  ? 22 ASN A CB  1 
ATOM   94   C CG  . ASN A 1 22 ? 11.930  -3.247  3.046   1.00 50.64  ? 22 ASN A CG  1 
ATOM   95   O OD1 . ASN A 1 22 ? 12.742  -2.397  3.405   1.00 50.64  ? 22 ASN A OD1 1 
ATOM   96   N ND2 . ASN A 1 22 ? 10.642  -3.173  3.338   1.00 50.64  ? 22 ASN A ND2 1 
ATOM   97   N N   . PHE A 1 23 ? 14.572  -4.428  4.775   1.00 48.27  ? 23 PHE A N   1 
ATOM   98   C CA  . PHE A 1 23 ? 14.642  -4.653  6.201   1.00 48.27  ? 23 PHE A CA  1 
ATOM   99   C C   . PHE A 1 23 ? 14.331  -3.285  6.728   1.00 48.27  ? 23 PHE A C   1 
ATOM   100  O O   . PHE A 1 23 ? 15.183  -2.640  7.330   1.00 48.27  ? 23 PHE A O   1 
ATOM   101  C CB  . PHE A 1 23 ? 16.055  -5.037  6.626   1.00 48.27  ? 23 PHE A CB  1 
ATOM   102  C CG  . PHE A 1 23 ? 16.520  -6.367  6.107   1.00 48.27  ? 23 PHE A CG  1 
ATOM   103  C CD1 . PHE A 1 23 ? 16.975  -6.504  4.807   1.00 48.27  ? 23 PHE A CD1 1 
ATOM   104  C CD2 . PHE A 1 23 ? 16.538  -7.471  6.937   1.00 48.27  ? 23 PHE A CD2 1 
ATOM   105  C CE1 . PHE A 1 23 ? 17.413  -7.723  4.337   1.00 48.27  ? 23 PHE A CE1 1 
ATOM   106  C CE2 . PHE A 1 23 ? 16.980  -8.695  6.474   1.00 48.27  ? 23 PHE A CE2 1 
ATOM   107  C CZ  . PHE A 1 23 ? 17.416  -8.821  5.172   1.00 48.27  ? 23 PHE A CZ  1 
ATOM   108  N N   . GLY A 1 24 ? 13.109  -2.827  6.515   1.00 50.56  ? 24 GLY A N   1 
ATOM   109  C CA  . GLY A 1 24 ? 12.773  -1.474  6.904   1.00 50.56  ? 24 GLY A CA  1 
ATOM   110  C C   . GLY A 1 24 ? 11.393  -1.120  6.417   1.00 50.56  ? 24 GLY A C   1 
ATOM   111  O O   . GLY A 1 24 ? 10.658  -1.985  5.954   1.00 50.56  ? 24 GLY A O   1 
ATOM   112  N N   . ALA A 1 25 ? 11.028  0.149   6.519   1.00 51.91  ? 25 ALA A N   1 
ATOM   113  C CA  . ALA A 1 25 ? 9.682   0.533   6.144   1.00 51.91  ? 25 ALA A CA  1 
ATOM   114  C C   . ALA A 1 25 ? 9.644   1.257   4.820   1.00 51.91  ? 25 ALA A C   1 
ATOM   115  O O   . ALA A 1 25 ? 10.279  2.287   4.653   1.00 51.91  ? 25 ALA A O   1 
ATOM   116  C CB  . ALA A 1 25 ? 9.073   1.400   7.229   1.00 51.91  ? 25 ALA A CB  1 
ATOM   117  N N   . ILE A 1 26 ? 8.892   0.721   3.870   1.00 47.88  ? 26 ILE A N   1 
ATOM   118  C CA  . ILE A 1 26 ? 8.742   1.407   2.607   1.00 47.88  ? 26 ILE A CA  1 
ATOM   119  C C   . ILE A 1 26 ? 7.290   1.758   2.425   1.00 47.88  ? 26 ILE A C   1 
ATOM   120  O O   . ILE A 1 26 ? 6.441   0.878   2.415   1.00 47.88  ? 26 ILE A O   1 
ATOM   121  C CB  . ILE A 1 26 ? 9.157   0.514   1.431   1.00 47.88  ? 26 ILE A CB  1 
ATOM   122  C CG1 . ILE A 1 26 ? 10.602  0.053   1.587   1.00 47.88  ? 26 ILE A CG1 1 
ATOM   123  C CG2 . ILE A 1 26 ? 8.990   1.252   0.111   1.00 47.88  ? 26 ILE A CG2 1 
ATOM   124  C CD1 . ILE A 1 26 ? 11.107  -0.756  0.415   1.00 47.88  ? 26 ILE A CD1 1 
ATOM   125  N N   . LEU A 1 27 ? 6.985   3.038   2.272   1.00 51.47  ? 27 LEU A N   1 
ATOM   126  C CA  . LEU A 1 27 ? 5.616   3.421   1.987   1.00 51.47  ? 27 LEU A CA  1 
ATOM   127  C C   . LEU A 1 27 ? 5.666   3.963   0.583   1.00 51.47  ? 27 LEU A C   1 
ATOM   128  O O   . LEU A 1 27 ? 6.337   4.950   0.314   1.00 51.47  ? 27 LEU A O   1 
ATOM   129  C CB  . LEU A 1 27 ? 5.139   4.482   2.977   1.00 51.47  ? 27 LEU A CB  1 
ATOM   130  C CG  . LEU A 1 27 ? 3.894   5.341   2.741   1.00 51.47  ? 27 LEU A CG  1 
ATOM   131  C CD1 . LEU A 1 27 ? 2.704   4.566   2.210   1.00 51.47  ? 27 LEU A CD1 1 
ATOM   132  C CD2 . LEU A 1 27 ? 3.530   6.085   4.016   1.00 51.47  ? 27 LEU A CD2 1 
ATOM   133  N N   . SER A 1 28 ? 4.958   3.313   -0.325  1.00 47.01  ? 28 SER A N   1 
ATOM   134  C CA  . SER A 1 28 ? 4.944   3.777   -1.689  1.00 47.01  ? 28 SER A CA  1 
ATOM   135  C C   . SER A 1 28 ? 3.533   4.048   -2.120  1.00 47.01  ? 28 SER A C   1 
ATOM   136  O O   . SER A 1 28 ? 2.688   3.164   -2.065  1.00 47.01  ? 28 SER A O   1 
ATOM   137  C CB  . SER A 1 28 ? 5.564   2.734   -2.613  1.00 47.01  ? 28 SER A CB  1 
ATOM   138  O OG  . SER A 1 28 ? 5.483   3.151   -3.964  1.00 47.01  ? 28 SER A OG  1 
ATOM   139  N N   . SER A 1 29 ? 3.264   5.261   -2.566  1.00 48.28  ? 29 SER A N   1 
ATOM   140  C CA  . SER A 1 29 ? 1.943   5.534   -3.080  1.00 48.28  ? 29 SER A CA  1 
ATOM   141  C C   . SER A 1 29 ? 2.043   6.062   -4.484  1.00 48.28  ? 29 SER A C   1 
ATOM   142  O O   . SER A 1 29 ? 2.731   7.043   -4.737  1.00 48.28  ? 29 SER A O   1 
ATOM   143  C CB  . SER A 1 29 ? 1.209   6.531   -2.192  1.00 48.28  ? 29 SER A CB  1 
ATOM   144  O OG  . SER A 1 29 ? 1.871   7.780   -2.180  1.00 48.28  ? 29 SER A OG  1 
ATOM   145  N N   . THR A 1 30 ? 1.357   5.421   -5.415  1.00 51.95  ? 30 THR A N   1 
ATOM   146  C CA  . THR A 1 30 ? 1.339   5.949   -6.758  1.00 51.95  ? 30 THR A CA  1 
ATOM   147  C C   . THR A 1 30 ? -0.092  6.334   -7.027  1.00 51.95  ? 30 THR A C   1 
ATOM   148  O O   . THR A 1 30 ? -0.996  5.516   -6.906  1.00 51.95  ? 30 THR A O   1 
ATOM   149  C CB  . THR A 1 30 ? 1.824   4.928   -7.799  1.00 51.95  ? 30 THR A CB  1 
ATOM   150  O OG1 . THR A 1 30 ? 0.817   3.934   -8.018  1.00 51.95  ? 30 THR A OG1 1 
ATOM   151  C CG2 . THR A 1 30 ? 3.108   4.252   -7.337  1.00 51.95  ? 30 THR A CG2 1 
ATOM   152  N N   . ASN A 1 31 ? -0.314  7.587   -7.375  1.00 50.04  ? 31 ASN A N   1 
ATOM   153  C CA  . ASN A 1 31 ? -1.655  8.007   -7.699  1.00 50.04  ? 31 ASN A CA  1 
ATOM   154  C C   . ASN A 1 31 ? -1.648  8.400   -9.151  1.00 50.04  ? 31 ASN A C   1 
ATOM   155  O O   . ASN A 1 31 ? -0.910  9.289   -9.548  1.00 50.04  ? 31 ASN A O   1 
ATOM   156  C CB  . ASN A 1 31 ? -2.051  9.197   -6.840  1.00 50.04  ? 31 ASN A CB  1 
ATOM   157  C CG  . ASN A 1 31 ? -2.135  8.854   -5.365  1.00 50.04  ? 31 ASN A CG  1 
ATOM   158  O OD1 . ASN A 1 31 ? -1.932  9.712   -4.508  1.00 50.04  ? 31 ASN A OD1 1 
ATOM   159  N ND2 . ASN A 1 31 ? -2.429  7.596   -5.061  1.00 50.04  ? 31 ASN A ND2 1 
ATOM   160  N N   . VAL A 1 32 ? -2.468  7.747   -9.955  1.00 48.07  ? 32 VAL A N   1 
ATOM   161  C CA  . VAL A 1 32 ? -2.560  8.126   -11.345 1.00 48.07  ? 32 VAL A CA  1 
ATOM   162  C C   . VAL A 1 32 ? -3.968  8.597   -11.599 1.00 48.07  ? 32 VAL A C   1 
ATOM   163  O O   . VAL A 1 32 ? -4.917  7.852   -11.393 1.00 48.07  ? 32 VAL A O   1 
ATOM   164  C CB  . VAL A 1 32 ? -2.252  6.941   -12.267 1.00 48.07  ? 32 VAL A CB  1 
ATOM   165  C CG1 . VAL A 1 32 ? -2.195  7.397   -13.714 1.00 48.07  ? 32 VAL A CG1 1 
ATOM   166  C CG2 . VAL A 1 32 ? -0.941  6.283   -11.869 1.00 48.07  ? 32 VAL A CG2 1 
ATOM   167  N N   . GLY A 1 33 ? -4.116  9.838   -12.038 1.00 49.48  ? 33 GLY A N   1 
ATOM   168  C CA  . GLY A 1 33 ? -5.430  10.361  -12.349 1.00 49.48  ? 33 GLY A CA  1 
ATOM   169  C C   . GLY A 1 33 ? -6.402  10.235  -11.208 1.00 49.48  ? 33 GLY A C   1 
ATOM   170  O O   . GLY A 1 33 ? -7.561  9.916   -11.430 1.00 49.48  ? 33 GLY A O   1 
ATOM   171  N N   . SER A 1 34 ? -5.960  10.495  -9.987  1.00 51.89  ? 34 SER A N   1 
ATOM   172  C CA  . SER A 1 34 ? -6.841  10.283  -8.853  1.00 51.89  ? 34 SER A CA  1 
ATOM   173  C C   . SER A 1 34 ? -6.962  11.507  -7.969  1.00 51.89  ? 34 SER A C   1 
ATOM   174  O O   . SER A 1 34 ? -6.015  12.265  -7.805  1.00 51.89  ? 34 SER A O   1 
ATOM   175  C CB  . SER A 1 34 ? -6.349  9.101   -8.032  1.00 51.89  ? 34 SER A CB  1 
ATOM   176  O OG  . SER A 1 34 ? -5.215  9.460   -7.270  1.00 51.89  ? 34 SER A OG  1 
ATOM   177  N N   . ASN A 1 35 ? -8.137  11.705  -7.397  1.00 54.46  ? 35 ASN A N   1 
ATOM   178  C CA  . ASN A 1 35 ? -8.325  12.831  -6.513  1.00 54.46  ? 35 ASN A CA  1 
ATOM   179  C C   . ASN A 1 35 ? -8.277  12.329  -5.090  1.00 54.46  ? 35 ASN A C   1 
ATOM   180  O O   . ASN A 1 35 ? -9.062  11.468  -4.704  1.00 54.46  ? 35 ASN A O   1 
ATOM   181  C CB  . ASN A 1 35 ? -9.668  13.492  -6.786  1.00 54.46  ? 35 ASN A CB  1 
ATOM   182  C CG  . ASN A 1 35 ? -9.723  14.151  -8.143  1.00 54.46  ? 35 ASN A CG  1 
ATOM   183  O OD1 . ASN A 1 35 ? -8.741  14.731  -8.598  1.00 54.46  ? 35 ASN A OD1 1 
ATOM   184  N ND2 . ASN A 1 35 ? -10.879 14.082  -8.795  1.00 54.46  ? 35 ASN A ND2 1 
ATOM   185  N N   . THR A 1 36 ? -7.355  12.865  -4.302  1.00 54.32  ? 36 THR A N   1 
ATOM   186  C CA  . THR A 1 36 ? -7.232  12.445  -2.917  1.00 54.32  ? 36 THR A CA  1 
ATOM   187  C C   . THR A 1 36 ? -7.523  13.614  -2.009  1.00 54.32  ? 36 THR A C   1 
ATOM   188  O O   . THR A 1 36 ? -7.054  14.722  -2.244  1.00 54.32  ? 36 THR A O   1 
ATOM   189  C CB  . THR A 1 36 ? -5.840  11.878  -2.583  1.00 54.32  ? 36 THR A CB  1 
ATOM   190  O OG1 . THR A 1 36 ? -4.957  12.940  -2.207  1.00 54.32  ? 36 THR A OG1 1 
ATOM   191  C CG2 . THR A 1 36 ? -5.261  11.111  -3.762  1.00 54.32  ? 36 THR A CG2 1 
HETATM 192  N N   . TYC A 1 37 ? -8.475  13.566  -1.021  1.00 20.00  ? 37 TYC A N   1 
HETATM 193  C CA  . TYC A 1 37 ? -8.831  14.588  -0.027  1.00 20.00  ? 37 TYC A CA  1 
HETATM 194  C C   . TYC A 1 37 ? -8.507  14.077  1.354   1.00 20.00  ? 37 TYC A C   1 
HETATM 195  O O   . TYC A 1 37 ? -8.557  12.889  1.587   1.00 20.00  ? 37 TYC A O   1 
HETATM 196  C CB  . TYC A 1 37 ? -10.325 14.893  -0.122  1.00 20.00  ? 37 TYC A CB  1 
HETATM 197  C CG  . TYC A 1 37 ? -10.619 15.563  -1.438  1.00 20.00  ? 37 TYC A CG  1 
HETATM 198  C CD1 . TYC A 1 37 ? -10.918 14.798  -2.550  1.00 20.00  ? 37 TYC A CD1 1 
HETATM 199  C CD2 . TYC A 1 37 ? -10.594 16.943  -1.531  1.00 20.00  ? 37 TYC A CD2 1 
HETATM 200  C CE1 . TYC A 1 37 ? -11.188 15.411  -3.759  1.00 20.00  ? 37 TYC A CE1 1 
HETATM 201  C CE2 . TYC A 1 37 ? -10.859 17.559  -2.739  1.00 20.00  ? 37 TYC A CE2 1 
HETATM 202  O OH  . TYC A 1 37 ? -11.423 17.399  -5.045  1.00 20.00  ? 37 TYC A OH  1 
HETATM 203  C CZ  . TYC A 1 37 ? -11.159 16.793  -3.857  1.00 20.00  ? 37 TYC A CZ  1 
HETATM 204  N NXT . TYC A 1 37 ? -8.163  14.942  2.328   1.00 20.00  ? 37 TYC A NXT 1 
ATOM   205  N N   . LYS B 1 1  ? 14.717  4.288   28.403  1.00 255.90 ? 1  LYS B N   1 
ATOM   206  C CA  . LYS B 1 1  ? 15.954  4.410   29.169  1.00 255.90 ? 1  LYS B CA  1 
ATOM   207  C C   . LYS B 1 1  ? 16.780  3.144   29.062  1.00 255.90 ? 1  LYS B C   1 
ATOM   208  O O   . LYS B 1 1  ? 16.341  2.074   29.480  1.00 255.90 ? 1  LYS B O   1 
ATOM   209  C CB  . LYS B 1 1  ? 15.661  4.722   30.639  1.00 255.90 ? 1  LYS B CB  1 
ATOM   210  C CG  . LYS B 1 1  ? 15.772  6.195   31.010  1.00 255.90 ? 1  LYS B CG  1 
ATOM   211  C CD  . LYS B 1 1  ? 14.727  7.050   30.315  1.00 255.90 ? 1  LYS B CD  1 
ATOM   212  C CE  . LYS B 1 1  ? 13.331  6.773   30.848  1.00 255.90 ? 1  LYS B CE  1 
ATOM   213  N NZ  . LYS B 1 1  ? 12.298  7.560   30.120  1.00 255.90 ? 1  LYS B NZ  1 
ATOM   214  N N   . CYS B 1 2  ? 17.959  3.238   28.457  1.00 254.69 ? 2  CYS B N   1 
ATOM   215  C CA  . CYS B 1 2  ? 18.775  2.041   28.249  1.00 254.69 ? 2  CYS B CA  1 
ATOM   216  C C   . CYS B 1 2  ? 19.924  1.929   29.232  1.00 254.69 ? 2  CYS B C   1 
ATOM   217  O O   . CYS B 1 2  ? 20.814  2.777   29.255  1.00 254.69 ? 2  CYS B O   1 
ATOM   218  C CB  . CYS B 1 2  ? 19.338  2.001   26.829  1.00 254.69 ? 2  CYS B CB  1 
ATOM   219  S SG  . CYS B 1 2  ? 20.710  0.835   26.659  1.00 254.69 ? 2  CYS B SG  1 
ATOM   220  N N   . ASN B 1 3  ? 19.910  0.881   30.044  1.00 255.13 ? 3  ASN B N   1 
ATOM   221  C CA  . ASN B 1 3  ? 21.003  0.656   30.975  1.00 255.13 ? 3  ASN B CA  1 
ATOM   222  C C   . ASN B 1 3  ? 21.803  -0.517  30.464  1.00 255.13 ? 3  ASN B C   1 
ATOM   223  O O   . ASN B 1 3  ? 22.692  -1.022  31.148  1.00 255.13 ? 3  ASN B O   1 
ATOM   224  C CB  . ASN B 1 3  ? 20.458  0.368   32.369  1.00 255.13 ? 3  ASN B CB  1 
ATOM   225  C CG  . ASN B 1 3  ? 19.432  1.392   32.814  1.00 255.13 ? 3  ASN B CG  1 
ATOM   226  O OD1 . ASN B 1 3  ? 19.243  2.423   32.168  1.00 255.13 ? 3  ASN B OD1 1 
ATOM   227  N ND2 . ASN B 1 3  ? 18.762  1.111   33.924  1.00 255.13 ? 3  ASN B ND2 1 
ATOM   228  N N   . THR B 1 4  ? 21.486  -0.958  29.255  1.00 248.12 ? 4  THR B N   1 
ATOM   229  C CA  . THR B 1 4  ? 22.163  -2.110  28.684  1.00 248.12 ? 4  THR B CA  1 
ATOM   230  C C   . THR B 1 4  ? 23.517  -1.772  28.124  1.00 248.12 ? 4  THR B C   1 
ATOM   231  O O   . THR B 1 4  ? 23.753  -0.641  27.702  1.00 248.12 ? 4  THR B O   1 
ATOM   232  C CB  . THR B 1 4  ? 21.367  -2.677  27.505  1.00 248.12 ? 4  THR B CB  1 
ATOM   233  O OG1 . THR B 1 4  ? 21.704  -1.946  26.324  1.00 248.12 ? 4  THR B OG1 1 
ATOM   234  C CG2 . THR B 1 4  ? 19.881  -2.563  27.764  1.00 248.12 ? 4  THR B CG2 1 
ATOM   235  N N   . ALA B 1 5  ? 24.414  -2.749  28.103  1.00 242.43 ? 5  ALA B N   1 
ATOM   236  C CA  . ALA B 1 5  ? 25.698  -2.520  27.473  1.00 242.43 ? 5  ALA B CA  1 
ATOM   237  C C   . ALA B 1 5  ? 25.418  -2.369  25.998  1.00 242.43 ? 5  ALA B C   1 
ATOM   238  O O   . ALA B 1 5  ? 26.005  -1.518  25.331  1.00 242.43 ? 5  ALA B O   1 
ATOM   239  C CB  . ALA B 1 5  ? 26.638  -3.677  27.730  1.00 242.43 ? 5  ALA B CB  1 
ATOM   240  N N   . THR B 1 6  ? 24.507  -3.188  25.482  1.00 232.57 ? 6  THR B N   1 
ATOM   241  C CA  . THR B 1 6  ? 24.132  -3.095  24.077  1.00 232.57 ? 6  THR B CA  1 
ATOM   242  C C   . THR B 1 6  ? 22.623  -2.986  23.934  1.00 232.57 ? 6  THR B C   1 
ATOM   243  O O   . THR B 1 6  ? 21.891  -3.872  24.369  1.00 232.57 ? 6  THR B O   1 
ATOM   244  C CB  . THR B 1 6  ? 24.611  -4.318  23.283  1.00 232.57 ? 6  THR B CB  1 
ATOM   245  O OG1 . THR B 1 6  ? 26.014  -4.512  23.497  1.00 232.57 ? 6  THR B OG1 1 
ATOM   246  C CG2 . THR B 1 6  ? 24.349  -4.117  21.799  1.00 232.57 ? 6  THR B CG2 1 
ATOM   247  N N   . CYS B 1 7  ? 22.154  -1.900  23.334  1.00 208.41 ? 7  CYS B N   1 
ATOM   248  C CA  . CYS B 1 7  ? 20.721  -1.720  23.135  1.00 208.41 ? 7  CYS B CA  1 
ATOM   249  C C   . CYS B 1 7  ? 20.439  -1.023  21.818  1.00 208.41 ? 7  CYS B C   1 
ATOM   250  O O   . CYS B 1 7  ? 20.100  0.158   21.791  1.00 208.41 ? 7  CYS B O   1 
ATOM   251  C CB  . CYS B 1 7  ? 20.105  -0.920  24.283  1.00 208.41 ? 7  CYS B CB  1 
ATOM   252  S SG  . CYS B 1 7  ? 20.949  0.632   24.655  1.00 208.41 ? 7  CYS B SG  1 
ATOM   253  N N   . ALA B 1 8  ? 20.573  -1.753  20.721  1.00 166.73 ? 8  ALA B N   1 
ATOM   254  C CA  . ALA B 1 8  ? 20.348  -1.146  19.419  1.00 166.73 ? 8  ALA B CA  1 
ATOM   255  C C   . ALA B 1 8  ? 18.870  -0.860  19.233  1.00 166.73 ? 8  ALA B C   1 
ATOM   256  O O   . ALA B 1 8  ? 18.048  -1.770  19.279  1.00 166.73 ? 8  ALA B O   1 
ATOM   257  C CB  . ALA B 1 8  ? 20.850  -2.060  18.319  1.00 166.73 ? 8  ALA B CB  1 
ATOM   258  N N   . THR B 1 9  ? 18.525  0.403   19.014  1.00 137.89 ? 9  THR B N   1 
ATOM   259  C CA  . THR B 1 9  ? 17.133  0.757   18.778  1.00 137.89 ? 9  THR B CA  1 
ATOM   260  C C   . THR B 1 9  ? 16.962  1.496   17.468  1.00 137.89 ? 9  THR B C   1 
ATOM   261  O O   . THR B 1 9  ? 17.644  2.484   17.213  1.00 137.89 ? 9  THR B O   1 
ATOM   262  C CB  . THR B 1 9  ? 16.553  1.606   19.925  1.00 137.89 ? 9  THR B CB  1 
ATOM   263  O OG1 . THR B 1 9  ? 16.604  0.860   21.147  1.00 137.89 ? 9  THR B OG1 1 
ATOM   264  C CG2 . THR B 1 9  ? 15.114  2.001   19.634  1.00 137.89 ? 9  THR B CG2 1 
ATOM   265  N N   . GLN B 1 10 ? 16.058  1.021   16.625  1.00 108.31 ? 10 GLN B N   1 
ATOM   266  C CA  . GLN B 1 10 ? 15.792  1.729   15.389  1.00 108.31 ? 10 GLN B CA  1 
ATOM   267  C C   . GLN B 1 10 ? 14.333  2.069   15.270  1.00 108.31 ? 10 GLN B C   1 
ATOM   268  O O   . GLN B 1 10 ? 13.483  1.194   15.380  1.00 108.31 ? 10 GLN B O   1 
ATOM   269  C CB  . GLN B 1 10 ? 16.210  0.895   14.184  1.00 108.31 ? 10 GLN B CB  1 
ATOM   270  C CG  . GLN B 1 10 ? 17.698  0.909   13.898  1.00 108.31 ? 10 GLN B CG  1 
ATOM   271  C CD  . GLN B 1 10 ? 18.027  0.296   12.553  1.00 108.31 ? 10 GLN B CD  1 
ATOM   272  O OE1 . GLN B 1 10 ? 19.179  0.298   12.120  1.00 108.31 ? 10 GLN B OE1 1 
ATOM   273  N NE2 . GLN B 1 10 ? 17.010  -0.233  11.882  1.00 108.31 ? 10 GLN B NE2 1 
ATOM   274  N N   . ARG B 1 11 ? 14.024  3.335   15.042  1.00 89.94  ? 11 ARG B N   1 
ATOM   275  C CA  . ARG B 1 11 ? 12.641  3.702   14.808  1.00 89.94  ? 11 ARG B CA  1 
ATOM   276  C C   . ARG B 1 11 ? 12.610  4.254   13.403  1.00 89.94  ? 11 ARG B C   1 
ATOM   277  O O   . ARG B 1 11 ? 13.255  5.252   13.110  1.00 89.94  ? 11 ARG B O   1 
ATOM   278  C CB  . ARG B 1 11 ? 12.189  4.766   15.802  1.00 89.94  ? 11 ARG B CB  1 
ATOM   279  C CG  . ARG B 1 11 ? 12.531  4.448   17.248  1.00 89.94  ? 11 ARG B CG  1 
ATOM   280  C CD  . ARG B 1 11 ? 12.356  5.671   18.133  1.00 89.94  ? 11 ARG B CD  1 
ATOM   281  N NE  . ARG B 1 11 ? 10.955  6.047   18.278  1.00 89.94  ? 11 ARG B NE  1 
ATOM   282  C CZ  . ARG B 1 11 ? 10.206  5.742   19.333  1.00 89.94  ? 11 ARG B CZ  1 
ATOM   283  N NH1 . ARG B 1 11 ? 8.938   6.124   19.382  1.00 89.94  ? 11 ARG B NH1 1 
ATOM   284  N NH2 . ARG B 1 11 ? 10.728  5.060   20.344  1.00 89.94  ? 11 ARG B NH2 1 
ATOM   285  N N   . LEU B 1 12 ? 11.855  3.614   12.523  1.00 76.37  ? 12 LEU B N   1 
ATOM   286  C CA  . LEU B 1 12 ? 11.747  4.111   11.169  1.00 76.37  ? 12 LEU B CA  1 
ATOM   287  C C   . LEU B 1 12 ? 10.306  4.469   10.916  1.00 76.37  ? 12 LEU B C   1 
ATOM   288  O O   . LEU B 1 12 ? 9.426   3.633   11.050  1.00 76.37  ? 12 LEU B O   1 
ATOM   289  C CB  . LEU B 1 12 ? 12.190  3.051   10.170  1.00 76.37  ? 12 LEU B CB  1 
ATOM   290  C CG  . LEU B 1 12 ? 13.555  2.392   10.379  1.00 76.37  ? 12 LEU B CG  1 
ATOM   291  C CD1 . LEU B 1 12 ? 13.796  1.310   9.343   1.00 76.37  ? 12 LEU B CD1 1 
ATOM   292  C CD2 . LEU B 1 12 ? 14.672  3.411   10.358  1.00 76.37  ? 12 LEU B CD2 1 
ATOM   293  N N   . ALA B 1 13 ? 10.055  5.713   10.547  1.00 65.86  ? 13 ALA B N   1 
ATOM   294  C CA  . ALA B 1 13 ? 8.684   6.136   10.345  1.00 65.86  ? 13 ALA B CA  1 
ATOM   295  C C   . ALA B 1 13 ? 8.461   6.814   9.020   1.00 65.86  ? 13 ALA B C   1 
ATOM   296  O O   . ALA B 1 13 ? 9.166   7.747   8.675   1.00 65.86  ? 13 ALA B O   1 
ATOM   297  C CB  . ALA B 1 13 ? 8.251   7.047   11.479  1.00 65.86  ? 13 ALA B CB  1 
ATOM   298  N N   . ASN B 1 14 ? 7.478   6.364   8.261   1.00 61.97  ? 14 ASN B N   1 
ATOM   299  C CA  . ASN B 1 14 ? 7.156   7.074   7.045   1.00 61.97  ? 14 ASN B CA  1 
ATOM   300  C C   . ASN B 1 14 ? 5.780   7.612   7.312   1.00 61.97  ? 14 ASN B C   1 
ATOM   301  O O   . ASN B 1 14 ? 4.859   6.853   7.574   1.00 61.97  ? 14 ASN B O   1 
ATOM   302  C CB  . ASN B 1 14 ? 7.119   6.137   5.853   1.00 61.97  ? 14 ASN B CB  1 
ATOM   303  C CG  . ASN B 1 14 ? 8.497   5.794   5.341   1.00 61.97  ? 14 ASN B CG  1 
ATOM   304  O OD1 . ASN B 1 14 ? 9.443   6.549   5.535   1.00 61.97  ? 14 ASN B OD1 1 
ATOM   305  N ND2 . ASN B 1 14 ? 8.614   4.655   4.673   1.00 61.97  ? 14 ASN B ND2 1 
ATOM   306  N N   . PHE B 1 15 ? 5.632   8.925   7.254   1.00 58.26  ? 15 PHE B N   1 
ATOM   307  C CA  . PHE B 1 15 ? 4.335   9.518   7.470   1.00 58.26  ? 15 PHE B CA  1 
ATOM   308  C C   . PHE B 1 15 ? 3.883   10.227  6.226   1.00 58.26  ? 15 PHE B C   1 
ATOM   309  O O   . PHE B 1 15 ? 4.542   11.151  5.767   1.00 58.26  ? 15 PHE B O   1 
ATOM   310  C CB  . PHE B 1 15 ? 4.399   10.524  8.614   1.00 58.26  ? 15 PHE B CB  1 
ATOM   311  C CG  . PHE B 1 15 ? 4.180   9.925   9.968   1.00 58.26  ? 15 PHE B CG  1 
ATOM   312  C CD1 . PHE B 1 15 ? 5.176   9.192   10.587  1.00 58.26  ? 15 PHE B CD1 1 
ATOM   313  C CD2 . PHE B 1 15 ? 2.983   10.114  10.631  1.00 58.26  ? 15 PHE B CD2 1 
ATOM   314  C CE1 . PHE B 1 15 ? 4.975   8.645   11.839  1.00 58.26  ? 15 PHE B CE1 1 
ATOM   315  C CE2 . PHE B 1 15 ? 2.776   9.572   11.884  1.00 58.26  ? 15 PHE B CE2 1 
ATOM   316  C CZ  . PHE B 1 15 ? 3.774   8.837   12.489  1.00 58.26  ? 15 PHE B CZ  1 
ATOM   317  N N   . LEU B 1 16 ? 2.758   9.814   5.670   1.00 53.14  ? 16 LEU B N   1 
ATOM   318  C CA  . LEU B 1 16 ? 2.216   10.533  4.540   1.00 53.14  ? 16 LEU B CA  1 
ATOM   319  C C   . LEU B 1 16 ? 0.830   10.906  4.992   1.00 53.14  ? 16 LEU B C   1 
ATOM   320  O O   . LEU B 1 16 ? 0.010   10.043  5.270   1.00 53.14  ? 16 LEU B O   1 
ATOM   321  C CB  . LEU B 1 16 ? 2.182   9.644   3.302   1.00 53.14  ? 16 LEU B CB  1 
ATOM   322  C CG  . LEU B 1 16 ? 1.528   10.145  2.014   1.00 53.14  ? 16 LEU B CG  1 
ATOM   323  C CD1 . LEU B 1 16 ? 1.778   11.615  1.740   1.00 53.14  ? 16 LEU B CD1 1 
ATOM   324  C CD2 . LEU B 1 16 ? 1.945   9.291   0.830   1.00 53.14  ? 16 LEU B CD2 1 
ATOM   325  N N   . VAL B 1 17 ? 0.560   12.197  5.076   1.00 50.44  ? 17 VAL B N   1 
ATOM   326  C CA  . VAL B 1 17 ? -0.763  12.626  5.464   1.00 50.44  ? 17 VAL B CA  1 
ATOM   327  C C   . VAL B 1 17 ? -1.361  13.592  4.467   1.00 50.44  ? 17 VAL B C   1 
ATOM   328  O O   . VAL B 1 17 ? -0.742  14.590  4.112   1.00 50.44  ? 17 VAL B O   1 
ATOM   329  C CB  . VAL B 1 17 ? -0.767  13.206  6.895   1.00 50.44  ? 17 VAL B CB  1 
ATOM   330  C CG1 . VAL B 1 17 ? -2.128  13.769  7.258   1.00 50.44  ? 17 VAL B CG1 1 
ATOM   331  C CG2 . VAL B 1 17 ? -0.262  12.202  7.921   1.00 50.44  ? 17 VAL B CG2 1 
ATOM   332  N N   . HIS B 1 18 ? -2.554  13.292  3.986   1.00 51.28  ? 18 HIS B N   1 
ATOM   333  C CA  . HIS B 1 18 ? -3.222  14.225  3.114   1.00 51.28  ? 18 HIS B CA  1 
ATOM   334  C C   . HIS B 1 18 ? -4.371  14.717  3.955   1.00 51.28  ? 18 HIS B C   1 
ATOM   335  O O   . HIS B 1 18 ? -5.242  13.942  4.329   1.00 51.28  ? 18 HIS B O   1 
ATOM   336  C CB  . HIS B 1 18 ? -3.758  13.514  1.885   1.00 51.28  ? 18 HIS B CB  1 
ATOM   337  C CG  . HIS B 1 18 ? -2.695  13.055  0.939   1.00 51.28  ? 18 HIS B CG  1 
ATOM   338  N ND1 . HIS B 1 18 ? -2.323  13.783  -0.171  1.00 51.28  ? 18 HIS B ND1 1 
ATOM   339  C CD2 . HIS B 1 18 ? -1.931  11.938  0.928   1.00 51.28  ? 18 HIS B CD2 1 
ATOM   340  C CE1 . HIS B 1 18 ? -1.372  13.136  -0.821  1.00 51.28  ? 18 HIS B CE1 1 
ATOM   341  N NE2 . HIS B 1 18 ? -1.118  12.012  -0.176  1.00 51.28  ? 18 HIS B NE2 1 
ATOM   342  N N   . SER B 1 19 ? -4.381  16.001  4.263   1.00 48.44  ? 19 SER B N   1 
ATOM   343  C CA  . SER B 1 19 ? -5.470  16.560  5.040   1.00 48.44  ? 19 SER B CA  1 
ATOM   344  C C   . SER B 1 19 ? -6.088  17.736  4.323   1.00 48.44  ? 19 SER B C   1 
ATOM   345  O O   . SER B 1 19 ? -5.385  18.649  3.911   1.00 48.44  ? 19 SER B O   1 
ATOM   346  C CB  . SER B 1 19 ? -4.977  16.980  6.421   1.00 48.44  ? 19 SER B CB  1 
ATOM   347  O OG  . SER B 1 19 ? -3.807  17.769  6.323   1.00 48.44  ? 19 SER B OG  1 
ATOM   348  N N   . SER B 1 20 ? -7.401  17.721  4.159   1.00 48.49  ? 20 SER B N   1 
ATOM   349  C CA  . SER B 1 20 ? -8.053  18.868  3.556   1.00 48.49  ? 20 SER B CA  1 
ATOM   350  C C   . SER B 1 20 ? -9.173  19.395  4.405   1.00 48.49  ? 20 SER B C   1 
ATOM   351  O O   . SER B 1 20 ? -10.066 18.650  4.784   1.00 48.49  ? 20 SER B O   1 
ATOM   352  C CB  . SER B 1 20 ? -8.593  18.522  2.172   1.00 48.49  ? 20 SER B CB  1 
ATOM   353  O OG  . SER B 1 20 ? -9.270  19.619  1.592   1.00 48.49  ? 20 SER B OG  1 
ATOM   354  N N   . ASN B 1 21 ? -9.146  20.677  4.707   1.00 44.08  ? 21 ASN B N   1 
ATOM   355  C CA  . ASN B 1 21 ? -10.257 21.257  5.420   1.00 44.08  ? 21 ASN B CA  1 
ATOM   356  C C   . ASN B 1 21 ? -10.862 22.140  4.363   1.00 44.08  ? 21 ASN B C   1 
ATOM   357  O O   . ASN B 1 21 ? -10.200 23.035  3.856   1.00 44.08  ? 21 ASN B O   1 
ATOM   358  C CB  . ASN B 1 21 ? -9.781  22.118  6.582   1.00 44.08  ? 21 ASN B CB  1 
ATOM   359  C CG  . ASN B 1 21 ? -9.095  21.318  7.668   1.00 44.08  ? 21 ASN B CG  1 
ATOM   360  O OD1 . ASN B 1 21 ? -8.377  21.875  8.497   1.00 44.08  ? 21 ASN B OD1 1 
ATOM   361  N ND2 . ASN B 1 21 ? -9.311  20.010  7.673   1.00 44.08  ? 21 ASN B ND2 1 
ATOM   362  N N   . ASN B 1 22 ? -12.112 21.899  4.015   1.00 41.80  ? 22 ASN B N   1 
ATOM   363  C CA  . ASN B 1 22 ? -12.725 22.679  2.966   1.00 41.80  ? 22 ASN B CA  1 
ATOM   364  C C   . ASN B 1 22 ? -13.897 23.426  3.524   1.00 41.80  ? 22 ASN B C   1 
ATOM   365  O O   . ASN B 1 22 ? -14.744 22.842  4.177   1.00 41.80  ? 22 ASN B O   1 
ATOM   366  C CB  . ASN B 1 22 ? -13.177 21.789  1.812   1.00 41.80  ? 22 ASN B CB  1 
ATOM   367  C CG  . ASN B 1 22 ? -13.718 22.586  0.640   1.00 41.80  ? 22 ASN B CG  1 
ATOM   368  O OD1 . ASN B 1 22 ? -13.336 23.736  0.428   1.00 41.80  ? 22 ASN B OD1 1 
ATOM   369  N ND2 . ASN B 1 22 ? -14.602 21.973  -0.135  1.00 41.80  ? 22 ASN B ND2 1 
ATOM   370  N N   . PHE B 1 23 ? -13.937 24.727  3.297   1.00 39.23  ? 23 PHE B N   1 
ATOM   371  C CA  . PHE B 1 23 ? -15.069 25.522  3.723   1.00 39.23  ? 23 PHE B CA  1 
ATOM   372  C C   . PHE B 1 23 ? -15.343 26.286  2.461   1.00 39.23  ? 23 PHE B C   1 
ATOM   373  O O   . PHE B 1 23 ? -15.170 27.500  2.419   1.00 39.23  ? 23 PHE B O   1 
ATOM   374  C CB  . PHE B 1 23 ? -14.666 26.488  4.828   1.00 39.23  ? 23 PHE B CB  1 
ATOM   375  C CG  . PHE B 1 23 ? -14.029 25.832  6.019   1.00 39.23  ? 23 PHE B CG  1 
ATOM   376  C CD1 . PHE B 1 23 ? -12.672 25.553  6.035   1.00 39.23  ? 23 PHE B CD1 1 
ATOM   377  C CD2 . PHE B 1 23 ? -14.783 25.519  7.133   1.00 39.23  ? 23 PHE B CD2 1 
ATOM   378  C CE1 . PHE B 1 23 ? -12.086 24.956  7.131   1.00 39.23  ? 23 PHE B CE1 1 
ATOM   379  C CE2 . PHE B 1 23 ? -14.201 24.924  8.235   1.00 39.23  ? 23 PHE B CE2 1 
ATOM   380  C CZ  . PHE B 1 23 ? -12.851 24.640  8.233   1.00 39.23  ? 23 PHE B CZ  1 
ATOM   381  N N   . GLY B 1 24 ? -15.777 25.591  1.421   1.00 41.59  ? 24 GLY B N   1 
ATOM   382  C CA  . GLY B 1 24 ? -15.945 26.246  0.141   1.00 41.59  ? 24 GLY B CA  1 
ATOM   383  C C   . GLY B 1 24 ? -16.055 25.196  -0.937  1.00 41.59  ? 24 GLY B C   1 
ATOM   384  O O   . GLY B 1 24 ? -16.449 24.068  -0.659  1.00 41.59  ? 24 GLY B O   1 
ATOM   385  N N   . ALA B 1 25 ? -15.730 25.557  -2.170  1.00 45.48  ? 25 ALA B N   1 
ATOM   386  C CA  . ALA B 1 25 ? -15.898 24.618  -3.269  1.00 45.48  ? 25 ALA B CA  1 
ATOM   387  C C   . ALA B 1 25 ? -14.614 24.128  -3.900  1.00 45.48  ? 25 ALA B C   1 
ATOM   388  O O   . ALA B 1 25 ? -13.762 24.922  -4.271  1.00 45.48  ? 25 ALA B O   1 
ATOM   389  C CB  . ALA B 1 25 ? -16.790 25.228  -4.334  1.00 45.48  ? 25 ALA B CB  1 
ATOM   390  N N   . ILE B 1 26 ? -14.463 22.816  -4.024  1.00 45.34  ? 26 ILE B N   1 
ATOM   391  C CA  . ILE B 1 26 ? -13.302 22.282  -4.715  1.00 45.34  ? 26 ILE B CA  1 
ATOM   392  C C   . ILE B 1 26 ? -13.825 21.524  -5.917  1.00 45.34  ? 26 ILE B C   1 
ATOM   393  O O   . ILE B 1 26 ? -14.672 20.651  -5.768  1.00 45.34  ? 26 ILE B O   1 
ATOM   394  C CB  . ILE B 1 26 ? -12.509 21.305  -3.836  1.00 45.34  ? 26 ILE B CB  1 
ATOM   395  C CG1 . ILE B 1 26 ? -11.978 22.006  -2.590  1.00 45.34  ? 26 ILE B CG1 1 
ATOM   396  C CG2 . ILE B 1 26 ? -11.350 20.702  -4.611  1.00 45.34  ? 26 ILE B CG2 1 
ATOM   397  C CD1 . ILE B 1 26 ? -11.089 21.129  -1.736  1.00 45.34  ? 26 ILE B CD1 1 
ATOM   398  N N   . LEU B 1 27 ? -13.341 21.848  -7.107  1.00 47.47  ? 27 LEU B N   1 
ATOM   399  C CA  . LEU B 1 27 ? -13.747 21.104  -8.293  1.00 47.47  ? 27 LEU B CA  1 
ATOM   400  C C   . LEU B 1 27 ? -12.530 20.413  -8.866  1.00 47.47  ? 27 LEU B C   1 
ATOM   401  O O   . LEU B 1 27 ? -11.550 21.064  -9.198  1.00 47.47  ? 27 LEU B O   1 
ATOM   402  C CB  . LEU B 1 27 ? -14.351 22.037  -9.339  1.00 47.47  ? 27 LEU B CB  1 
ATOM   403  C CG  . LEU B 1 27 ? -15.682 22.727  -9.026  1.00 47.47  ? 27 LEU B CG  1 
ATOM   404  C CD1 . LEU B 1 27 ? -15.471 24.047  -8.298  1.00 47.47  ? 27 LEU B CD1 1 
ATOM   405  C CD2 . LEU B 1 27 ? -16.448 22.964  -10.318 1.00 47.47  ? 27 LEU B CD2 1 
ATOM   406  N N   . SER B 1 28 ? -12.580 19.093  -8.982  1.00 50.94  ? 28 SER B N   1 
ATOM   407  C CA  . SER B 1 28 ? -11.425 18.360  -9.470  1.00 50.94  ? 28 SER B CA  1 
ATOM   408  C C   . SER B 1 28 ? -11.752 17.426  -10.612 1.00 50.94  ? 28 SER B C   1 
ATOM   409  O O   . SER B 1 28 ? -12.657 16.607  -10.502 1.00 50.94  ? 28 SER B O   1 
ATOM   410  C CB  . SER B 1 28 ? -10.795 17.569  -8.333  1.00 50.94  ? 28 SER B CB  1 
ATOM   411  O OG  . SER B 1 28 ? -10.441 18.419  -7.260  1.00 50.94  ? 28 SER B OG  1 
ATOM   412  N N   . SER B 1 29 ? -11.015 17.533  -11.710 1.00 53.66  ? 29 SER B N   1 
ATOM   413  C CA  . SER B 1 29 ? -11.215 16.620  -12.827 1.00 53.66  ? 29 SER B CA  1 
ATOM   414  C C   . SER B 1 29 ? -9.885  16.046  -13.263 1.00 53.66  ? 29 SER B C   1 
ATOM   415  O O   . SER B 1 29 ? -8.920  16.783  -13.429 1.00 53.66  ? 29 SER B O   1 
ATOM   416  C CB  . SER B 1 29 ? -11.885 17.335  -13.995 1.00 53.66  ? 29 SER B CB  1 
ATOM   417  O OG  . SER B 1 29 ? -11.132 18.461  -14.403 1.00 53.66  ? 29 SER B OG  1 
ATOM   418  N N   . THR B 1 30 ? -9.816  14.734  -13.447 1.00 51.96  ? 30 THR B N   1 
ATOM   419  C CA  . THR B 1 30 ? -8.584  14.146  -13.938 1.00 51.96  ? 30 THR B CA  1 
ATOM   420  C C   . THR B 1 30 ? -8.784  13.375  -15.218 1.00 51.96  ? 30 THR B C   1 
ATOM   421  O O   . THR B 1 30 ? -9.676  12.542  -15.300 1.00 51.96  ? 30 THR B O   1 
ATOM   422  C CB  . THR B 1 30 ? -7.956  13.180  -12.922 1.00 51.96  ? 30 THR B CB  1 
ATOM   423  O OG1 . THR B 1 30 ? -8.761  12.005  -12.819 1.00 51.96  ? 30 THR B OG1 1 
ATOM   424  C CG2 . THR B 1 30 ? -7.830  13.825  -11.560 1.00 51.96  ? 30 THR B CG2 1 
ATOM   425  N N   . ASN B 1 31 ? -7.982  13.654  -16.236 1.00 51.52  ? 31 ASN B N   1 
ATOM   426  C CA  . ASN B 1 31 ? -8.049  12.864  -17.452 1.00 51.52  ? 31 ASN B CA  1 
ATOM   427  C C   . ASN B 1 31 ? -6.665  12.294  -17.642 1.00 51.52  ? 31 ASN B C   1 
ATOM   428  O O   . ASN B 1 31 ? -5.716  13.040  -17.830 1.00 51.52  ? 31 ASN B O   1 
ATOM   429  C CB  . ASN B 1 31 ? -8.390  13.732  -18.657 1.00 51.52  ? 31 ASN B CB  1 
ATOM   430  C CG  . ASN B 1 31 ? -9.801  14.286  -18.613 1.00 51.52  ? 31 ASN B CG  1 
ATOM   431  O OD1 . ASN B 1 31 ? -10.112 15.256  -19.303 1.00 51.52  ? 31 ASN B OD1 1 
ATOM   432  N ND2 . ASN B 1 31 ? -10.659 13.677  -17.811 1.00 51.52  ? 31 ASN B ND2 1 
ATOM   433  N N   . VAL B 1 32 ? -6.527  10.978  -17.610 1.00 49.96  ? 32 VAL B N   1 
ATOM   434  C CA  . VAL B 1 32 ? -5.231  10.375  -17.876 1.00 49.96  ? 32 VAL B CA  1 
ATOM   435  C C   . VAL B 1 32 ? -5.396  9.329   -18.959 1.00 49.96  ? 32 VAL B C   1 
ATOM   436  O O   . VAL B 1 32 ? -6.280  8.487   -18.876 1.00 49.96  ? 32 VAL B O   1 
ATOM   437  C CB  . VAL B 1 32 ? -4.605  9.758   -16.615 1.00 49.96  ? 32 VAL B CB  1 
ATOM   438  C CG1 . VAL B 1 32 ? -3.445  8.845   -16.978 1.00 49.96  ? 32 VAL B CG1 1 
ATOM   439  C CG2 . VAL B 1 32 ? -4.130  10.852  -15.675 1.00 49.96  ? 32 VAL B CG2 1 
ATOM   440  N N   . GLY B 1 33 ? -4.562  9.390   -19.989 1.00 54.30  ? 33 GLY B N   1 
ATOM   441  C CA  . GLY B 1 33 ? -4.646  8.430   -21.070 1.00 54.30  ? 33 GLY B CA  1 
ATOM   442  C C   . GLY B 1 33 ? -6.018  8.454   -21.687 1.00 54.30  ? 33 GLY B C   1 
ATOM   443  O O   . GLY B 1 33 ? -6.549  7.420   -22.071 1.00 54.30  ? 33 GLY B O   1 
ATOM   444  N N   . SER B 1 34 ? -6.597  9.638   -21.808 1.00 59.39  ? 34 SER B N   1 
ATOM   445  C CA  . SER B 1 34 ? -7.951  9.720   -22.312 1.00 59.39  ? 34 SER B CA  1 
ATOM   446  C C   . SER B 1 34 ? -7.982  10.273  -23.714 1.00 59.39  ? 34 SER B C   1 
ATOM   447  O O   . SER B 1 34 ? -7.415  11.323  -23.990 1.00 59.39  ? 34 SER B O   1 
ATOM   448  C CB  . SER B 1 34 ? -8.800  10.599  -21.398 1.00 59.39  ? 34 SER B CB  1 
ATOM   449  O OG  . SER B 1 34 ? -8.327  11.931  -21.398 1.00 59.39  ? 34 SER B OG  1 
ATOM   450  N N   . ASN B 1 35 ? -8.654  9.568   -24.608 1.00 65.71  ? 35 ASN B N   1 
ATOM   451  C CA  . ASN B 1 35 ? -8.771  10.059  -25.960 1.00 65.71  ? 35 ASN B CA  1 
ATOM   452  C C   . ASN B 1 35 ? -10.180 10.563  -26.161 1.00 65.71  ? 35 ASN B C   1 
ATOM   453  O O   . ASN B 1 35 ? -11.139 9.824   -25.981 1.00 65.71  ? 35 ASN B O   1 
ATOM   454  C CB  . ASN B 1 35 ? -8.464  8.949   -26.953 1.00 65.71  ? 35 ASN B CB  1 
ATOM   455  C CG  . ASN B 1 35 ? -7.030  8.471   -26.865 1.00 65.71  ? 35 ASN B CG  1 
ATOM   456  O OD1 . ASN B 1 35 ? -6.192  9.096   -26.217 1.00 65.71  ? 35 ASN B OD1 1 
ATOM   457  N ND2 . ASN B 1 35 ? -6.742  7.357   -27.524 1.00 65.71  ? 35 ASN B ND2 1 
ATOM   458  N N   . THR B 1 36 ? -10.312 11.823  -26.541 1.00 69.85  ? 36 THR B N   1 
ATOM   459  C CA  . THR B 1 36 ? -11.630 12.389  -26.767 1.00 69.85  ? 36 THR B CA  1 
ATOM   460  C C   . THR B 1 36 ? -11.777 12.714  -28.237 1.00 69.85  ? 36 THR B C   1 
ATOM   461  O O   . THR B 1 36 ? -10.894 13.314  -28.835 1.00 69.85  ? 36 THR B O   1 
ATOM   462  C CB  . THR B 1 36 ? -11.880 13.650  -25.919 1.00 69.85  ? 36 THR B CB  1 
ATOM   463  O OG1 . THR B 1 36 ? -11.300 14.791  -26.558 1.00 69.85  ? 36 THR B OG1 1 
ATOM   464  C CG2 . THR B 1 36 ? -11.292 13.490  -24.523 1.00 69.85  ? 36 THR B CG2 1 
HETATM 465  N N   . TYC B 1 37 ? -12.800 12.274  -28.832 1.00 20.00  ? 37 TYC B N   1 
HETATM 466  C CA  . TYC B 1 37 ? -13.011 12.466  -30.273 1.00 20.00  ? 37 TYC B CA  1 
HETATM 467  C C   . TYC B 1 37 ? -14.203 13.364  -30.490 1.00 20.00  ? 37 TYC B C   1 
HETATM 468  O O   . TYC B 1 37 ? -15.109 13.371  -29.686 1.00 20.00  ? 37 TYC B O   1 
HETATM 469  C CB  . TYC B 1 37 ? -13.266 11.111  -30.934 1.00 20.00  ? 37 TYC B CB  1 
HETATM 470  C CG  . TYC B 1 37 ? -12.050 10.237  -30.775 1.00 20.00  ? 37 TYC B CG  1 
HETATM 471  C CD1 . TYC B 1 37 ? -11.853 9.536   -29.600 1.00 20.00  ? 37 TYC B CD1 1 
HETATM 472  C CD2 . TYC B 1 37 ? -11.135 10.133  -31.807 1.00 20.00  ? 37 TYC B CD2 1 
HETATM 473  C CE1 . TYC B 1 37 ? -10.737 8.734   -29.452 1.00 20.00  ? 37 TYC B CE1 1 
HETATM 474  C CE2 . TYC B 1 37 ? -10.016 9.337   -31.662 1.00 20.00  ? 37 TYC B CE2 1 
HETATM 475  O OH  . TYC B 1 37 ? -8.716  7.844   -30.340 1.00 20.00  ? 37 TYC B OH  1 
HETATM 476  C CZ  . TYC B 1 37 ? -9.816  8.632   -30.483 1.00 20.00  ? 37 TYC B CZ  1 
HETATM 477  N NXT . TYC B 1 37 ? -14.258 14.157  -31.577 1.00 20.00  ? 37 TYC B NXT 1 
ATOM   478  N N   . ARG C 1 11 ? 22.574  -24.376 -28.311 1.00 164.35 ? 11 ARG C N   1 
ATOM   479  C CA  . ARG C 1 11 ? 22.143  -24.590 -26.937 1.00 164.35 ? 11 ARG C CA  1 
ATOM   480  C C   . ARG C 1 11 ? 22.065  -23.270 -26.182 1.00 164.35 ? 11 ARG C C   1 
ATOM   481  O O   . ARG C 1 11 ? 23.081  -22.720 -25.776 1.00 164.35 ? 11 ARG C O   1 
ATOM   482  C CB  . ARG C 1 11 ? 23.091  -25.560 -26.227 1.00 164.35 ? 11 ARG C CB  1 
ATOM   483  C CG  . ARG C 1 11 ? 22.690  -25.906 -24.802 1.00 164.35 ? 11 ARG C CG  1 
ATOM   484  C CD  . ARG C 1 11 ? 23.438  -27.132 -24.315 1.00 164.35 ? 11 ARG C CD  1 
ATOM   485  N NE  . ARG C 1 11 ? 23.210  -28.278 -25.190 1.00 164.35 ? 11 ARG C NE  1 
ATOM   486  C CZ  . ARG C 1 11 ? 23.765  -29.472 -25.016 1.00 164.35 ? 11 ARG C CZ  1 
ATOM   487  N NH1 . ARG C 1 11 ? 24.584  -29.683 -23.997 1.00 164.35 ? 11 ARG C NH1 1 
ATOM   488  N NH2 . ARG C 1 11 ? 23.500  -30.458 -25.864 1.00 164.35 ? 11 ARG C NH2 1 
ATOM   489  N N   . LEU C 1 12 ? 20.855  -22.761 -25.989 1.00 152.89 ? 12 LEU C N   1 
ATOM   490  C CA  . LEU C 1 12 ? 20.712  -21.471 -25.329 1.00 152.89 ? 12 LEU C CA  1 
ATOM   491  C C   . LEU C 1 12 ? 20.121  -21.643 -23.942 1.00 152.89 ? 12 LEU C C   1 
ATOM   492  O O   . LEU C 1 12 ? 19.062  -22.243 -23.784 1.00 152.89 ? 12 LEU C O   1 
ATOM   493  C CB  . LEU C 1 12 ? 19.823  -20.538 -26.152 1.00 152.89 ? 12 LEU C CB  1 
ATOM   494  C CG  . LEU C 1 12 ? 20.119  -20.404 -27.648 1.00 152.89 ? 12 LEU C CG  1 
ATOM   495  C CD1 . LEU C 1 12 ? 19.115  -19.472 -28.308 1.00 152.89 ? 12 LEU C CD1 1 
ATOM   496  C CD2 . LEU C 1 12 ? 21.542  -19.933 -27.906 1.00 152.89 ? 12 LEU C CD2 1 
ATOM   497  N N   . ALA C 1 13 ? 20.803  -21.114 -22.935 1.00 138.94 ? 13 ALA C N   1 
ATOM   498  C CA  . ALA C 1 13 ? 20.307  -21.221 -21.572 1.00 138.94 ? 13 ALA C CA  1 
ATOM   499  C C   . ALA C 1 13 ? 20.029  -19.854 -20.976 1.00 138.94 ? 13 ALA C C   1 
ATOM   500  O O   . ALA C 1 13 ? 20.887  -18.980 -20.996 1.00 138.94 ? 13 ALA C O   1 
ATOM   501  C CB  . ALA C 1 13 ? 21.295  -21.985 -20.707 1.00 138.94 ? 13 ALA C CB  1 
ATOM   502  N N   . ASN C 1 14 ? 18.830  -19.663 -20.448 1.00 120.12 ? 14 ASN C N   1 
ATOM   503  C CA  . ASN C 1 14 ? 18.516  -18.403 -19.794 1.00 120.12 ? 14 ASN C CA  1 
ATOM   504  C C   . ASN C 1 14 ? 18.139  -18.681 -18.357 1.00 120.12 ? 14 ASN C C   1 
ATOM   505  O O   . ASN C 1 14 ? 17.283  -19.517 -18.091 1.00 120.12 ? 14 ASN C O   1 
ATOM   506  C CB  . ASN C 1 14 ? 17.364  -17.696 -20.506 1.00 120.12 ? 14 ASN C CB  1 
ATOM   507  C CG  . ASN C 1 14 ? 16.993  -16.380 -19.850 1.00 120.12 ? 14 ASN C CG  1 
ATOM   508  O OD1 . ASN C 1 14 ? 17.838  -15.698 -19.270 1.00 120.12 ? 14 ASN C OD1 1 
ATOM   509  N ND2 . ASN C 1 14 ? 15.723  -16.011 -19.948 1.00 120.12 ? 14 ASN C ND2 1 
ATOM   510  N N   . PHE C 1 15 ? 18.730  -17.946 -17.428 1.00 109.15 ? 15 PHE C N   1 
ATOM   511  C CA  . PHE C 1 15 ? 18.435  -18.148 -16.022 1.00 109.15 ? 15 PHE C CA  1 
ATOM   512  C C   . PHE C 1 15 ? 17.981  -16.848 -15.388 1.00 109.15 ? 15 PHE C C   1 
ATOM   513  O O   . PHE C 1 15 ? 18.772  -15.920 -15.250 1.00 109.15 ? 15 PHE C O   1 
ATOM   514  C CB  . PHE C 1 15 ? 19.676  -18.661 -15.310 1.00 109.15 ? 15 PHE C CB  1 
ATOM   515  C CG  . PHE C 1 15 ? 19.382  -19.448 -14.075 1.00 109.15 ? 15 PHE C CG  1 
ATOM   516  C CD1 . PHE C 1 15 ? 19.075  -18.811 -12.890 1.00 109.15 ? 15 PHE C CD1 1 
ATOM   517  C CD2 . PHE C 1 15 ? 19.420  -20.830 -14.099 1.00 109.15 ? 15 PHE C CD2 1 
ATOM   518  C CE1 . PHE C 1 15 ? 18.809  -19.539 -11.747 1.00 109.15 ? 15 PHE C CE1 1 
ATOM   519  C CE2 . PHE C 1 15 ? 19.153  -21.565 -12.963 1.00 109.15 ? 15 PHE C CE2 1 
ATOM   520  C CZ  . PHE C 1 15 ? 18.846  -20.919 -11.783 1.00 109.15 ? 15 PHE C CZ  1 
ATOM   521  N N   . LEU C 1 16 ? 16.717  -16.767 -15.000 1.00 87.83  ? 16 LEU C N   1 
ATOM   522  C CA  . LEU C 1 16 ? 16.211  -15.531 -14.443 1.00 87.83  ? 16 LEU C CA  1 
ATOM   523  C C   . LEU C 1 16 ? 15.774  -15.782 -13.021 1.00 87.83  ? 16 LEU C C   1 
ATOM   524  O O   . LEU C 1 16 ? 14.991  -16.690 -12.766 1.00 87.83  ? 16 LEU C O   1 
ATOM   525  C CB  . LEU C 1 16 ? 15.042  -15.011 -15.279 1.00 87.83  ? 16 LEU C CB  1 
ATOM   526  C CG  . LEU C 1 16 ? 14.600  -13.554 -15.115 1.00 87.83  ? 16 LEU C CG  1 
ATOM   527  C CD1 . LEU C 1 16 ? 14.050  -13.022 -16.428 1.00 87.83  ? 16 LEU C CD1 1 
ATOM   528  C CD2 . LEU C 1 16 ? 13.595  -13.359 -13.989 1.00 87.83  ? 16 LEU C CD2 1 
ATOM   529  N N   . VAL C 1 17 ? 16.274  -14.992 -12.083 1.00 71.64  ? 17 VAL C N   1 
ATOM   530  C CA  . VAL C 1 17 ? 15.819  -15.127 -10.714 1.00 71.64  ? 17 VAL C CA  1 
ATOM   531  C C   . VAL C 1 17 ? 15.266  -13.809 -10.247 1.00 71.64  ? 17 VAL C C   1 
ATOM   532  O O   . VAL C 1 17 ? 15.961  -12.801 -10.286 1.00 71.64  ? 17 VAL C O   1 
ATOM   533  C CB  . VAL C 1 17 ? 16.971  -15.508 -9.770  1.00 71.64  ? 17 VAL C CB  1 
ATOM   534  C CG1 . VAL C 1 17 ? 16.457  -15.702 -8.354  1.00 71.64  ? 17 VAL C CG1 1 
ATOM   535  C CG2 . VAL C 1 17 ? 17.679  -16.760 -10.256 1.00 71.64  ? 17 VAL C CG2 1 
ATOM   536  N N   . HIS C 1 18 ? 14.018  -13.789 -9.807  1.00 67.07  ? 18 HIS C N   1 
ATOM   537  C CA  . HIS C 1 18 ? 13.485  -12.571 -9.237  1.00 67.07  ? 18 HIS C CA  1 
ATOM   538  C C   . HIS C 1 18 ? 13.173  -12.951 -7.813  1.00 67.07  ? 18 HIS C C   1 
ATOM   539  O O   . HIS C 1 18 ? 12.336  -13.808 -7.567  1.00 67.07  ? 18 HIS C O   1 
ATOM   540  C CB  . HIS C 1 18 ? 12.213  -12.144 -9.955  1.00 67.07  ? 18 HIS C CB  1 
ATOM   541  C CG  . HIS C 1 18 ? 11.665  -10.835 -9.484  1.00 67.07  ? 18 HIS C CG  1 
ATOM   542  N ND1 . HIS C 1 18 ? 11.790  -9.671  -10.214 1.00 67.07  ? 18 HIS C ND1 1 
ATOM   543  C CD2 . HIS C 1 18 ? 10.994  -10.500 -8.357  1.00 67.07  ? 18 HIS C CD2 1 
ATOM   544  C CE1 . HIS C 1 18 ? 11.215  -8.680  -9.559  1.00 67.07  ? 18 HIS C CE1 1 
ATOM   545  N NE2 . HIS C 1 18 ? 10.725  -9.155  -8.428  1.00 67.07  ? 18 HIS C NE2 1 
ATOM   546  N N   . SER C 1 19 ? 13.844  -12.318 -6.867  1.00 60.62  ? 19 SER C N   1 
ATOM   547  C CA  . SER C 1 19 ? 13.626  -12.656 -5.478  1.00 60.62  ? 19 SER C CA  1 
ATOM   548  C C   . SER C 1 19 ? 13.297  -11.431 -4.672  1.00 60.62  ? 19 SER C C   1 
ATOM   549  O O   . SER C 1 19 ? 14.021  -10.446 -4.717  1.00 60.62  ? 19 SER C O   1 
ATOM   550  C CB  . SER C 1 19 ? 14.852  -13.352 -4.894  1.00 60.62  ? 19 SER C CB  1 
ATOM   551  O OG  . SER C 1 19 ? 16.007  -12.548 -5.029  1.00 60.62  ? 19 SER C OG  1 
ATOM   552  N N   . SER C 1 20 ? 12.205  -11.478 -3.930  1.00 54.76  ? 20 SER C N   1 
ATOM   553  C CA  . SER C 1 20 ? 11.893  -10.366 -3.060  1.00 54.76  ? 20 SER C CA  1 
ATOM   554  C C   . SER C 1 20 ? 11.796  -10.889 -1.654  1.00 54.76  ? 20 SER C C   1 
ATOM   555  O O   . SER C 1 20 ? 11.021  -11.795 -1.379  1.00 54.76  ? 20 SER C O   1 
ATOM   556  C CB  . SER C 1 20 ? 10.577  -9.716  -3.469  1.00 54.76  ? 20 SER C CB  1 
ATOM   557  O OG  . SER C 1 20 ? 10.248  -8.656  -2.590  1.00 54.76  ? 20 SER C OG  1 
ATOM   558  N N   . ASN C 1 21 ? 12.578  -10.325 -0.754  1.00 53.92  ? 21 ASN C N   1 
ATOM   559  C CA  . ASN C 1 21 ? 12.484  -10.725 0.631   1.00 53.92  ? 21 ASN C CA  1 
ATOM   560  C C   . ASN C 1 21 ? 12.103  -9.489  1.400   1.00 53.92  ? 21 ASN C C   1 
ATOM   561  O O   . ASN C 1 21 ? 12.747  -8.455  1.272   1.00 53.92  ? 21 ASN C O   1 
ATOM   562  C CB  . ASN C 1 21 ? 13.824  -11.246 1.137   1.00 53.92  ? 21 ASN C CB  1 
ATOM   563  C CG  . ASN C 1 21 ? 14.282  -12.496 0.410   1.00 53.92  ? 21 ASN C CG  1 
ATOM   564  O OD1 . ASN C 1 21 ? 15.480  -12.753 0.303   1.00 53.92  ? 21 ASN C OD1 1 
ATOM   565  N ND2 . ASN C 1 21 ? 13.336  -13.278 -0.090  1.00 53.92  ? 21 ASN C ND2 1 
ATOM   566  N N   . ASN C 1 22 ? 11.055  -9.578  2.201   1.00 50.64  ? 22 ASN C N   1 
ATOM   567  C CA  . ASN C 1 22 ? 10.686  -8.445  3.021   1.00 50.64  ? 22 ASN C CA  1 
ATOM   568  C C   . ASN C 1 22 ? 10.802  -8.831  4.465   1.00 50.64  ? 22 ASN C C   1 
ATOM   569  O O   . ASN C 1 22 ? 10.284  -9.859  4.871   1.00 50.64  ? 22 ASN C O   1 
ATOM   570  C CB  . ASN C 1 22 ? 9.262   -7.998  2.729   1.00 50.64  ? 22 ASN C CB  1 
ATOM   571  C CG  . ASN C 1 22 ? 8.842   -6.813  3.571   1.00 50.64  ? 22 ASN C CG  1 
ATOM   572  O OD1 . ASN C 1 22 ? 9.663   -5.972  3.931   1.00 50.64  ? 22 ASN C OD1 1 
ATOM   573  N ND2 . ASN C 1 22 ? 7.559   -6.738  3.886   1.00 50.64  ? 22 ASN C ND2 1 
ATOM   574  N N   . PHE C 1 23 ? 11.507  -8.029  5.242   1.00 48.27  ? 23 PHE C N   1 
ATOM   575  C CA  . PHE C 1 23 ? 11.599  -8.276  6.663   1.00 48.27  ? 23 PHE C CA  1 
ATOM   576  C C   . PHE C 1 23 ? 11.301  -6.913  7.215   1.00 48.27  ? 23 PHE C C   1 
ATOM   577  O O   . PHE C 1 23 ? 12.165  -6.280  7.812   1.00 48.27  ? 23 PHE C O   1 
ATOM   578  C CB  . PHE C 1 23 ? 13.016  -8.670  7.060   1.00 48.27  ? 23 PHE C CB  1 
ATOM   579  C CG  . PHE C 1 23 ? 13.468  -9.994  6.515   1.00 48.27  ? 23 PHE C CG  1 
ATOM   580  C CD1 . PHE C 1 23 ? 13.902  -10.114 5.206   1.00 48.27  ? 23 PHE C CD1 1 
ATOM   581  C CD2 . PHE C 1 23 ? 13.495  -11.110 7.327   1.00 48.27  ? 23 PHE C CD2 1 
ATOM   582  C CE1 . PHE C 1 23 ? 14.328  -11.328 4.712   1.00 48.27  ? 23 PHE C CE1 1 
ATOM   583  C CE2 . PHE C 1 23 ? 13.924  -12.329 6.841   1.00 48.27  ? 23 PHE C CE2 1 
ATOM   584  C CZ  . PHE C 1 23 ? 14.339  -12.438 5.530   1.00 48.27  ? 23 PHE C CZ  1 
ATOM   585  N N   . GLY C 1 24 ? 10.077  -6.447  7.027   1.00 50.56  ? 24 GLY C N   1 
ATOM   586  C CA  . GLY C 1 24 ? 9.754   -5.099  7.441   1.00 50.56  ? 24 GLY C CA  1 
ATOM   587  C C   . GLY C 1 24 ? 8.367   -4.733  6.982   1.00 50.56  ? 24 GLY C C   1 
ATOM   588  O O   . GLY C 1 24 ? 7.622   -5.589  6.517   1.00 50.56  ? 24 GLY C O   1 
ATOM   589  N N   . ALA C 1 25 ? 8.009   -3.465  7.108   1.00 51.91  ? 25 ALA C N   1 
ATOM   590  C CA  . ALA C 1 25 ? 6.659   -3.070  6.759   1.00 51.91  ? 25 ALA C CA  1 
ATOM   591  C C   . ALA C 1 25 ? 6.602   -2.327  5.446   1.00 51.91  ? 25 ALA C C   1 
ATOM   592  O O   . ALA C 1 25 ? 7.238   -1.297  5.285   1.00 51.91  ? 25 ALA C O   1 
ATOM   593  C CB  . ALA C 1 25 ? 6.070   -2.216  7.865   1.00 51.91  ? 25 ALA C CB  1 
ATOM   594  N N   . ILE C 1 26 ? 5.833   -2.846  4.500   1.00 47.88  ? 26 ILE C N   1 
ATOM   595  C CA  . ILE C 1 26 ? 5.666   -2.141  3.250   1.00 47.88  ? 26 ILE C CA  1 
ATOM   596  C C   . ILE C 1 26 ? 4.213   -1.782  3.096   1.00 47.88  ? 26 ILE C C   1 
ATOM   597  O O   . ILE C 1 26 ? 3.360   -2.658  3.087   1.00 47.88  ? 26 ILE C O   1 
ATOM   598  C CB  . ILE C 1 26 ? 6.060   -3.018  2.054   1.00 47.88  ? 26 ILE C CB  1 
ATOM   599  C CG1 . ILE C 1 26 ? 7.505   -3.487  2.182   1.00 47.88  ? 26 ILE C CG1 1 
ATOM   600  C CG2 . ILE C 1 26 ? 5.874   -2.261  0.748   1.00 47.88  ? 26 ILE C CG2 1 
ATOM   601  C CD1 . ILE C 1 26 ? 7.988   -4.281  0.990   1.00 47.88  ? 26 ILE C CD1 1 
ATOM   602  N N   . LEU C 1 27 ? 3.911   -0.500  2.967   1.00 51.47  ? 27 LEU C N   1 
ATOM   603  C CA  . LEU C 1 27 ? 2.539   -0.106  2.710   1.00 51.47  ? 27 LEU C CA  1 
ATOM   604  C C   . LEU C 1 27 ? 2.568   0.456   1.312   1.00 51.47  ? 27 LEU C C   1 
ATOM   605  O O   . LEU C 1 27 ? 3.239   1.444   1.047   1.00 51.47  ? 27 LEU C O   1 
ATOM   606  C CB  . LEU C 1 27 ? 2.083   0.942   3.720   1.00 51.47  ? 27 LEU C CB  1 
ATOM   607  C CG  . LEU C 1 27 ? 0.837   1.808   3.518   1.00 51.47  ? 27 LEU C CG  1 
ATOM   608  C CD1 . LEU C 1 27 ? -0.365  1.046   2.995   1.00 51.47  ? 27 LEU C CD1 1 
ATOM   609  C CD2 . LEU C 1 27 ? 0.496   2.536   4.809   1.00 51.47  ? 27 LEU C CD2 1 
ATOM   610  N N   . SER C 1 28 ? 1.844   -0.179  0.406   1.00 47.01  ? 28 SER C N   1 
ATOM   611  C CA  . SER C 1 28 ? 1.810   0.304   -0.952  1.00 47.01  ? 28 SER C CA  1 
ATOM   612  C C   . SER C 1 28 ? 0.395   0.587   -1.354  1.00 47.01  ? 28 SER C C   1 
ATOM   613  O O   . SER C 1 28 ? -0.453  -0.294  -1.299  1.00 47.01  ? 28 SER C O   1 
ATOM   614  C CB  . SER C 1 28 ? 2.412   -0.726  -1.899  1.00 47.01  ? 28 SER C CB  1 
ATOM   615  O OG  . SER C 1 28 ? 2.311   -0.290  -3.243  1.00 47.01  ? 28 SER C OG  1 
ATOM   616  N N   . SER C 1 29 ? 0.123   1.807   -1.780  1.00 48.28  ? 29 SER C N   1 
ATOM   617  C CA  . SER C 1 29 ? -1.205  2.093   -2.268  1.00 48.28  ? 29 SER C CA  1 
ATOM   618  C C   . SER C 1 29 ? -1.125  2.641   -3.666  1.00 48.28  ? 29 SER C C   1 
ATOM   619  O O   . SER C 1 29 ? -0.437  3.623   -3.915  1.00 48.28  ? 29 SER C O   1 
ATOM   620  C CB  . SER C 1 29 ? -1.920  3.080   -1.354  1.00 48.28  ? 29 SER C CB  1 
ATOM   621  O OG  . SER C 1 29 ? -1.254  4.327   -1.335  1.00 48.28  ? 29 SER C OG  1 
ATOM   622  N N   . THR C 1 30 ? -1.828  2.017   -4.595  1.00 51.95  ? 30 THR C N   1 
ATOM   623  C CA  . THR C 1 30 ? -1.865  2.564   -5.930  1.00 51.95  ? 30 THR C CA  1 
ATOM   624  C C   . THR C 1 30 ? -3.298  2.958   -6.172  1.00 51.95  ? 30 THR C C   1 
ATOM   625  O O   . THR C 1 30 ? -4.204  2.142   -6.046  1.00 51.95  ? 30 THR C O   1 
ATOM   626  C CB  . THR C 1 30 ? -1.400  1.556   -6.994  1.00 51.95  ? 30 THR C CB  1 
ATOM   627  O OG1 . THR C 1 30 ? -2.414  0.569   -7.211  1.00 51.95  ? 30 THR C OG1 1 
ATOM   628  C CG2 . THR C 1 30 ? -0.113  0.869   -6.561  1.00 51.95  ? 30 THR C CG2 1 
ATOM   629  N N   . ASN C 1 31 ? -3.520  4.216   -6.497  1.00 50.04  ? 31 ASN C N   1 
ATOM   630  C CA  . ASN C 1 31 ? -4.865  4.646   -6.794  1.00 50.04  ? 31 ASN C CA  1 
ATOM   631  C C   . ASN C 1 31 ? -4.880  5.060   -8.239  1.00 50.04  ? 31 ASN C C   1 
ATOM   632  O O   . ASN C 1 31 ? -4.144  5.952   -8.635  1.00 50.04  ? 31 ASN C O   1 
ATOM   633  C CB  . ASN C 1 31 ? -5.243  5.826   -5.911  1.00 50.04  ? 31 ASN C CB  1 
ATOM   634  C CG  . ASN C 1 31 ? -5.305  5.462   -4.441  1.00 50.04  ? 31 ASN C CG  1 
ATOM   635  O OD1 . ASN C 1 31 ? -5.085  6.306   -3.574  1.00 50.04  ? 31 ASN C OD1 1 
ATOM   636  N ND2 . ASN C 1 31 ? -5.599  4.200   -4.150  1.00 50.04  ? 31 ASN C ND2 1 
ATOM   637  N N   . VAL C 1 32 ? -5.715  4.422   -9.040  1.00 48.07  ? 32 VAL C N   1 
ATOM   638  C CA  . VAL C 1 32 ? -5.827  4.822   -10.424 1.00 48.07  ? 32 VAL C CA  1 
ATOM   639  C C   . VAL C 1 32 ? -7.238  5.303   -10.648 1.00 48.07  ? 32 VAL C C   1 
ATOM   640  O O   . VAL C 1 32 ? -8.186  4.557   -10.437 1.00 48.07  ? 32 VAL C O   1 
ATOM   641  C CB  . VAL C 1 32 ? -5.538  3.648   -11.367 1.00 48.07  ? 32 VAL C CB  1 
ATOM   642  C CG1 . VAL C 1 32 ? -5.502  4.125   -12.808 1.00 48.07  ? 32 VAL C CG1 1 
ATOM   643  C CG2 . VAL C 1 32 ? -4.224  2.980   -10.998 1.00 48.07  ? 32 VAL C CG2 1 
ATOM   644  N N   . GLY C 1 33 ? -7.387  6.550   -11.066 1.00 49.48  ? 33 GLY C N   1 
ATOM   645  C CA  . GLY C 1 33 ? -8.703  7.081   -11.350 1.00 49.48  ? 33 GLY C CA  1 
ATOM   646  C C   . GLY C 1 33 ? -9.658  6.943   -10.195 1.00 49.48  ? 33 GLY C C   1 
ATOM   647  O O   . GLY C 1 33 ? -10.822 6.631   -10.403 1.00 49.48  ? 33 GLY C O   1 
ATOM   648  N N   . SER C 1 34 ? -9.196  7.183   -8.978  1.00 51.89  ? 34 SER C N   1 
ATOM   649  C CA  . SER C 1 34 ? -10.059 6.959   -7.833  1.00 51.89  ? 34 SER C CA  1 
ATOM   650  C C   . SER C 1 34 ? -10.162 8.170   -6.930  1.00 51.89  ? 34 SER C C   1 
ATOM   651  O O   . SER C 1 34 ? -9.210  8.921   -6.769  1.00 51.89  ? 34 SER C O   1 
ATOM   652  C CB  . SER C 1 34 ? -9.559  5.763   -7.036  1.00 51.89  ? 34 SER C CB  1 
ATOM   653  O OG  . SER C 1 34 ? -8.412  6.106   -6.287  1.00 51.89  ? 34 SER C OG  1 
ATOM   654  N N   . ASN C 1 35 ? -11.327 8.363   -6.336  1.00 54.46  ? 35 ASN C N   1 
ATOM   655  C CA  . ASN C 1 35 ? -11.497 9.477   -5.433  1.00 54.46  ? 35 ASN C CA  1 
ATOM   656  C C   . ASN C 1 35 ? -11.428 8.954   -4.018  1.00 54.46  ? 35 ASN C C   1 
ATOM   657  O O   . ASN C 1 35 ? -12.210 8.091   -3.633  1.00 54.46  ? 35 ASN C O   1 
ATOM   658  C CB  . ASN C 1 35 ? -12.841 10.147  -5.675  1.00 54.46  ? 35 ASN C CB  1 
ATOM   659  C CG  . ASN C 1 35 ? -12.916 10.826  -7.022  1.00 54.46  ? 35 ASN C CG  1 
ATOM   660  O OD1 . ASN C 1 35 ? -11.938 11.408  -7.483  1.00 54.46  ? 35 ASN C OD1 1 
ATOM   661  N ND2 . ASN C 1 35 ? -14.082 10.770  -7.656  1.00 54.46  ? 35 ASN C ND2 1 
ATOM   662  N N   . THR C 1 36 ? -10.491 9.476   -3.237  1.00 54.32  ? 36 THR C N   1 
ATOM   663  C CA  . THR C 1 36 ? -10.348 9.035   -1.861  1.00 54.32  ? 36 THR C CA  1 
ATOM   664  C C   . THR C 1 36 ? -10.621 10.191  -0.931  1.00 54.32  ? 36 THR C C   1 
ATOM   665  O O   . THR C 1 36 ? -10.152 11.302  -1.158  1.00 54.32  ? 36 THR C O   1 
ATOM   666  C CB  . THR C 1 36 ? -8.954  8.458   -1.556  1.00 54.32  ? 36 THR C CB  1 
ATOM   667  O OG1 . THR C 1 36 ? -8.061  9.511   -1.179  1.00 54.32  ? 36 THR C OG1 1 
ATOM   668  C CG2 . THR C 1 36 ? -8.397  7.707   -2.757  1.00 54.32  ? 36 THR C CG2 1 
HETATM 669  N N   . TYC C 1 37 ? -11.557 10.134  0.071   1.00 20.00  ? 37 TYC C N   1 
HETATM 670  C CA  . TYC C 1 37 ? -11.893 11.141  1.085   1.00 20.00  ? 37 TYC C CA  1 
HETATM 671  C C   . TYC C 1 37 ? -11.549 10.610  2.453   1.00 20.00  ? 37 TYC C C   1 
HETATM 672  O O   . TYC C 1 37 ? -11.601 9.419   2.670   1.00 20.00  ? 37 TYC C O   1 
HETATM 673  C CB  . TYC C 1 37 ? -13.388 11.454  1.017   1.00 20.00  ? 37 TYC C CB  1 
HETATM 674  C CG  . TYC C 1 37 ? -13.700 12.144  -0.284  1.00 20.00  ? 37 TYC C CG  1 
HETATM 675  C CD1 . TYC C 1 37 ? -14.019 11.396  -1.402  1.00 20.00  ? 37 TYC C CD1 1 
HETATM 676  C CD2 . TYC C 1 37 ? -13.670 13.524  -0.358  1.00 20.00  ? 37 TYC C CD2 1 
HETATM 677  C CE1 . TYC C 1 37 ? -14.305 12.028  -2.597  1.00 20.00  ? 37 TYC C CE1 1 
HETATM 678  C CE2 . TYC C 1 37 ? -13.951 14.159  -1.551  1.00 20.00  ? 37 TYC C CE2 1 
HETATM 679  O OH  . TYC C 1 37 ? -14.553 14.035  -3.851  1.00 20.00  ? 37 TYC C OH  1 
HETATM 680  C CZ  . TYC C 1 37 ? -14.272 13.412  -2.676  1.00 20.00  ? 37 TYC C CZ  1 
HETATM 681  N NXT . TYC C 1 37 ? -11.188 11.458  3.433   1.00 20.00  ? 37 TYC C NXT 1 
ATOM   682  N N   . LYS D 1 1  ? 12.059  0.344   28.987  1.00 255.90 ? 1  LYS D N   1 
ATOM   683  C CA  . LYS D 1 1  ? 13.308  0.450   29.736  1.00 255.90 ? 1  LYS D CA  1 
ATOM   684  C C   . LYS D 1 1  ? 14.126  -0.818  29.597  1.00 255.90 ? 1  LYS D C   1 
ATOM   685  O O   . LYS D 1 1  ? 13.690  -1.892  30.006  1.00 255.90 ? 1  LYS D O   1 
ATOM   686  C CB  . LYS D 1 1  ? 13.038  0.742   31.214  1.00 255.90 ? 1  LYS D CB  1 
ATOM   687  C CG  . LYS D 1 1  ? 13.163  2.208   31.605  1.00 255.90 ? 1  LYS D CG  1 
ATOM   688  C CD  . LYS D 1 1  ? 12.108  3.077   30.938  1.00 255.90 ? 1  LYS D CD  1 
ATOM   689  C CE  . LYS D 1 1  ? 10.721  2.798   31.490  1.00 255.90 ? 1  LYS D CE  1 
ATOM   690  N NZ  . LYS D 1 1  ? 9.680   3.600   30.790  1.00 255.90 ? 1  LYS D NZ  1 
ATOM   691  N N   . CYS D 1 2  ? 15.297  -0.707  28.984  1.00 254.69 ? 2  CYS D N   1 
ATOM   692  C CA  . CYS D 1 2  ? 16.110  -1.890  28.759  1.00 254.69 ? 2  CYS D CA  1 
ATOM   693  C C   . CYS D 1 2  ? 17.376  -1.858  29.589  1.00 254.69 ? 2  CYS D C   1 
ATOM   694  O O   . CYS D 1 2  ? 18.161  -0.917  29.489  1.00 254.69 ? 2  CYS D O   1 
ATOM   695  C CB  . CYS D 1 2  ? 16.460  -2.038  27.276  1.00 254.69 ? 2  CYS D CB  1 
ATOM   696  S SG  . CYS D 1 2  ? 16.940  -3.728  26.861  1.00 254.69 ? 2  CYS D SG  1 
ATOM   697  N N   . ASN D 1 3  ? 17.567  -2.869  30.424  1.00 255.13 ? 3  ASN D N   1 
ATOM   698  C CA  . ASN D 1 3  ? 18.782  -2.962  31.217  1.00 255.13 ? 3  ASN D CA  1 
ATOM   699  C C   . ASN D 1 3  ? 19.426  -4.282  30.868  1.00 255.13 ? 3  ASN D C   1 
ATOM   700  O O   . ASN D 1 3  ? 20.227  -4.814  31.636  1.00 255.13 ? 3  ASN D O   1 
ATOM   701  C CB  . ASN D 1 3  ? 18.461  -2.896  32.705  1.00 255.13 ? 3  ASN D CB  1 
ATOM   702  C CG  . ASN D 1 3  ? 17.650  -1.670  33.075  1.00 255.13 ? 3  ASN D CG  1 
ATOM   703  O OD1 . ASN D 1 3  ? 17.370  -0.815  32.235  1.00 255.13 ? 3  ASN D OD1 1 
ATOM   704  N ND2 . ASN D 1 3  ? 17.269  -1.577  34.342  1.00 255.13 ? 3  ASN D ND2 1 
ATOM   705  N N   . THR D 1 4  ? 19.078  -4.816  29.706  1.00 248.12 ? 4  THR D N   1 
ATOM   706  C CA  . THR D 1 4  ? 19.600  -6.108  29.288  1.00 248.12 ? 4  THR D CA  1 
ATOM   707  C C   . THR D 1 4  ? 21.076  -6.102  29.022  1.00 248.12 ? 4  THR D C   1 
ATOM   708  O O   . THR D 1 4  ? 21.705  -5.052  29.005  1.00 248.12 ? 4  THR D O   1 
ATOM   709  C CB  . THR D 1 4  ? 18.954  -6.543  27.965  1.00 248.12 ? 4  THR D CB  1 
ATOM   710  O OG1 . THR D 1 4  ? 19.297  -5.605  26.939  1.00 248.12 ? 4  THR D OG1 1 
ATOM   711  C CG2 . THR D 1 4  ? 17.457  -6.599  28.111  1.00 248.12 ? 4  THR D CG2 1 
ATOM   712  N N   . ALA D 1 5  ? 21.655  -7.279  28.839  1.00 242.43 ? 5  ALA D N   1 
ATOM   713  C CA  . ALA D 1 5  ? 23.047  -7.316  28.455  1.00 242.43 ? 5  ALA D CA  1 
ATOM   714  C C   . ALA D 1 5  ? 23.059  -6.780  27.048  1.00 242.43 ? 5  ALA D C   1 
ATOM   715  O O   . ALA D 1 5  ? 23.901  -5.954  26.693  1.00 242.43 ? 5  ALA D O   1 
ATOM   716  C CB  . ALA D 1 5  ? 23.587  -8.728  28.510  1.00 242.43 ? 5  ALA D CB  1 
ATOM   717  N N   . THR D 1 6  ? 22.107  -7.236  26.241  1.00 232.57 ? 6  THR D N   1 
ATOM   718  C CA  . THR D 1 6  ? 22.002  -6.761  24.870  1.00 232.57 ? 6  THR D CA  1 
ATOM   719  C C   . THR D 1 6  ? 20.555  -6.812  24.417  1.00 232.57 ? 6  THR D C   1 
ATOM   720  O O   . THR D 1 6  ? 19.907  -7.842  24.549  1.00 232.57 ? 6  THR D O   1 
ATOM   721  C CB  . THR D 1 6  ? 22.845  -7.616  23.915  1.00 232.57 ? 6  THR D CB  1 
ATOM   722  O OG1 . THR D 1 6  ? 24.236  -7.439  24.213  1.00 232.57 ? 6  THR D OG1 1 
ATOM   723  C CG2 . THR D 1 6  ? 22.585  -7.211  22.472  1.00 232.57 ? 6  THR D CG2 1 
ATOM   724  N N   . CYS D 1 7  ? 20.037  -5.712  23.884  1.00 208.41 ? 7  CYS D N   1 
ATOM   725  C CA  . CYS D 1 7  ? 18.674  -5.751  23.357  1.00 208.41 ? 7  CYS D CA  1 
ATOM   726  C C   . CYS D 1 7  ? 18.514  -5.011  22.044  1.00 208.41 ? 7  CYS D C   1 
ATOM   727  O O   . CYS D 1 7  ? 19.058  -3.925  21.860  1.00 208.41 ? 7  CYS D O   1 
ATOM   728  C CB  . CYS D 1 7  ? 17.656  -5.235  24.385  1.00 208.41 ? 7  CYS D CB  1 
ATOM   729  S SG  . CYS D 1 7  ? 17.945  -3.602  25.101  1.00 208.41 ? 7  CYS D SG  1 
ATOM   730  N N   . ALA D 1 8  ? 17.769  -5.607  21.127  1.00 166.73 ? 8  ALA D N   1 
ATOM   731  C CA  . ALA D 1 8  ? 17.525  -4.980  19.838  1.00 166.73 ? 8  ALA D CA  1 
ATOM   732  C C   . ALA D 1 8  ? 16.046  -4.686  19.680  1.00 166.73 ? 8  ALA D C   1 
ATOM   733  O O   . ALA D 1 8  ? 15.222  -5.594  19.725  1.00 166.73 ? 8  ALA D O   1 
ATOM   734  C CB  . ALA D 1 8  ? 18.007  -5.881  18.716  1.00 166.73 ? 8  ALA D CB  1 
ATOM   735  N N   . THR D 1 9  ? 15.702  -3.420  19.485  1.00 137.89 ? 9  THR D N   1 
ATOM   736  C CA  . THR D 1 9  ? 14.308  -3.057  19.276  1.00 137.89 ? 9  THR D CA  1 
ATOM   737  C C   . THR D 1 9  ? 14.120  -2.299  17.980  1.00 137.89 ? 9  THR D C   1 
ATOM   738  O O   . THR D 1 9  ? 14.802  -1.310  17.729  1.00 137.89 ? 9  THR D O   1 
ATOM   739  C CB  . THR D 1 9  ? 13.750  -2.222  20.444  1.00 137.89 ? 9  THR D CB  1 
ATOM   740  O OG1 . THR D 1 9  ? 13.818  -2.989  21.654  1.00 137.89 ? 9  THR D OG1 1 
ATOM   741  C CG2 . THR D 1 9  ? 12.308  -1.819  20.183  1.00 137.89 ? 9  THR D CG2 1 
ATOM   742  N N   . GLN D 1 10 ? 13.201  -2.758  17.144  1.00 108.31 ? 10 GLN D N   1 
ATOM   743  C CA  . GLN D 1 10 ? 12.919  -2.030  15.923  1.00 108.31 ? 10 GLN D CA  1 
ATOM   744  C C   . GLN D 1 10 ? 11.458  -1.684  15.833  1.00 108.31 ? 10 GLN D C   1 
ATOM   745  O O   . GLN D 1 10 ? 10.607  -2.557  15.943  1.00 108.31 ? 10 GLN D O   1 
ATOM   746  C CB  . GLN D 1 10 ? 13.313  -2.849  14.700  1.00 108.31 ? 10 GLN D CB  1 
ATOM   747  C CG  . GLN D 1 10 ? 14.797  -2.836  14.390  1.00 108.31 ? 10 GLN D CG  1 
ATOM   748  C CD  . GLN D 1 10 ? 15.102  -3.431  13.032  1.00 108.31 ? 10 GLN D CD  1 
ATOM   749  O OE1 . GLN D 1 10 ? 16.248  -3.427  12.581  1.00 108.31 ? 10 GLN D OE1 1 
ATOM   750  N NE2 . GLN D 1 10 ? 14.073  -3.945  12.370  1.00 108.31 ? 10 GLN D NE2 1 
ATOM   751  N N   . ARG D 1 11 ? 11.151  -0.413  15.627  1.00 89.94  ? 11 ARG D N   1 
ATOM   752  C CA  . ARG D 1 11 ? 9.767   -0.038  15.420  1.00 89.94  ? 11 ARG D CA  1 
ATOM   753  C C   . ARG D 1 11 ? 9.715   0.534   14.023  1.00 89.94  ? 11 ARG D C   1 
ATOM   754  O O   . ARG D 1 11 ? 10.360  1.535   13.735  1.00 89.94  ? 11 ARG D O   1 
ATOM   755  C CB  . ARG D 1 11 ? 9.334   1.014   16.437  1.00 89.94  ? 11 ARG D CB  1 
ATOM   756  C CG  . ARG D 1 11 ? 9.698   0.673   17.871  1.00 89.94  ? 11 ARG D CG  1 
ATOM   757  C CD  . ARG D 1 11 ? 9.541   1.883   18.778  1.00 89.94  ? 11 ARG D CD  1 
ATOM   758  N NE  . ARG D 1 11 ? 8.144   2.263   18.950  1.00 89.94  ? 11 ARG D NE  1 
ATOM   759  C CZ  . ARG D 1 11 ? 7.411   1.945   20.011  1.00 89.94  ? 11 ARG D CZ  1 
ATOM   760  N NH1 . ARG D 1 11 ? 6.145   2.332   20.086  1.00 89.94  ? 11 ARG D NH1 1 
ATOM   761  N NH2 . ARG D 1 11 ? 7.946   1.248   21.005  1.00 89.94  ? 11 ARG D NH2 1 
ATOM   762  N N   . LEU D 1 12 ? 8.944   -0.089  13.147  1.00 76.37  ? 12 LEU D N   1 
ATOM   763  C CA  . LEU D 1 12 ? 8.817   0.427   11.802  1.00 76.37  ? 12 LEU D CA  1 
ATOM   764  C C   . LEU D 1 12 ? 7.373   0.795   11.577  1.00 76.37  ? 12 LEU D C   1 
ATOM   765  O O   . LEU D 1 12 ? 6.492   -0.040  11.712  1.00 76.37  ? 12 LEU D O   1 
ATOM   766  C CB  . LEU D 1 12 ? 9.240   -0.621  10.781  1.00 76.37  ? 12 LEU D CB  1 
ATOM   767  C CG  . LEU D 1 12 ? 10.605  -1.286  10.959  1.00 76.37  ? 12 LEU D CG  1 
ATOM   768  C CD1 . LEU D 1 12 ? 10.826  -2.355  9.903   1.00 76.37  ? 12 LEU D CD1 1 
ATOM   769  C CD2 . LEU D 1 12 ? 11.726  -0.272  10.934  1.00 76.37  ? 12 LEU D CD2 1 
ATOM   770  N N   . ALA D 1 13 ? 7.120   2.045   11.230  1.00 65.86  ? 13 ALA D N   1 
ATOM   771  C CA  . ALA D 1 13 ? 5.750   2.475   11.056  1.00 65.86  ? 13 ALA D CA  1 
ATOM   772  C C   . ALA D 1 13 ? 5.508   3.173   9.744   1.00 65.86  ? 13 ALA D C   1 
ATOM   773  O O   . ALA D 1 13 ? 6.211   4.108   9.403   1.00 65.86  ? 13 ALA D O   1 
ATOM   774  C CB  . ALA D 1 13 ? 5.338   3.372   12.209  1.00 65.86  ? 13 ALA D CB  1 
ATOM   775  N N   . ASN D 1 14 ? 4.511   2.737   8.995   1.00 61.97  ? 14 ASN D N   1 
ATOM   776  C CA  . ASN D 1 14 ? 4.173   3.467   7.793   1.00 61.97  ? 14 ASN D CA  1 
ATOM   777  C C   . ASN D 1 14 ? 2.804   4.005   8.091   1.00 61.97  ? 14 ASN D C   1 
ATOM   778  O O   . ASN D 1 14 ? 1.884   3.247   8.356   1.00 61.97  ? 14 ASN D O   1 
ATOM   779  C CB  . ASN D 1 14 ? 4.113   2.546   6.590   1.00 61.97  ? 14 ASN D CB  1 
ATOM   780  C CG  . ASN D 1 14 ? 5.482   2.207   6.052   1.00 61.97  ? 14 ASN D CG  1 
ATOM   781  O OD1 . ASN D 1 14 ? 6.435   2.955   6.241   1.00 61.97  ? 14 ASN D OD1 1 
ATOM   782  N ND2 . ASN D 1 14 ? 5.583   1.077   5.365   1.00 61.97  ? 14 ASN D ND2 1 
ATOM   783  N N   . PHE D 1 15 ? 2.660   5.319   8.054   1.00 58.26  ? 15 PHE D N   1 
ATOM   784  C CA  . PHE D 1 15 ? 1.369   5.915   8.299   1.00 58.26  ? 15 PHE D CA  1 
ATOM   785  C C   . PHE D 1 15 ? 0.899   6.644   7.073   1.00 58.26  ? 15 PHE D C   1 
ATOM   786  O O   . PHE D 1 15 ? 1.555   7.572   6.617   1.00 58.26  ? 15 PHE D O   1 
ATOM   787  C CB  . PHE D 1 15 ? 1.455   6.905   9.456   1.00 58.26  ? 15 PHE D CB  1 
ATOM   788  C CG  . PHE D 1 15 ? 1.256   6.286   10.805  1.00 58.26  ? 15 PHE D CG  1 
ATOM   789  C CD1 . PHE D 1 15 ? 2.258   5.540   11.397  1.00 58.26  ? 15 PHE D CD1 1 
ATOM   790  C CD2 . PHE D 1 15 ? 0.069   6.470   11.490  1.00 58.26  ? 15 PHE D CD2 1 
ATOM   791  C CE1 . PHE D 1 15 ? 2.074   4.976   12.644  1.00 58.26  ? 15 PHE D CE1 1 
ATOM   792  C CE2 . PHE D 1 15 ? -0.122  5.910   12.739  1.00 58.26  ? 15 PHE D CE2 1 
ATOM   793  C CZ  . PHE D 1 15 ? 0.884   5.163   13.315  1.00 58.26  ? 15 PHE D CZ  1 
ATOM   794  N N   . LEU D 1 16 ? -0.236  6.242   6.528   1.00 53.14  ? 16 LEU D N   1 
ATOM   795  C CA  . LEU D 1 16 ? -0.792  6.980   5.418   1.00 53.14  ? 16 LEU D CA  1 
ATOM   796  C C   . LEU D 1 16 ? -2.169  7.352   5.898   1.00 53.14  ? 16 LEU D C   1 
ATOM   797  O O   . LEU D 1 16 ? -2.989  6.489   6.175   1.00 53.14  ? 16 LEU D O   1 
ATOM   798  C CB  . LEU D 1 16 ? -0.849  6.109   4.167   1.00 53.14  ? 16 LEU D CB  1 
ATOM   799  C CG  . LEU D 1 16 ? -1.521  6.632   2.898   1.00 53.14  ? 16 LEU D CG  1 
ATOM   800  C CD1 . LEU D 1 16 ? -1.270  8.104   2.641   1.00 53.14  ? 16 LEU D CD1 1 
ATOM   801  C CD2 . LEU D 1 16 ? -1.127  5.793   1.694   1.00 53.14  ? 16 LEU D CD2 1 
ATOM   802  N N   . VAL D 1 17 ? -2.432  8.642   6.004   1.00 50.44  ? 17 VAL D N   1 
ATOM   803  C CA  . VAL D 1 17 ? -3.748  9.072   6.419   1.00 50.44  ? 17 VAL D CA  1 
ATOM   804  C C   . VAL D 1 17 ? -4.357  10.053  5.446   1.00 50.44  ? 17 VAL D C   1 
ATOM   805  O O   . VAL D 1 17 ? -3.740  11.053  5.095   1.00 50.44  ? 17 VAL D O   1 
ATOM   806  C CB  . VAL D 1 17 ? -3.727  9.630   7.858   1.00 50.44  ? 17 VAL D CB  1 
ATOM   807  C CG1 . VAL D 1 17 ? -5.080  10.193  8.251   1.00 50.44  ? 17 VAL D CG1 1 
ATOM   808  C CG2 . VAL D 1 17 ? -3.213  8.608   8.860   1.00 50.44  ? 17 VAL D CG2 1 
ATOM   809  N N   . HIS D 1 18 ? -5.559  9.764   4.978   1.00 51.28  ? 18 HIS D N   1 
ATOM   810  C CA  . HIS D 1 18 ? -6.237  10.712  4.132   1.00 51.28  ? 18 HIS D CA  1 
ATOM   811  C C   . HIS D 1 18 ? -7.371  11.196  4.998   1.00 51.28  ? 18 HIS D C   1 
ATOM   812  O O   . HIS D 1 18 ? -8.239  10.420  5.374   1.00 51.28  ? 18 HIS D O   1 
ATOM   813  C CB  . HIS D 1 18 ? -6.795  10.021  2.901   1.00 51.28  ? 18 HIS D CB  1 
ATOM   814  C CG  . HIS D 1 18 ? -5.748  9.572   1.931   1.00 51.28  ? 18 HIS D CG  1 
ATOM   815  N ND1 . HIS D 1 18 ? -5.392  10.315  0.827   1.00 51.28  ? 18 HIS D ND1 1 
ATOM   816  C CD2 . HIS D 1 18 ? -4.990  8.452   1.893   1.00 51.28  ? 18 HIS D CD2 1 
ATOM   817  C CE1 . HIS D 1 18 ? -4.454  9.675   0.152   1.00 51.28  ? 18 HIS D CE1 1 
ATOM   818  N NE2 . HIS D 1 18 ? -4.194  8.541   0.776   1.00 51.28  ? 18 HIS D NE2 1 
ATOM   819  N N   . SER D 1 19 ? -7.372  12.477  5.323   1.00 48.44  ? 19 SER D N   1 
ATOM   820  C CA  . SER D 1 19 ? -8.444  13.028  6.126   1.00 48.44  ? 19 SER D CA  1 
ATOM   821  C C   . SER D 1 19 ? -9.070  14.216  5.436   1.00 48.44  ? 19 SER D C   1 
ATOM   822  O O   . SER D 1 19 ? -8.369  15.133  5.026   1.00 48.44  ? 19 SER D O   1 
ATOM   823  C CB  . SER D 1 19 ? -7.929  13.425  7.505   1.00 48.44  ? 19 SER D CB  1 
ATOM   824  O OG  . SER D 1 19 ? -6.757  14.212  7.399   1.00 48.44  ? 19 SER D OG  1 
ATOM   825  N N   . SER D 1 20 ? -10.386 14.208  5.292   1.00 48.49  ? 20 SER D N   1 
ATOM   826  C CA  . SER D 1 20 ? -11.042 15.367  4.716   1.00 48.49  ? 20 SER D CA  1 
ATOM   827  C C   . SER D 1 20 ? -12.146 15.884  5.591   1.00 48.49  ? 20 SER D C   1 
ATOM   828  O O   . SER D 1 20 ? -13.037 15.138  5.973   1.00 48.49  ? 20 SER D O   1 
ATOM   829  C CB  . SER D 1 20 ? -11.604 15.043  3.337   1.00 48.49  ? 20 SER D CB  1 
ATOM   830  O OG  . SER D 1 20 ? -12.286 16.151  2.783   1.00 48.49  ? 20 SER D OG  1 
ATOM   831  N N   . ASN D 1 21 ? -12.109 17.164  5.911   1.00 44.08  ? 21 ASN D N   1 
ATOM   832  C CA  . ASN D 1 21 ? -13.208 17.737  6.649   1.00 44.08  ? 21 ASN D CA  1 
ATOM   833  C C   . ASN D 1 21 ? -13.825 18.638  5.615   1.00 44.08  ? 21 ASN D C   1 
ATOM   834  O O   . ASN D 1 21 ? -13.167 19.537  5.110   1.00 44.08  ? 21 ASN D O   1 
ATOM   835  C CB  . ASN D 1 21 ? -12.711 18.579  7.816   1.00 44.08  ? 21 ASN D CB  1 
ATOM   836  C CG  . ASN D 1 21 ? -12.009 17.761  8.879   1.00 44.08  ? 21 ASN D CG  1 
ATOM   837  O OD1 . ASN D 1 21 ? -11.276 18.302  9.705   1.00 44.08  ? 21 ASN D OD1 1 
ATOM   838  N ND2 . ASN D 1 21 ? -12.230 16.454  8.868   1.00 44.08  ? 21 ASN D ND2 1 
ATOM   839  N N   . ASN D 1 22 ? -15.082 18.406  5.283   1.00 41.80  ? 22 ASN D N   1 
ATOM   840  C CA  . ASN D 1 22 ? -15.708 19.204  4.256   1.00 41.80  ? 22 ASN D CA  1 
ATOM   841  C C   . ASN D 1 22 ? -16.868 19.946  4.842   1.00 41.80  ? 22 ASN D C   1 
ATOM   842  O O   . ASN D 1 22 ? -17.706 19.356  5.500   1.00 41.80  ? 22 ASN D O   1 
ATOM   843  C CB  . ASN D 1 22 ? -16.181 18.333  3.096   1.00 41.80  ? 22 ASN D CB  1 
ATOM   844  C CG  . ASN D 1 22 ? -16.737 19.148  1.945   1.00 41.80  ? 22 ASN D CG  1 
ATOM   845  O OD1 . ASN D 1 22 ? -16.354 20.299  1.743   1.00 41.80  ? 22 ASN D OD1 1 
ATOM   846  N ND2 . ASN D 1 22 ? -17.637 18.549  1.175   1.00 41.80  ? 22 ASN D ND2 1 
ATOM   847  N N   . PHE D 1 23 ? -16.907 21.251  4.634   1.00 39.23  ? 23 PHE D N   1 
ATOM   848  C CA  . PHE D 1 23 ? -18.028 22.044  5.090   1.00 39.23  ? 23 PHE D CA  1 
ATOM   849  C C   . PHE D 1 23 ? -18.319 22.827  3.844   1.00 39.23  ? 23 PHE D C   1 
ATOM   850  O O   . PHE D 1 23 ? -18.142 24.040  3.817   1.00 39.23  ? 23 PHE D O   1 
ATOM   851  C CB  . PHE D 1 23 ? -17.605 22.993  6.203   1.00 39.23  ? 23 PHE D CB  1 
ATOM   852  C CG  . PHE D 1 23 ? -16.952 22.317  7.374   1.00 39.23  ? 23 PHE D CG  1 
ATOM   853  C CD1 . PHE D 1 23 ? -15.594 22.033  7.365   1.00 39.23  ? 23 PHE D CD1 1 
ATOM   854  C CD2 . PHE D 1 23 ? -17.689 21.990  8.495   1.00 39.23  ? 23 PHE D CD2 1 
ATOM   855  C CE1 . PHE D 1 23 ? -14.994 21.418  8.443   1.00 39.23  ? 23 PHE D CE1 1 
ATOM   856  C CE2 . PHE D 1 23 ? -17.092 21.377  9.579   1.00 39.23  ? 23 PHE D CE2 1 
ATOM   857  C CZ  . PHE D 1 23 ? -15.743 21.088  9.552   1.00 39.23  ? 23 PHE D CZ  1 
ATOM   858  N N   . GLY D 1 24 ? -18.772 22.148  2.801   1.00 41.59  ? 24 GLY D N   1 
ATOM   859  C CA  . GLY D 1 24 ? -18.958 22.822  1.533   1.00 41.59  ? 24 GLY D CA  1 
ATOM   860  C C   . GLY D 1 24 ? -19.089 21.790  0.443   1.00 41.59  ? 24 GLY D C   1 
ATOM   861  O O   . GLY D 1 24 ? -19.482 20.659  0.711   1.00 41.59  ? 24 GLY D O   1 
ATOM   862  N N   . ALA D 1 25 ? -18.781 22.167  -0.791  1.00 45.48  ? 25 ALA D N   1 
ATOM   863  C CA  . ALA D 1 25 ? -18.971 21.245  -1.899  1.00 45.48  ? 25 ALA D CA  1 
ATOM   864  C C   . ALA D 1 25 ? -17.699 20.758  -2.558  1.00 45.48  ? 25 ALA D C   1 
ATOM   865  O O   . ALA D 1 25 ? -16.850 21.555  -2.931  1.00 45.48  ? 25 ALA D O   1 
ATOM   866  C CB  . ALA D 1 25 ? -19.878 21.873  -2.942  1.00 45.48  ? 25 ALA D CB  1 
ATOM   867  N N   . ILE D 1 26 ? -17.555 19.449  -2.703  1.00 45.34  ? 26 ILE D N   1 
ATOM   868  C CA  . ILE D 1 26 ? -16.407 18.919  -3.420  1.00 45.34  ? 26 ILE D CA  1 
ATOM   869  C C   . ILE D 1 26 ? -16.952 18.182  -4.624  1.00 45.34  ? 26 ILE D C   1 
ATOM   870  O O   . ILE D 1 26 ? -17.799 17.309  -4.475  1.00 45.34  ? 26 ILE D O   1 
ATOM   871  C CB  . ILE D 1 26 ? -15.605 17.927  -2.568  1.00 45.34  ? 26 ILE D CB  1 
ATOM   872  C CG1 . ILE D 1 26 ? -15.050 18.608  -1.321  1.00 45.34  ? 26 ILE D CG1 1 
ATOM   873  C CG2 . ILE D 1 26 ? -14.460 17.331  -3.370  1.00 45.34  ? 26 ILE D CG2 1 
ATOM   874  C CD1 . ILE D 1 26 ? -14.153 17.716  -0.494  1.00 45.34  ? 26 ILE D CD1 1 
ATOM   875  N N   . LEU D 1 27 ? -16.486 18.521  -5.818  1.00 47.47  ? 27 LEU D N   1 
ATOM   876  C CA  . LEU D 1 27 ? -16.913 17.796  -7.007  1.00 47.47  ? 27 LEU D CA  1 
ATOM   877  C C   . LEU D 1 27 ? -15.707 17.108  -7.609  1.00 47.47  ? 27 LEU D C   1 
ATOM   878  O O   . LEU D 1 27 ? -14.731 17.761  -7.947  1.00 47.47  ? 27 LEU D O   1 
ATOM   879  C CB  . LEU D 1 27 ? -17.530 18.746  -8.030  1.00 47.47  ? 27 LEU D CB  1 
ATOM   880  C CG  . LEU D 1 27 ? -18.853 19.436  -7.687  1.00 47.47  ? 27 LEU D CG  1 
ATOM   881  C CD1 . LEU D 1 27 ? -18.625 20.744  -6.943  1.00 47.47  ? 27 LEU D CD1 1 
ATOM   882  C CD2 . LEU D 1 27 ? -19.638 19.695  -8.962  1.00 47.47  ? 27 LEU D CD2 1 
ATOM   883  N N   . SER D 1 28 ? -15.766 15.791  -7.745  1.00 50.94  ? 28 SER D N   1 
ATOM   884  C CA  . SER D 1 28 ? -14.620 15.061  -8.260  1.00 50.94  ? 28 SER D CA  1 
ATOM   885  C C   . SER D 1 28 ? -14.969 14.144  -9.410  1.00 50.94  ? 28 SER D C   1 
ATOM   886  O O   . SER D 1 28 ? -15.876 13.327  -9.298  1.00 50.94  ? 28 SER D O   1 
ATOM   887  C CB  . SER D 1 28 ? -13.976 14.251  -7.144  1.00 50.94  ? 28 SER D CB  1 
ATOM   888  O OG  . SER D 1 28 ? -13.603 15.084  -6.066  1.00 50.94  ? 28 SER D OG  1 
ATOM   889  N N   . SER D 1 29 ? -14.250 14.264  -10.518 1.00 53.66  ? 29 SER D N   1 
ATOM   890  C CA  . SER D 1 29 ? -14.471 13.369  -11.646 1.00 53.66  ? 29 SER D CA  1 
ATOM   891  C C   . SER D 1 29 ? -13.150 12.795  -12.110 1.00 53.66  ? 29 SER D C   1 
ATOM   892  O O   . SER D 1 29 ? -12.184 13.531  -12.281 1.00 53.66  ? 29 SER D O   1 
ATOM   893  C CB  . SER D 1 29 ? -15.157 14.103  -12.792 1.00 53.66  ? 29 SER D CB  1 
ATOM   894  O OG  . SER D 1 29 ? -14.405 15.231  -13.195 1.00 53.66  ? 29 SER D OG  1 
ATOM   895  N N   . THR D 1 30 ? -13.088 11.487  -12.314 1.00 51.96  ? 30 THR D N   1 
ATOM   896  C CA  . THR D 1 30 ? -11.867 10.901  -12.834 1.00 51.96  ? 30 THR D CA  1 
ATOM   897  C C   . THR D 1 30 ? -12.090 10.149  -14.121 1.00 51.96  ? 30 THR D C   1 
ATOM   898  O O   . THR D 1 30 ? -12.986 9.322   -14.200 1.00 51.96  ? 30 THR D O   1 
ATOM   899  C CB  . THR D 1 30 ? -11.228 9.917   -11.840 1.00 51.96  ? 30 THR D CB  1 
ATOM   900  O OG1 . THR D 1 30 ? -12.036 8.744   -11.742 1.00 51.96  ? 30 THR D OG1 1 
ATOM   901  C CG2 . THR D 1 30 ? -11.077 10.543  -10.473 1.00 51.96  ? 30 THR D CG2 1 
ATOM   902  N N   . ASN D 1 31 ? -11.304 10.441  -15.147 1.00 51.52  ? 31 ASN D N   1 
ATOM   903  C CA  . ASN D 1 31 ? -11.393 9.667   -16.373 1.00 51.52  ? 31 ASN D CA  1 
ATOM   904  C C   . ASN D 1 31 ? -10.014 9.094   -16.593 1.00 51.52  ? 31 ASN D C   1 
ATOM   905  O O   . ASN D 1 31 ? -9.066  9.841   -16.785 1.00 51.52  ? 31 ASN D O   1 
ATOM   906  C CB  . ASN D 1 31 ? -11.748 10.554  -17.560 1.00 51.52  ? 31 ASN D CB  1 
ATOM   907  C CG  . ASN D 1 31 ? -13.157 11.114  -17.486 1.00 51.52  ? 31 ASN D CG  1 
ATOM   908  O OD1 . ASN D 1 31 ? -13.474 12.094  -18.157 1.00 51.52  ? 31 ASN D OD1 1 
ATOM   909  N ND2 . ASN D 1 31 ? -14.005 10.496  -16.679 1.00 51.52  ? 31 ASN D ND2 1 
ATOM   910  N N   . VAL D 1 32 ? -9.881  7.779   -16.582 1.00 49.96  ? 32 VAL D N   1 
ATOM   911  C CA  . VAL D 1 32 ? -8.592  7.175   -16.878 1.00 49.96  ? 32 VAL D CA  1 
ATOM   912  C C   . VAL D 1 32 ? -8.779  6.146   -17.974 1.00 49.96  ? 32 VAL D C   1 
ATOM   913  O O   . VAL D 1 32 ? -9.664  5.305   -17.887 1.00 49.96  ? 32 VAL D O   1 
ATOM   914  C CB  . VAL D 1 32 ? -7.948  6.537   -15.635 1.00 49.96  ? 32 VAL D CB  1 
ATOM   915  C CG1 . VAL D 1 32 ? -6.797  5.626   -16.031 1.00 49.96  ? 32 VAL D CG1 1 
ATOM   916  C CG2 . VAL D 1 32 ? -7.454  7.616   -14.687 1.00 49.96  ? 32 VAL D CG2 1 
ATOM   917  N N   . GLY D 1 33 ? -7.959  6.218   -19.014 1.00 54.30  ? 33 GLY D N   1 
ATOM   918  C CA  . GLY D 1 33 ? -8.065  5.273   -20.108 1.00 54.30  ? 33 GLY D CA  1 
ATOM   919  C C   . GLY D 1 33 ? -9.446  5.313   -20.703 1.00 54.30  ? 33 GLY D C   1 
ATOM   920  O O   . GLY D 1 33 ? -9.987  4.287   -21.094 1.00 54.30  ? 33 GLY D O   1 
ATOM   921  N N   . SER D 1 34 ? -10.023 6.500   -20.798 1.00 59.39  ? 34 SER D N   1 
ATOM   922  C CA  . SER D 1 34 ? -11.384 6.595   -21.279 1.00 59.39  ? 34 SER D CA  1 
ATOM   923  C C   . SER D 1 34 ? -11.435 7.168   -22.673 1.00 59.39  ? 34 SER D C   1 
ATOM   924  O O   . SER D 1 34 ? -10.868 8.219   -22.942 1.00 59.39  ? 34 SER D O   1 
ATOM   925  C CB  . SER D 1 34 ? -12.215 7.463   -20.339 1.00 59.39  ? 34 SER D CB  1 
ATOM   926  O OG  . SER D 1 34 ? -11.736 8.794   -20.329 1.00 59.39  ? 34 SER D OG  1 
ATOM   927  N N   . ASN D 1 35 ? -12.123 6.479   -23.565 1.00 65.71  ? 35 ASN D N   1 
ATOM   928  C CA  . ASN D 1 35 ? -12.259 6.989   -24.908 1.00 65.71  ? 35 ASN D CA  1 
ATOM   929  C C   . ASN D 1 35 ? -13.670 7.502   -25.079 1.00 65.71  ? 35 ASN D C   1 
ATOM   930  O O   . ASN D 1 35 ? -14.629 6.763   -24.895 1.00 65.71  ? 35 ASN D O   1 
ATOM   931  C CB  . ASN D 1 35 ? -11.973 5.893   -25.921 1.00 65.71  ? 35 ASN D CB  1 
ATOM   932  C CG  . ASN D 1 35 ? -10.539 5.408   -25.863 1.00 65.71  ? 35 ASN D CG  1 
ATOM   933  O OD1 . ASN D 1 35 ? -9.689  6.020   -25.220 1.00 65.71  ? 35 ASN D OD1 1 
ATOM   934  N ND2 . ASN D 1 35 ? -10.266 4.303   -26.544 1.00 65.71  ? 35 ASN D ND2 1 
ATOM   935  N N   . THR D 1 36 ? -13.802 8.768   -25.440 1.00 69.85  ? 36 THR D N   1 
ATOM   936  C CA  . THR D 1 36 ? -15.122 9.342   -25.636 1.00 69.85  ? 36 THR D CA  1 
ATOM   937  C C   . THR D 1 36 ? -15.291 9.687   -27.099 1.00 69.85  ? 36 THR D C   1 
ATOM   938  O O   . THR D 1 36 ? -14.414 10.293  -27.702 1.00 69.85  ? 36 THR D O   1 
ATOM   939  C CB  . THR D 1 36 ? -15.353 10.590  -24.767 1.00 69.85  ? 36 THR D CB  1 
ATOM   940  O OG1 . THR D 1 36 ? -14.779 11.739  -25.398 1.00 69.85  ? 36 THR D OG1 1 
ATOM   941  C CG2 . THR D 1 36 ? -14.744 10.408  -23.383 1.00 69.85  ? 36 THR D CG2 1 
HETATM 942  N N   . TYC D 1 37 ? -16.324 9.261   -27.684 1.00 20.00  ? 37 TYC D N   1 
HETATM 943  C CA  . TYC D 1 37 ? -16.558 9.474   -29.119 1.00 20.00  ? 37 TYC D CA  1 
HETATM 944  C C   . TYC D 1 37 ? -17.749 10.379  -29.304 1.00 20.00  ? 37 TYC D C   1 
HETATM 945  O O   . TYC D 1 37 ? -18.643 10.378  -28.486 1.00 20.00  ? 37 TYC D O   1 
HETATM 946  C CB  . TYC D 1 37 ? -16.829 8.130   -29.795 1.00 20.00  ? 37 TYC D CB  1 
HETATM 947  C CG  . TYC D 1 37 ? -15.612 7.249   -29.668 1.00 20.00  ? 37 TYC D CG  1 
HETATM 948  C CD1 . TYC D 1 37 ? -15.401 6.530   -28.506 1.00 20.00  ? 37 TYC D CD1 1 
HETATM 949  C CD2 . TYC D 1 37 ? -14.715 7.157   -30.715 1.00 20.00  ? 37 TYC D CD2 1 
HETATM 950  C CE1 . TYC D 1 37 ? -14.285 5.723   -28.388 1.00 20.00  ? 37 TYC D CE1 1 
HETATM 951  C CE2 . TYC D 1 37 ? -13.597 6.354   -30.599 1.00 20.00  ? 37 TYC D CE2 1 
HETATM 952  O OH  . TYC D 1 37 ? -12.283 4.837   -29.320 1.00 20.00  ? 37 TYC D OH  1 
HETATM 953  C CZ  . TYC D 1 37 ? -13.381 5.631   -29.434 1.00 20.00  ? 37 TYC D CZ  1 
HETATM 954  N NXT . TYC D 1 37 ? -17.818 11.189  -30.378 1.00 20.00  ? 37 TYC D NXT 1 
ATOM   955  N N   . ARG E 1 11 ? 18.998  -27.490 -28.229 1.00 164.35 ? 11 ARG E N   1 
ATOM   956  C CA  . ARG E 1 11 ? 18.587  -27.723 -26.850 1.00 164.35 ? 11 ARG E CA  1 
ATOM   957  C C   . ARG E 1 11 ? 18.523  -26.415 -26.077 1.00 164.35 ? 11 ARG E C   1 
ATOM   958  O O   . ARG E 1 11 ? 19.547  -25.872 -25.678 1.00 164.35 ? 11 ARG E O   1 
ATOM   959  C CB  . ARG E 1 11 ? 19.543  -28.706 -26.169 1.00 164.35 ? 11 ARG E CB  1 
ATOM   960  C CG  . ARG E 1 11 ? 19.161  -29.071 -24.744 1.00 164.35 ? 11 ARG E CG  1 
ATOM   961  C CD  . ARG E 1 11 ? 19.913  -30.305 -24.285 1.00 164.35 ? 11 ARG E CD  1 
ATOM   962  N NE  . ARG E 1 11 ? 19.670  -31.438 -25.173 1.00 164.35 ? 11 ARG E NE  1 
ATOM   963  C CZ  . ARG E 1 11 ? 20.223  -32.637 -25.024 1.00 164.35 ? 11 ARG E CZ  1 
ATOM   964  N NH1 . ARG E 1 11 ? 21.058  -32.863 -24.019 1.00 164.35 ? 11 ARG E NH1 1 
ATOM   965  N NH2 . ARG E 1 11 ? 19.944  -33.609 -25.881 1.00 164.35 ? 11 ARG E NH2 1 
ATOM   966  N N   . LEU E 1 12 ? 17.318  -25.905 -25.860 1.00 152.89 ? 12 LEU E N   1 
ATOM   967  C CA  . LEU E 1 12 ? 17.188  -24.624 -25.179 1.00 152.89 ? 12 LEU E CA  1 
ATOM   968  C C   . LEU E 1 12 ? 16.616  -24.815 -23.787 1.00 152.89 ? 12 LEU E C   1 
ATOM   969  O O   . LEU E 1 12 ? 15.559  -25.414 -23.622 1.00 152.89 ? 12 LEU E O   1 
ATOM   970  C CB  . LEU E 1 12 ? 16.290  -23.677 -25.976 1.00 152.89 ? 12 LEU E CB  1 
ATOM   971  C CG  . LEU E 1 12 ? 16.565  -23.522 -27.474 1.00 152.89 ? 12 LEU E CG  1 
ATOM   972  C CD1 . LEU E 1 12 ? 15.554  -22.579 -28.107 1.00 152.89 ? 12 LEU E CD1 1 
ATOM   973  C CD2 . LEU E 1 12 ? 17.984  -23.051 -27.745 1.00 152.89 ? 12 LEU E CD2 1 
ATOM   974  N N   . ALA E 1 13 ? 17.314  -24.301 -22.781 1.00 138.94 ? 13 ALA E N   1 
ATOM   975  C CA  . ALA E 1 13 ? 16.838  -24.426 -21.413 1.00 138.94 ? 13 ALA E CA  1 
ATOM   976  C C   . ALA E 1 13 ? 16.572  -23.068 -20.795 1.00 138.94 ? 13 ALA E C   1 
ATOM   977  O O   . ALA E 1 13 ? 17.431  -22.195 -20.815 1.00 138.94 ? 13 ALA E O   1 
ATOM   978  C CB  . ALA E 1 13 ? 17.836  -25.205 -20.574 1.00 138.94 ? 13 ALA E CB  1 
ATOM   979  N N   . ASN E 1 14 ? 15.380  -22.881 -20.247 1.00 120.12 ? 14 ASN E N   1 
ATOM   980  C CA  . ASN E 1 14 ? 15.079  -21.629 -19.571 1.00 120.12 ? 14 ASN E CA  1 
ATOM   981  C C   . ASN E 1 14 ? 14.723  -21.928 -18.132 1.00 120.12 ? 14 ASN E C   1 
ATOM   982  O O   . ASN E 1 14 ? 13.869  -22.765 -17.865 1.00 120.12 ? 14 ASN E O   1 
ATOM   983  C CB  . ASN E 1 14 ? 13.919  -20.911 -20.256 1.00 120.12 ? 14 ASN E CB  1 
ATOM   984  C CG  . ASN E 1 14 ? 13.561  -19.602 -19.575 1.00 120.12 ? 14 ASN E CG  1 
ATOM   985  O OD1 . ASN E 1 14 ? 14.416  -18.931 -18.998 1.00 120.12 ? 14 ASN E OD1 1 
ATOM   986  N ND2 . ASN E 1 14 ? 12.290  -19.229 -19.649 1.00 120.12 ? 14 ASN E ND2 1 
ATOM   987  N N   . PHE E 1 15 ? 15.320  -21.206 -17.199 1.00 109.15 ? 15 PHE E N   1 
ATOM   988  C CA  . PHE E 1 15 ? 15.041  -21.435 -15.796 1.00 109.15 ? 15 PHE E CA  1 
ATOM   989  C C   . PHE E 1 15 ? 14.608  -20.140 -15.143 1.00 109.15 ? 15 PHE E C   1 
ATOM   990  O O   . PHE E 1 15 ? 15.402  -19.217 -15.016 1.00 109.15 ? 15 PHE E O   1 
ATOM   991  C CB  . PHE E 1 15 ? 16.285  -21.973 -15.110 1.00 109.15 ? 15 PHE E CB  1 
ATOM   992  C CG  . PHE E 1 15 ? 16.004  -22.761 -13.873 1.00 109.15 ? 15 PHE E CG  1 
ATOM   993  C CD1 . PHE E 1 15 ? 15.633  -22.129 -12.703 1.00 109.15 ? 15 PHE E CD1 1 
ATOM   994  C CD2 . PHE E 1 15 ? 16.124  -24.137 -13.879 1.00 109.15 ? 15 PHE E CD2 1 
ATOM   995  C CE1 . PHE E 1 15 ? 15.379  -22.860 -11.560 1.00 109.15 ? 15 PHE E CE1 1 
ATOM   996  C CE2 . PHE E 1 15 ? 15.871  -24.875 -12.740 1.00 109.15 ? 15 PHE E CE2 1 
ATOM   997  C CZ  . PHE E 1 15 ? 15.497  -24.234 -11.578 1.00 109.15 ? 15 PHE E CZ  1 
ATOM   998  N N   . LEU E 1 16 ? 13.354  -20.059 -14.729 1.00 87.83  ? 16 LEU E N   1 
ATOM   999  C CA  . LEU E 1 16 ? 12.859  -18.829 -14.147 1.00 87.83  ? 16 LEU E CA  1 
ATOM   1000 C C   . LEU E 1 16 ? 12.441  -19.099 -12.721 1.00 87.83  ? 16 LEU E C   1 
ATOM   1001 O O   . LEU E 1 16 ? 11.660  -20.009 -12.468 1.00 87.83  ? 16 LEU E O   1 
ATOM   1002 C CB  . LEU E 1 16 ? 11.679  -18.295 -14.958 1.00 87.83  ? 16 LEU E CB  1 
ATOM   1003 C CG  . LEU E 1 16 ? 11.244  -16.838 -14.767 1.00 87.83  ? 16 LEU E CG  1 
ATOM   1004 C CD1 . LEU E 1 16 ? 10.676  -16.287 -16.064 1.00 87.83  ? 16 LEU E CD1 1 
ATOM   1005 C CD2 . LEU E 1 16 ? 10.255  -16.657 -13.624 1.00 87.83  ? 16 LEU E CD2 1 
ATOM   1006 N N   . VAL E 1 17 ? 12.957  -18.323 -11.781 1.00 71.64  ? 17 VAL E N   1 
ATOM   1007 C CA  . VAL E 1 17 ? 12.522  -18.477 -10.407 1.00 71.64  ? 17 VAL E CA  1 
ATOM   1008 C C   . VAL E 1 17 ? 11.978  -17.163 -9.914  1.00 71.64  ? 17 VAL E C   1 
ATOM   1009 O O   . VAL E 1 17 ? 12.675  -16.157 -9.949  1.00 71.64  ? 17 VAL E O   1 
ATOM   1010 C CB  . VAL E 1 17 ? 13.686  -18.873 -9.485  1.00 71.64  ? 17 VAL E CB  1 
ATOM   1011 C CG1 . VAL E 1 17 ? 13.192  -19.087 -8.063  1.00 71.64  ? 17 VAL E CG1 1 
ATOM   1012 C CG2 . VAL E 1 17 ? 14.384  -20.120 -9.999  1.00 71.64  ? 17 VAL E CG2 1 
ATOM   1013 N N   . HIS E 1 18 ? 10.738  -17.147 -9.456  1.00 67.07  ? 18 HIS E N   1 
ATOM   1014 C CA  . HIS E 1 18 ? 10.216  -15.937 -8.860  1.00 67.07  ? 18 HIS E CA  1 
ATOM   1015 C C   . HIS E 1 18 ? 9.924   -16.335 -7.437  1.00 67.07  ? 18 HIS E C   1 
ATOM   1016 O O   . HIS E 1 18 ? 9.088   -17.194 -7.191  1.00 67.07  ? 18 HIS E O   1 
ATOM   1017 C CB  . HIS E 1 18 ? 8.935   -15.497 -9.554  1.00 67.07  ? 18 HIS E CB  1 
ATOM   1018 C CG  . HIS E 1 18 ? 8.397   -14.191 -9.057  1.00 67.07  ? 18 HIS E CG  1 
ATOM   1019 N ND1 . HIS E 1 18 ? 8.515   -13.020 -9.771  1.00 67.07  ? 18 HIS E ND1 1 
ATOM   1020 C CD2 . HIS E 1 18 ? 7.742   -13.872 -7.915  1.00 67.07  ? 18 HIS E CD2 1 
ATOM   1021 C CE1 . HIS E 1 18 ? 7.952   -12.035 -9.094  1.00 67.07  ? 18 HIS E CE1 1 
ATOM   1022 N NE2 . HIS E 1 18 ? 7.477   -12.525 -7.963  1.00 67.07  ? 18 HIS E NE2 1 
ATOM   1023 N N   . SER E 1 19 ? 10.609  -15.718 -6.492  1.00 60.62  ? 19 SER E N   1 
ATOM   1024 C CA  . SER E 1 19 ? 10.412  -16.076 -5.105  1.00 60.62  ? 19 SER E CA  1 
ATOM   1025 C C   . SER E 1 19 ? 10.096  -14.861 -4.277  1.00 60.62  ? 19 SER E C   1 
ATOM   1026 O O   . SER E 1 19 ? 10.823  -13.877 -4.318  1.00 60.62  ? 19 SER E O   1 
ATOM   1027 C CB  . SER E 1 19 ? 11.643  -16.782 -4.548  1.00 60.62  ? 19 SER E CB  1 
ATOM   1028 O OG  . SER E 1 19 ? 12.798  -15.979 -4.689  1.00 60.62  ? 19 SER E OG  1 
ATOM   1029 N N   . SER E 1 20 ? 9.016   -14.916 -3.520  1.00 54.76  ? 20 SER E N   1 
ATOM   1030 C CA  . SER E 1 20 ? 8.718   -13.816 -2.631  1.00 54.76  ? 20 SER E CA  1 
ATOM   1031 C C   . SER E 1 20 ? 8.640   -14.358 -1.231  1.00 54.76  ? 20 SER E C   1 
ATOM   1032 O O   . SER E 1 20 ? 7.867   -15.267 -0.957  1.00 54.76  ? 20 SER E O   1 
ATOM   1033 C CB  . SER E 1 20 ? 7.399   -13.156 -3.012  1.00 54.76  ? 20 SER E CB  1 
ATOM   1034 O OG  . SER E 1 20 ? 7.083   -12.107 -2.112  1.00 54.76  ? 20 SER E OG  1 
ATOM   1035 N N   . ASN E 1 21 ? 9.436   -13.808 -0.334  1.00 53.92  ? 21 ASN E N   1 
ATOM   1036 C CA  . ASN E 1 21 ? 9.362   -14.227 1.047   1.00 53.92  ? 21 ASN E CA  1 
ATOM   1037 C C   . ASN E 1 21 ? 8.994   -13.002 1.839   1.00 53.92  ? 21 ASN E C   1 
ATOM   1038 O O   . ASN E 1 21 ? 9.640   -11.968 1.715   1.00 53.92  ? 21 ASN E O   1 
ATOM   1039 C CB  . ASN E 1 21 ? 10.707  -14.760 1.524   1.00 53.92  ? 21 ASN E CB  1 
ATOM   1040 C CG  . ASN E 1 21 ? 11.151  -15.999 0.774   1.00 53.92  ? 21 ASN E CG  1 
ATOM   1041 O OD1 . ASN E 1 21 ? 12.348  -16.259 0.647   1.00 53.92  ? 21 ASN E OD1 1 
ATOM   1042 N ND2 . ASN E 1 21 ? 10.196  -16.772 0.277   1.00 53.92  ? 21 ASN E ND2 1 
ATOM   1043 N N   . ASN E 1 22 ? 7.958   -13.100 2.652   1.00 50.64  ? 22 ASN E N   1 
ATOM   1044 C CA  . ASN E 1 22 ? 7.604   -11.979 3.494   1.00 50.64  ? 22 ASN E CA  1 
ATOM   1045 C C   . ASN E 1 22 ? 7.740   -12.385 4.930   1.00 50.64  ? 22 ASN E C   1 
ATOM   1046 O O   . ASN E 1 22 ? 7.225   -13.417 5.329   1.00 50.64  ? 22 ASN E O   1 
ATOM   1047 C CB  . ASN E 1 22 ? 6.177   -11.524 3.228   1.00 50.64  ? 22 ASN E CB  1 
ATOM   1048 C CG  . ASN E 1 22 ? 5.772   -10.350 4.094   1.00 50.64  ? 22 ASN E CG  1 
ATOM   1049 O OD1 . ASN E 1 22 ? 6.600   -9.515  4.453   1.00 50.64  ? 22 ASN E OD1 1 
ATOM   1050 N ND2 . ASN E 1 22 ? 4.494   -10.277 4.428   1.00 50.64  ? 22 ASN E ND2 1 
ATOM   1051 N N   . PHE E 1 23 ? 8.457   -11.596 5.709   1.00 48.27  ? 23 PHE E N   1 
ATOM   1052 C CA  . PHE E 1 23 ? 8.569   -11.863 7.124   1.00 48.27  ? 23 PHE E CA  1 
ATOM   1053 C C   . PHE E 1 23 ? 8.283   -10.508 7.700   1.00 48.27  ? 23 PHE E C   1 
ATOM   1054 O O   . PHE E 1 23 ? 9.158   -9.885  8.294   1.00 48.27  ? 23 PHE E O   1 
ATOM   1055 C CB  . PHE E 1 23 ? 9.991   -12.266 7.496   1.00 48.27  ? 23 PHE E CB  1 
ATOM   1056 C CG  . PHE E 1 23 ? 10.431  -13.583 6.926   1.00 48.27  ? 23 PHE E CG  1 
ATOM   1057 C CD1 . PHE E 1 23 ? 10.846  -13.686 5.608   1.00 48.27  ? 23 PHE E CD1 1 
ATOM   1058 C CD2 . PHE E 1 23 ? 10.467  -14.711 7.722   1.00 48.27  ? 23 PHE E CD2 1 
ATOM   1059 C CE1 . PHE E 1 23 ? 11.261  -14.894 5.092   1.00 48.27  ? 23 PHE E CE1 1 
ATOM   1060 C CE2 . PHE E 1 23 ? 10.886  -15.924 7.212   1.00 48.27  ? 23 PHE E CE2 1 
ATOM   1061 C CZ  . PHE E 1 23 ? 11.282  -16.015 5.893   1.00 48.27  ? 23 PHE E CZ  1 
ATOM   1062 N N   . GLY E 1 24 ? 7.058   -10.036 7.537   1.00 50.56  ? 24 GLY E N   1 
ATOM   1063 C CA  . GLY E 1 24 ? 6.743   -8.693  7.974   1.00 50.56  ? 24 GLY E CA  1 
ATOM   1064 C C   . GLY E 1 24 ? 5.352   -8.318  7.540   1.00 50.56  ? 24 GLY E C   1 
ATOM   1065 O O   . GLY E 1 24 ? 4.598   -9.164  7.075   1.00 50.56  ? 24 GLY E O   1 
ATOM   1066 N N   . ALA E 1 25 ? 4.998   -7.050  7.689   1.00 51.91  ? 25 ALA E N   1 
ATOM   1067 C CA  . ALA E 1 25 ? 3.645   -6.647  7.365   1.00 51.91  ? 25 ALA E CA  1 
ATOM   1068 C C   . ALA E 1 25 ? 3.570   -5.885  6.064   1.00 51.91  ? 25 ALA E C   1 
ATOM   1069 O O   . ALA E 1 25 ? 4.207   -4.854  5.908   1.00 51.91  ? 25 ALA E O   1 
ATOM   1070 C CB  . ALA E 1 25 ? 3.074   -5.807  8.493   1.00 51.91  ? 25 ALA E CB  1 
ATOM   1071 N N   . ILE E 1 26 ? 2.787   -6.389  5.122   1.00 47.88  ? 26 ILE E N   1 
ATOM   1072 C CA  . ILE E 1 26 ? 2.604   -5.666  3.885   1.00 47.88  ? 26 ILE E CA  1 
ATOM   1073 C C   . ILE E 1 26 ? 1.150   -5.301  3.756   1.00 47.88  ? 26 ILE E C   1 
ATOM   1074 O O   . ILE E 1 26 ? 0.294   -6.175  3.747   1.00 47.88  ? 26 ILE E O   1 
ATOM   1075 C CB  . ILE E 1 26 ? 2.978   -6.527  2.672   1.00 47.88  ? 26 ILE E CB  1 
ATOM   1076 C CG1 . ILE E 1 26 ? 4.425   -7.001  2.771   1.00 47.88  ? 26 ILE E CG1 1 
ATOM   1077 C CG2 . ILE E 1 26 ? 2.776   -5.751  1.378   1.00 47.88  ? 26 ILE E CG2 1 
ATOM   1078 C CD1 . ILE E 1 26 ? 4.888   -7.780  1.561   1.00 47.88  ? 26 ILE E CD1 1 
ATOM   1079 N N   . LEU E 1 27 ? 0.849   -4.016  3.650   1.00 51.47  ? 27 LEU E N   1 
ATOM   1080 C CA  . LEU E 1 27 ? -0.524  -3.616  3.418   1.00 51.47  ? 27 LEU E CA  1 
ATOM   1081 C C   . LEU E 1 27 ? -0.514  -3.034  2.029   1.00 51.47  ? 27 LEU E C   1 
ATOM   1082 O O   . LEU E 1 27 ? 0.155   -2.044  1.767   1.00 51.47  ? 27 LEU E O   1 
ATOM   1083 C CB  . LEU E 1 27 ? -0.965  -2.582  4.450   1.00 51.47  ? 27 LEU E CB  1 
ATOM   1084 C CG  . LEU E 1 27 ? -2.210  -1.709  4.277   1.00 51.47  ? 27 LEU E CG  1 
ATOM   1085 C CD1 . LEU E 1 27 ? -3.421  -2.461  3.761   1.00 51.47  ? 27 LEU E CD1 1 
ATOM   1086 C CD2 . LEU E 1 27 ? -2.532  -1.000  5.584   1.00 51.47  ? 27 LEU E CD2 1 
ATOM   1087 N N   . SER E 1 28 ? -1.253  -3.654  1.124   1.00 47.01  ? 28 SER E N   1 
ATOM   1088 C CA  . SER E 1 28 ? -1.305  -3.151  -0.225  1.00 47.01  ? 28 SER E CA  1 
ATOM   1089 C C   . SER E 1 28 ? -2.726  -2.860  -0.605  1.00 47.01  ? 28 SER E C   1 
ATOM   1090 O O   . SER E 1 28 ? -3.575  -3.739  -0.550  1.00 47.01  ? 28 SER E O   1 
ATOM   1091 C CB  . SER E 1 28 ? -0.720  -4.170  -1.197  1.00 47.01  ? 28 SER E CB  1 
ATOM   1092 O OG  . SER E 1 28 ? -0.839  -3.715  -2.531  1.00 47.01  ? 28 SER E OG  1 
ATOM   1093 N N   . SER E 1 29 ? -3.000  -1.634  -1.008  1.00 48.28  ? 29 SER E N   1 
ATOM   1094 C CA  . SER E 1 29 ? -4.334  -1.338  -1.474  1.00 48.28  ? 29 SER E CA  1 
ATOM   1095 C C   . SER E 1 29 ? -4.273  -0.771  -2.865  1.00 48.28  ? 29 SER E C   1 
ATOM   1096 O O   . SER E 1 29 ? -3.587  0.214   -3.110  1.00 48.28  ? 29 SER E O   1 
ATOM   1097 C CB  . SER E 1 29 ? -5.034  -0.362  -0.536  1.00 48.28  ? 29 SER E CB  1 
ATOM   1098 O OG  . SER E 1 29 ? -4.365  0.883   -0.509  1.00 48.28  ? 29 SER E OG  1 
ATOM   1099 N N   . THR E 1 30 ? -4.990  -1.379  -3.792  1.00 51.95  ? 30 THR E N   1 
ATOM   1100 C CA  . THR E 1 30 ? -5.046  -0.813  -5.118  1.00 51.95  ? 30 THR E CA  1 
ATOM   1101 C C   . THR E 1 30 ? -6.481  -0.412  -5.334  1.00 51.95  ? 30 THR E C   1 
ATOM   1102 O O   . THR E 1 30 ? -7.387  -1.228  -5.207  1.00 51.95  ? 30 THR E O   1 
ATOM   1103 C CB  . THR E 1 30 ? -4.599  -1.807  -6.203  1.00 51.95  ? 30 THR E CB  1 
ATOM   1104 O OG1 . THR E 1 30 ? -5.619  -2.788  -6.419  1.00 51.95  ? 30 THR E OG1 1 
ATOM   1105 C CG2 . THR E 1 30 ? -3.307  -2.503  -5.799  1.00 51.95  ? 30 THR E CG2 1 
ATOM   1106 N N   . ASN E 1 31 ? -6.705  0.852   -5.638  1.00 50.04  ? 31 ASN E N   1 
ATOM   1107 C CA  . ASN E 1 31 ? -8.052  1.288   -5.909  1.00 50.04  ? 31 ASN E CA  1 
ATOM   1108 C C   . ASN E 1 31 ? -8.086  1.723   -7.349  1.00 50.04  ? 31 ASN E C   1 
ATOM   1109 O O   . ASN E 1 31 ? -7.355  2.619   -7.743  1.00 50.04  ? 31 ASN E O   1 
ATOM   1110 C CB  . ASN E 1 31 ? -8.415  2.456   -5.005  1.00 50.04  ? 31 ASN E CB  1 
ATOM   1111 C CG  . ASN E 1 31 ? -8.456  2.071   -3.539  1.00 50.04  ? 31 ASN E CG  1 
ATOM   1112 O OD1 . ASN E 1 31 ? -8.223  2.903   -2.664  1.00 50.04  ? 31 ASN E OD1 1 
ATOM   1113 N ND2 . ASN E 1 31 ? -8.749  0.807   -3.262  1.00 50.04  ? 31 ASN E ND2 1 
ATOM   1114 N N   . VAL E 1 32 ? -8.935  1.098   -8.146  1.00 48.07  ? 32 VAL E N   1 
ATOM   1115 C CA  . VAL E 1 32 ? -9.066  1.517   -9.522  1.00 48.07  ? 32 VAL E CA  1 
ATOM   1116 C C   . VAL E 1 32 ? -10.478 2.005   -9.719  1.00 48.07  ? 32 VAL E C   1 
ATOM   1117 O O   . VAL E 1 32 ? -11.426 1.259   -9.506  1.00 48.07  ? 32 VAL E O   1 
ATOM   1118 C CB  . VAL E 1 32 ? -8.794  0.357   -10.486 1.00 48.07  ? 32 VAL E CB  1 
ATOM   1119 C CG1 . VAL E 1 32 ? -8.777  0.854   -11.921 1.00 48.07  ? 32 VAL E CG1 1 
ATOM   1120 C CG2 . VAL E 1 32 ? -7.476  -0.319  -10.145 1.00 48.07  ? 32 VAL E CG2 1 
ATOM   1121 N N   . GLY E 1 33 ? -10.631 3.258   -10.117 1.00 49.48  ? 33 GLY E N   1 
ATOM   1122 C CA  . GLY E 1 33 ? -11.949 3.797   -10.375 1.00 49.48  ? 33 GLY E CA  1 
ATOM   1123 C C   . GLY E 1 33 ? -12.888 3.644   -9.208  1.00 49.48  ? 33 GLY E C   1 
ATOM   1124 O O   . GLY E 1 33 ? -14.056 3.339   -9.404  1.00 49.48  ? 33 GLY E O   1 
ATOM   1125 N N   . SER E 1 34 ? -12.408 3.866   -7.995  1.00 51.89  ? 34 SER E N   1 
ATOM   1126 C CA  . SER E 1 34 ? -13.255 3.628   -6.841  1.00 51.89  ? 34 SER E CA  1 
ATOM   1127 C C   . SER E 1 34 ? -13.342 4.826   -5.919  1.00 51.89  ? 34 SER E C   1 
ATOM   1128 O O   . SER E 1 34 ? -12.386 5.574   -5.761  1.00 51.89  ? 34 SER E O   1 
ATOM   1129 C CB  . SER E 1 34 ? -12.746 2.419   -6.069  1.00 51.89  ? 34 SER E CB  1 
ATOM   1130 O OG  . SER E 1 34 ? -11.588 2.749   -5.332  1.00 51.89  ? 34 SER E OG  1 
ATOM   1131 N N   . ASN E 1 35 ? -14.497 5.013   -5.306  1.00 54.46  ? 35 ASN E N   1 
ATOM   1132 C CA  . ASN E 1 35 ? -14.651 6.116   -4.385  1.00 54.46  ? 35 ASN E CA  1 
ATOM   1133 C C   . ASN E 1 35 ? -14.563 5.573   -2.978  1.00 54.46  ? 35 ASN E C   1 
ATOM   1134 O O   . ASN E 1 35 ? -15.342 4.706   -2.594  1.00 54.46  ? 35 ASN E O   1 
ATOM   1135 C CB  . ASN E 1 35 ? -15.997 6.792   -4.599  1.00 54.46  ? 35 ASN E CB  1 
ATOM   1136 C CG  . ASN E 1 35 ? -16.089 7.490   -5.935  1.00 54.46  ? 35 ASN E CG  1 
ATOM   1137 O OD1 . ASN E 1 35 ? -15.116 8.077   -6.401  1.00 54.46  ? 35 ASN E OD1 1 
ATOM   1138 N ND2 . ASN E 1 35 ? -17.265 7.446   -6.552  1.00 54.46  ? 35 ASN E ND2 1 
ATOM   1139 N N   . THR E 1 36 ? -13.615 6.081   -2.204  1.00 54.32  ? 36 THR E N   1 
ATOM   1140 C CA  . THR E 1 36 ? -13.453 5.620   -0.836  1.00 54.32  ? 36 THR E CA  1 
ATOM   1141 C C   . THR E 1 36 ? -13.710 6.764   0.113   1.00 54.32  ? 36 THR E C   1 
ATOM   1142 O O   . THR E 1 36 ? -13.240 7.876   -0.103  1.00 54.32  ? 36 THR E O   1 
ATOM   1143 C CB  . THR E 1 36 ? -12.056 5.036   -0.562  1.00 54.32  ? 36 THR E CB  1 
ATOM   1144 O OG1 . THR E 1 36 ? -11.155 6.080   -0.181  1.00 54.32  ? 36 THR E OG1 1 
ATOM   1145 C CG2 . THR E 1 36 ? -11.518 4.299   -1.779  1.00 54.32  ? 36 THR E CG2 1 
HETATM 1146 N N   . TYC E 1 37 ? -14.631 6.694   1.127   1.00 20.00  ? 37 TYC E N   1 
HETATM 1147 C CA  . TYC E 1 37 ? -14.950 7.688   2.161   1.00 20.00  ? 37 TYC E CA  1 
HETATM 1148 C C   . TYC E 1 37 ? -14.587 7.136   3.516   1.00 20.00  ? 37 TYC E C   1 
HETATM 1149 O O   . TYC E 1 37 ? -14.639 5.943   3.717   1.00 20.00  ? 37 TYC E O   1 
HETATM 1150 C CB  . TYC E 1 37 ? -16.444 8.005   2.120   1.00 20.00  ? 37 TYC E CB  1 
HETATM 1151 C CG  . TYC E 1 37 ? -16.774 8.714   0.832   1.00 20.00  ? 37 TYC E CG  1 
HETATM 1152 C CD1 . TYC E 1 37 ? -17.110 7.983   -0.291  1.00 20.00  ? 37 TYC E CD1 1 
HETATM 1153 C CD2 . TYC E 1 37 ? -16.741 10.095  0.778   1.00 20.00  ? 37 TYC E CD2 1 
HETATM 1154 C CE1 . TYC E 1 37 ? -17.412 8.632   -1.472  1.00 20.00  ? 37 TYC E CE1 1 
HETATM 1155 C CE2 . TYC E 1 37 ? -17.037 10.747  -0.402  1.00 20.00  ? 37 TYC E CE2 1 
HETATM 1156 O OH  . TYC E 1 37 ? -17.672 10.658  -2.694  1.00 20.00  ? 37 TYC E OH  1 
HETATM 1157 C CZ  . TYC E 1 37 ? -17.377 10.017  -1.532  1.00 20.00  ? 37 TYC E CZ  1 
HETATM 1158 N NXT . TYC E 1 37 ? -14.210 7.970   4.503   1.00 20.00  ? 37 TYC E NXT 1 
ATOM   1159 N N   . LYS F 1 1  ? 9.373   -3.563  29.559  1.00 255.90 ? 1  LYS F N   1 
ATOM   1160 C CA  . LYS F 1 1  ? 10.631  -3.470  30.291  1.00 255.90 ? 1  LYS F CA  1 
ATOM   1161 C C   . LYS F 1 1  ? 11.445  -4.738  30.124  1.00 255.90 ? 1  LYS F C   1 
ATOM   1162 O O   . LYS F 1 1  ? 11.012  -5.817  30.524  1.00 255.90 ? 1  LYS F O   1 
ATOM   1163 C CB  . LYS F 1 1  ? 10.385  -3.198  31.778  1.00 255.90 ? 1  LYS F CB  1 
ATOM   1164 C CG  . LYS F 1 1  ? 10.518  -1.738  32.188  1.00 255.90 ? 1  LYS F CG  1 
ATOM   1165 C CD  . LYS F 1 1  ? 9.458   -0.857  31.548  1.00 255.90 ? 1  LYS F CD  1 
ATOM   1166 C CE  . LYS F 1 1  ? 8.078   -1.141  32.116  1.00 255.90 ? 1  LYS F CE  1 
ATOM   1167 N NZ  . LYS F 1 1  ? 7.028   -0.327  31.442  1.00 255.90 ? 1  LYS F NZ  1 
ATOM   1168 N N   . CYS F 1 2  ? 12.618  -4.618  29.516  1.00 254.69 ? 2  CYS F N   1 
ATOM   1169 C CA  . CYS F 1 2  ? 13.431  -5.798  29.265  1.00 254.69 ? 2  CYS F CA  1 
ATOM   1170 C C   . CYS F 1 2  ? 14.729  -5.761  30.043  1.00 254.69 ? 2  CYS F C   1 
ATOM   1171 O O   . CYS F 1 2  ? 15.538  -4.853  29.861  1.00 254.69 ? 2  CYS F O   1 
ATOM   1172 C CB  . CYS F 1 2  ? 13.730  -5.946  27.770  1.00 254.69 ? 2  CYS F CB  1 
ATOM   1173 S SG  . CYS F 1 2  ? 14.538  -7.515  27.391  1.00 254.69 ? 2  CYS F SG  1 
ATOM   1174 N N   . ASN F 1 3  ? 14.925  -6.729  30.927  1.00 255.13 ? 3  ASN F N   1 
ATOM   1175 C CA  . ASN F 1 3  ? 16.177  -6.821  31.660  1.00 255.13 ? 3  ASN F CA  1 
ATOM   1176 C C   . ASN F 1 3  ? 16.771  -8.157  31.298  1.00 255.13 ? 3  ASN F C   1 
ATOM   1177 O O   . ASN F 1 3  ? 17.633  -8.677  32.005  1.00 255.13 ? 3  ASN F O   1 
ATOM   1178 C CB  . ASN F 1 3  ? 15.938  -6.714  33.157  1.00 255.13 ? 3  ASN F CB  1 
ATOM   1179 C CG  . ASN F 1 3  ? 15.251  -5.420  33.546  1.00 255.13 ? 3  ASN F CG  1 
ATOM   1180 O OD1 . ASN F 1 3  ? 14.998  -4.558  32.704  1.00 255.13 ? 3  ASN F OD1 1 
ATOM   1181 N ND2 . ASN F 1 3  ? 14.944  -5.276  34.829  1.00 255.13 ? 3  ASN F ND2 1 
ATOM   1182 N N   . THR F 1 4  ? 16.315  -8.718  30.184  1.00 248.12 ? 4  THR F N   1 
ATOM   1183 C CA  . THR F 1 4  ? 16.781  -10.028 29.756  1.00 248.12 ? 4  THR F CA  1 
ATOM   1184 C C   . THR F 1 4  ? 18.249  -10.052 29.437  1.00 248.12 ? 4  THR F C   1 
ATOM   1185 O O   . THR F 1 4  ? 18.874  -9.009  29.303  1.00 248.12 ? 4  THR F O   1 
ATOM   1186 C CB  . THR F 1 4  ? 16.070  -10.456 28.463  1.00 248.12 ? 4  THR F CB  1 
ATOM   1187 O OG1 . THR F 1 4  ? 16.425  -9.556  27.406  1.00 248.12 ? 4  THR F OG1 1 
ATOM   1188 C CG2 . THR F 1 4  ? 14.567  -10.449 28.657  1.00 248.12 ? 4  THR F CG2 1 
ATOM   1189 N N   . ALA F 1 5  ? 18.818  -11.244 29.315  1.00 242.43 ? 5  ALA F N   1 
ATOM   1190 C CA  . ALA F 1 5  ? 20.201  -11.313 28.896  1.00 242.43 ? 5  ALA F CA  1 
ATOM   1191 C C   . ALA F 1 5  ? 20.229  -10.690 27.523  1.00 242.43 ? 5  ALA F C   1 
ATOM   1192 O O   . ALA F 1 5  ? 21.093  -9.867  27.223  1.00 242.43 ? 5  ALA F O   1 
ATOM   1193 C CB  . ALA F 1 5  ? 20.686  -12.745 28.860  1.00 242.43 ? 5  ALA F CB  1 
ATOM   1194 N N   . THR F 1 6  ? 19.268  -11.064 26.685  1.00 232.57 ? 6  THR F N   1 
ATOM   1195 C CA  . THR F 1 6  ? 19.172  -10.474 25.356  1.00 232.57 ? 6  THR F CA  1 
ATOM   1196 C C   . THR F 1 6  ? 17.749  -10.608 24.826  1.00 232.57 ? 6  THR F C   1 
ATOM   1197 O O   . THR F 1 6  ? 17.159  -11.685 24.885  1.00 232.57 ? 6  THR F O   1 
ATOM   1198 C CB  . THR F 1 6  ? 20.148  -11.133 24.368  1.00 232.57 ? 6  THR F CB  1 
ATOM   1199 O OG1 . THR F 1 6  ? 21.495  -10.843 24.761  1.00 232.57 ? 6  THR F OG1 1 
ATOM   1200 C CG2 . THR F 1 6  ? 19.915  -10.610 22.959  1.00 232.57 ? 6  THR F CG2 1 
ATOM   1201 N N   . CYS F 1 7  ? 17.195  -9.515  24.311  1.00 208.41 ? 7  CYS F N   1 
ATOM   1202 C CA  . CYS F 1 7  ? 15.834  -9.560  23.784  1.00 208.41 ? 7  CYS F CA  1 
ATOM   1203 C C   . CYS F 1 7  ? 15.669  -8.811  22.475  1.00 208.41 ? 7  CYS F C   1 
ATOM   1204 O O   . CYS F 1 7  ? 16.186  -7.706  22.315  1.00 208.41 ? 7  CYS F O   1 
ATOM   1205 C CB  . CYS F 1 7  ? 14.828  -9.034  24.817  1.00 208.41 ? 7  CYS F CB  1 
ATOM   1206 S SG  . CYS F 1 7  ? 15.127  -7.368  25.453  1.00 208.41 ? 7  CYS F SG  1 
ATOM   1207 N N   . ALA F 1 8  ? 14.953  -9.414  21.535  1.00 166.73 ? 8  ALA F N   1 
ATOM   1208 C CA  . ALA F 1 8  ? 14.693  -8.769  20.258  1.00 166.73 ? 8  ALA F CA  1 
ATOM   1209 C C   . ALA F 1 8  ? 13.212  -8.470  20.126  1.00 166.73 ? 8  ALA F C   1 
ATOM   1210 O O   . ALA F 1 8  ? 12.386  -9.376  20.171  1.00 166.73 ? 8  ALA F O   1 
ATOM   1211 C CB  . ALA F 1 8  ? 15.156  -9.655  19.117  1.00 166.73 ? 8  ALA F CB  1 
ATOM   1212 N N   . THR F 1 9  ? 12.870  -7.198  19.953  1.00 137.89 ? 9  THR F N   1 
ATOM   1213 C CA  . THR F 1 9  ? 11.473  -6.830  19.770  1.00 137.89 ? 9  THR F CA  1 
ATOM   1214 C C   . THR F 1 9  ? 11.268  -6.054  18.487  1.00 137.89 ? 9  THR F C   1 
ATOM   1215 O O   . THR F 1 9  ? 11.948  -5.062  18.240  1.00 137.89 ? 9  THR F O   1 
ATOM   1216 C CB  . THR F 1 9  ? 10.934  -6.011  20.958  1.00 137.89 ? 9  THR F CB  1 
ATOM   1217 O OG1 . THR F 1 9  ? 11.018  -6.794  22.156  1.00 137.89 ? 9  THR F OG1 1 
ATOM   1218 C CG2 . THR F 1 9  ? 9.490   -5.601  20.723  1.00 137.89 ? 9  THR F CG2 1 
ATOM   1219 N N   . GLN F 1 10 ? 10.336  -6.498  17.659  1.00 108.31 ? 10 GLN F N   1 
ATOM   1220 C CA  . GLN F 1 10 ? 10.038  -5.753  16.452  1.00 108.31 ? 10 GLN F CA  1 
ATOM   1221 C C   . GLN F 1 10 ? 8.578   -5.401  16.387  1.00 108.31 ? 10 GLN F C   1 
ATOM   1222 O O   . GLN F 1 10 ? 7.727   -6.273  16.498  1.00 108.31 ? 10 GLN F O   1 
ATOM   1223 C CB  . GLN F 1 10 ? 10.413  -6.555  15.211  1.00 108.31 ? 10 GLN F CB  1 
ATOM   1224 C CG  . GLN F 1 10 ? 11.892  -6.541  14.881  1.00 108.31 ? 10 GLN F CG  1 
ATOM   1225 C CD  . GLN F 1 10 ? 12.177  -7.117  13.509  1.00 108.31 ? 10 GLN F CD  1 
ATOM   1226 O OE1 . GLN F 1 10 ? 13.315  -7.109  13.043  1.00 108.31 ? 10 GLN F OE1 1 
ATOM   1227 N NE2 . GLN F 1 10 ? 11.136  -7.621  12.855  1.00 108.31 ? 10 GLN F NE2 1 
ATOM   1228 N N   . ARG F 1 11 ? 8.271   -4.127  16.205  1.00 89.94  ? 11 ARG F N   1 
ATOM   1229 C CA  . ARG F 1 11 ? 6.885   -3.746  16.023  1.00 89.94  ? 11 ARG F CA  1 
ATOM   1230 C C   . ARG F 1 11 ? 6.815   -3.154  14.635  1.00 89.94  ? 11 ARG F C   1 
ATOM   1231 O O   . ARG F 1 11 ? 7.458   -2.150  14.352  1.00 89.94  ? 11 ARG F O   1 
ATOM   1232 C CB  . ARG F 1 11 ? 6.469   -2.707  17.060  1.00 89.94  ? 11 ARG F CB  1 
ATOM   1233 C CG  . ARG F 1 11 ? 6.854   -3.069  18.485  1.00 89.94  ? 11 ARG F CG  1 
ATOM   1234 C CD  . ARG F 1 11 ? 6.712   -1.872  19.410  1.00 89.94  ? 11 ARG F CD  1 
ATOM   1235 N NE  . ARG F 1 11 ? 5.319   -1.491  19.608  1.00 89.94  ? 11 ARG F NE  1 
ATOM   1236 C CZ  . ARG F 1 11 ? 4.601   -1.822  20.676  1.00 89.94  ? 11 ARG F CZ  1 
ATOM   1237 N NH1 . ARG F 1 11 ? 3.337   -1.434  20.774  1.00 89.94  ? 11 ARG F NH1 1 
ATOM   1238 N NH2 . ARG F 1 11 ? 5.148   -2.535  21.650  1.00 89.94  ? 11 ARG F NH2 1 
ATOM   1239 N N   . LEU F 1 12 ? 6.029   -3.763  13.762  1.00 76.37  ? 12 LEU F N   1 
ATOM   1240 C CA  . LEU F 1 12 ? 5.884   -3.226  12.426  1.00 76.37  ? 12 LEU F CA  1 
ATOM   1241 C C   . LEU F 1 12 ? 4.439   -2.853  12.227  1.00 76.37  ? 12 LEU F C   1 
ATOM   1242 O O   . LEU F 1 12 ? 3.557   -3.688  12.363  1.00 76.37  ? 12 LEU F O   1 
ATOM   1243 C CB  . LEU F 1 12 ? 6.290   -4.261  11.384  1.00 76.37  ? 12 LEU F CB  1 
ATOM   1244 C CG  . LEU F 1 12 ? 7.655   -4.933  11.533  1.00 76.37  ? 12 LEU F CG  1 
ATOM   1245 C CD1 . LEU F 1 12 ? 7.859   -5.986  10.459  1.00 76.37  ? 12 LEU F CD1 1 
ATOM   1246 C CD2 . LEU F 1 12 ? 8.778   -3.921  11.507  1.00 76.37  ? 12 LEU F CD2 1 
ATOM   1247 N N   . ALA F 1 13 ? 4.184   -1.597  11.901  1.00 65.86  ? 13 ALA F N   1 
ATOM   1248 C CA  . ALA F 1 13 ? 2.811   -1.162  11.752  1.00 65.86  ? 13 ALA F CA  1 
ATOM   1249 C C   . ALA F 1 13 ? 2.553   -0.445  10.454  1.00 65.86  ? 13 ALA F C   1 
ATOM   1250 O O   . ALA F 1 13 ? 3.254   0.494   10.116  1.00 65.86  ? 13 ALA F O   1 
ATOM   1251 C CB  . ALA F 1 13 ? 2.420   -0.280  12.925  1.00 65.86  ? 13 ALA F CB  1 
ATOM   1252 N N   . ASN F 1 14 ? 1.545   -0.867  9.714   1.00 61.97  ? 14 ASN F N   1 
ATOM   1253 C CA  . ASN F 1 14 ? 1.191   -0.119  8.528   1.00 61.97  ? 14 ASN F CA  1 
ATOM   1254 C C   . ASN F 1 14 ? -0.172  0.418   8.852   1.00 61.97  ? 14 ASN F C   1 
ATOM   1255 O O   . ASN F 1 14 ? -1.091  -0.342  9.121   1.00 61.97  ? 14 ASN F O   1 
ATOM   1256 C CB  . ASN F 1 14 ? 1.112   -1.022  7.313   1.00 61.97  ? 14 ASN F CB  1 
ATOM   1257 C CG  . ASN F 1 14 ? 2.471   -1.358  6.750   1.00 61.97  ? 14 ASN F CG  1 
ATOM   1258 O OD1 . ASN F 1 14 ? 3.429   -0.614  6.936   1.00 61.97  ? 14 ASN F OD1 1 
ATOM   1259 N ND2 . ASN F 1 14 ? 2.560   -2.478  6.045   1.00 61.97  ? 14 ASN F ND2 1 
ATOM   1260 N N   . PHE F 1 15 ? -0.313  1.733   8.836   1.00 58.26  ? 15 PHE F N   1 
ATOM   1261 C CA  . PHE F 1 15 ? -1.600  2.328   9.109   1.00 58.26  ? 15 PHE F CA  1 
ATOM   1262 C C   . PHE F 1 15 ? -2.084  3.075   7.900   1.00 58.26  ? 15 PHE F C   1 
ATOM   1263 O O   . PHE F 1 15 ? -1.433  4.008   7.447   1.00 58.26  ? 15 PHE F O   1 
ATOM   1264 C CB  . PHE F 1 15 ? -1.494  3.300   10.279  1.00 58.26  ? 15 PHE F CB  1 
ATOM   1265 C CG  . PHE F 1 15 ? -1.675  2.664   11.621  1.00 58.26  ? 15 PHE F CG  1 
ATOM   1266 C CD1 . PHE F 1 15 ? -0.667  1.906   12.187  1.00 58.26  ? 15 PHE F CD1 1 
ATOM   1267 C CD2 . PHE F 1 15 ? -2.851  2.840   12.325  1.00 58.26  ? 15 PHE F CD2 1 
ATOM   1268 C CE1 . PHE F 1 15 ? -0.834  1.326   13.428  1.00 58.26  ? 15 PHE F CE1 1 
ATOM   1269 C CE2 . PHE F 1 15 ? -3.025  2.264   13.568  1.00 58.26  ? 15 PHE F CE2 1 
ATOM   1270 C CZ  . PHE F 1 15 ? -2.014  1.505   14.120  1.00 58.26  ? 15 PHE F CZ  1 
ATOM   1271 N N   . LEU F 1 16 ? -3.228  2.684   7.366   1.00 53.14  ? 16 LEU F N   1 
ATOM   1272 C CA  . LEU F 1 16 ? -3.798  3.438   6.274   1.00 53.14  ? 16 LEU F CA  1 
ATOM   1273 C C   . LEU F 1 16 ? -5.168  3.807   6.778   1.00 53.14  ? 16 LEU F C   1 
ATOM   1274 O O   . LEU F 1 16 ? -5.985  2.942   7.056   1.00 53.14  ? 16 LEU F O   1 
ATOM   1275 C CB  . LEU F 1 16 ? -3.876  2.586   5.012   1.00 53.14  ? 16 LEU F CB  1 
ATOM   1276 C CG  . LEU F 1 16 ? -4.564  3.129   3.760   1.00 53.14  ? 16 LEU F CG  1 
ATOM   1277 C CD1 . LEU F 1 16 ? -4.313  4.604   3.521   1.00 53.14  ? 16 LEU F CD1 1 
ATOM   1278 C CD2 . LEU F 1 16 ? -4.190  2.306   2.540   1.00 53.14  ? 16 LEU F CD2 1 
ATOM   1279 N N   . VAL F 1 17 ? -5.426  5.096   6.906   1.00 50.44  ? 17 VAL F N   1 
ATOM   1280 C CA  . VAL F 1 17 ? -6.734  5.522   7.347   1.00 50.44  ? 17 VAL F CA  1 
ATOM   1281 C C   . VAL F 1 17 ? -7.354  6.520   6.397   1.00 50.44  ? 17 VAL F C   1 
ATOM   1282 O O   . VAL F 1 17 ? -6.740  7.524   6.052   1.00 50.44  ? 17 VAL F O   1 
ATOM   1283 C CB  . VAL F 1 17 ? -6.692  6.061   8.794   1.00 50.44  ? 17 VAL F CB  1 
ATOM   1284 C CG1 . VAL F 1 17 ? -8.037  6.621   9.213   1.00 50.44  ? 17 VAL F CG1 1 
ATOM   1285 C CG2 . VAL F 1 17 ? -6.165  5.023   9.774   1.00 50.44  ? 17 VAL F CG2 1 
ATOM   1286 N N   . HIS F 1 18 ? -8.564  6.240   5.943   1.00 51.28  ? 18 HIS F N   1 
ATOM   1287 C CA  . HIS F 1 18 ? -9.252  7.202   5.120   1.00 51.28  ? 18 HIS F CA  1 
ATOM   1288 C C   . HIS F 1 18 ? -10.372 7.676   6.008   1.00 51.28  ? 18 HIS F C   1 
ATOM   1289 O O   . HIS F 1 18 ? -11.237 6.897   6.386   1.00 51.28  ? 18 HIS F O   1 
ATOM   1290 C CB  . HIS F 1 18 ? -9.829  6.530   3.887   1.00 51.28  ? 18 HIS F CB  1 
ATOM   1291 C CG  . HIS F 1 18 ? -8.798  6.092   2.896   1.00 51.28  ? 18 HIS F CG  1 
ATOM   1292 N ND1 . HIS F 1 18 ? -8.455  6.850   1.798   1.00 51.28  ? 18 HIS F ND1 1 
ATOM   1293 C CD2 . HIS F 1 18 ? -8.043  4.971   2.831   1.00 51.28  ? 18 HIS F CD2 1 
ATOM   1294 C CE1 . HIS F 1 18 ? -7.530  6.217   1.100   1.00 51.28  ? 18 HIS F CE1 1 
ATOM   1295 N NE2 . HIS F 1 18 ? -7.262  5.073   1.705   1.00 51.28  ? 18 HIS F NE2 1 
ATOM   1296 N N   . SER F 1 19 ? -10.364 8.952   6.352   1.00 48.44  ? 19 SER F N   1 
ATOM   1297 C CA  . SER F 1 19 ? -11.424 9.495   7.178   1.00 48.44  ? 19 SER F CA  1 
ATOM   1298 C C   . SER F 1 19 ? -12.056 10.694  6.514   1.00 48.44  ? 19 SER F C   1 
ATOM   1299 O O   . SER F 1 19 ? -11.360 11.615  6.107   1.00 48.44  ? 19 SER F O   1 
ATOM   1300 C CB  . SER F 1 19 ? -10.888 9.872   8.555   1.00 48.44  ? 19 SER F CB  1 
ATOM   1301 O OG  . SER F 1 19 ? -9.716  10.656  8.444   1.00 48.44  ? 19 SER F OG  1 
ATOM   1302 N N   . SER F 1 20 ? -13.374 10.691  6.388   1.00 48.49  ? 20 SER F N   1 
ATOM   1303 C CA  . SER F 1 20 ? -14.036 11.859  5.839   1.00 48.49  ? 20 SER F CA  1 
ATOM   1304 C C   . SER F 1 20 ? -15.126 12.368  6.737   1.00 48.49  ? 20 SER F C   1 
ATOM   1305 O O   . SER F 1 20 ? -16.012 11.618  7.121   1.00 48.49  ? 20 SER F O   1 
ATOM   1306 C CB  . SER F 1 20 ? -14.618 11.556  4.463   1.00 48.49  ? 20 SER F CB  1 
ATOM   1307 O OG  . SER F 1 20 ? -15.307 12.673  3.935   1.00 48.49  ? 20 SER F OG  1 
ATOM   1308 N N   . ASN F 1 21 ? -15.080 13.642  7.075   1.00 44.08  ? 21 ASN F N   1 
ATOM   1309 C CA  . ASN F 1 21 ? -16.167 14.207  7.836   1.00 44.08  ? 21 ASN F CA  1 
ATOM   1310 C C   . ASN F 1 21 ? -16.798 15.124  6.824   1.00 44.08  ? 21 ASN F C   1 
ATOM   1311 O O   . ASN F 1 21 ? -16.145 16.029  6.323   1.00 44.08  ? 21 ASN F O   1 
ATOM   1312 C CB  . ASN F 1 21 ? -15.650 15.031  9.008   1.00 44.08  ? 21 ASN F CB  1 
ATOM   1313 C CG  . ASN F 1 21 ? -14.936 14.196  10.049  1.00 44.08  ? 21 ASN F CG  1 
ATOM   1314 O OD1 . ASN F 1 21 ? -14.190 14.724  10.871  1.00 44.08  ? 21 ASN F OD1 1 
ATOM   1315 N ND2 . ASN F 1 21 ? -15.162 12.890  10.022  1.00 44.08  ? 21 ASN F ND2 1 
ATOM   1316 N N   . ASN F 1 22 ? -18.059 14.899  6.507   1.00 41.80  ? 22 ASN F N   1 
ATOM   1317 C CA  . ASN F 1 22 ? -18.698 15.713  5.500   1.00 41.80  ? 22 ASN F CA  1 
ATOM   1318 C C   . ASN F 1 22 ? -19.847 16.451  6.113   1.00 41.80  ? 22 ASN F C   1 
ATOM   1319 O O   . ASN F 1 22 ? -20.678 15.853  6.775   1.00 41.80  ? 22 ASN F O   1 
ATOM   1320 C CB  . ASN F 1 22 ? -19.189 14.859  4.335   1.00 41.80  ? 22 ASN F CB  1 
ATOM   1321 C CG  . ASN F 1 22 ? -19.760 15.694  3.203   1.00 41.80  ? 22 ASN F CG  1 
ATOM   1322 O OD1 . ASN F 1 22 ? -19.377 16.846  3.013   1.00 41.80  ? 22 ASN F OD1 1 
ATOM   1323 N ND2 . ASN F 1 22 ? -20.671 15.108  2.439   1.00 41.80  ? 22 ASN F ND2 1 
ATOM   1324 N N   . PHE F 1 23 ? -19.886 17.758  5.924   1.00 39.23  ? 23 PHE F N   1 
ATOM   1325 C CA  . PHE F 1 23 ? -20.999 18.547  6.407   1.00 39.23  ? 23 PHE F CA  1 
ATOM   1326 C C   . PHE F 1 23 ? -21.304 19.348  5.177   1.00 39.23  ? 23 PHE F C   1 
ATOM   1327 O O   . PHE F 1 23 ? -21.125 20.562  5.165   1.00 39.23  ? 23 PHE F O   1 
ATOM   1328 C CB  . PHE F 1 23 ? -20.555 19.479  7.529   1.00 39.23  ? 23 PHE F CB  1 
ATOM   1329 C CG  . PHE F 1 23 ? -19.888 18.785  8.680   1.00 39.23  ? 23 PHE F CG  1 
ATOM   1330 C CD1 . PHE F 1 23 ? -18.533 18.498  8.647   1.00 39.23  ? 23 PHE F CD1 1 
ATOM   1331 C CD2 . PHE F 1 23 ? -20.611 18.444  9.806   1.00 39.23  ? 23 PHE F CD2 1 
ATOM   1332 C CE1 . PHE F 1 23 ? -17.917 17.866  9.707   1.00 39.23  ? 23 PHE F CE1 1 
ATOM   1333 C CE2 . PHE F 1 23 ? -20.000 17.814  10.873  1.00 39.23  ? 23 PHE F CE2 1 
ATOM   1334 C CZ  . PHE F 1 23 ? -18.652 17.522  10.822  1.00 39.23  ? 23 PHE F CZ  1 
ATOM   1335 N N   . GLY F 1 24 ? -21.774 18.686  4.132   1.00 41.59  ? 24 GLY F N   1 
ATOM   1336 C CA  . GLY F 1 24 ? -21.977 19.378  2.876   1.00 41.59  ? 24 GLY F CA  1 
ATOM   1337 C C   . GLY F 1 24 ? -22.126 18.361  1.773   1.00 41.59  ? 24 GLY F C   1 
ATOM   1338 O O   . GLY F 1 24 ? -22.519 17.228  2.031   1.00 41.59  ? 24 GLY F O   1 
ATOM   1339 N N   . ALA F 1 25 ? -21.836 18.755  0.541   1.00 45.48  ? 25 ALA F N   1 
ATOM   1340 C CA  . ALA F 1 25 ? -22.043 17.849  -0.578  1.00 45.48  ? 25 ALA F CA  1 
ATOM   1341 C C   . ALA F 1 25 ? -20.783 17.369  -1.261  1.00 45.48  ? 25 ALA F C   1 
ATOM   1342 O O   . ALA F 1 25 ? -19.937 18.169  -1.636  1.00 45.48  ? 25 ALA F O   1 
ATOM   1343 C CB  . ALA F 1 25 ? -22.963 18.495  -1.598  1.00 45.48  ? 25 ALA F CB  1 
ATOM   1344 N N   . ILE F 1 26 ? -20.643 16.061  -1.427  1.00 45.34  ? 26 ILE F N   1 
ATOM   1345 C CA  . ILE F 1 26 ? -19.507 15.540  -2.168  1.00 45.34  ? 26 ILE F CA  1 
ATOM   1346 C C   . ILE F 1 26 ? -20.072 14.820  -3.374  1.00 45.34  ? 26 ILE F C   1 
ATOM   1347 O O   . ILE F 1 26 ? -20.920 13.947  -3.226  1.00 45.34  ? 26 ILE F O   1 
ATOM   1348 C CB  . ILE F 1 26 ? -18.696 14.533  -1.342  1.00 45.34  ? 26 ILE F CB  1 
ATOM   1349 C CG1 . ILE F 1 26 ? -18.121 15.196  -0.094  1.00 45.34  ? 26 ILE F CG1 1 
ATOM   1350 C CG2 . ILE F 1 26 ? -17.564 13.947  -2.168  1.00 45.34  ? 26 ILE F CG2 1 
ATOM   1351 C CD1 . ILE F 1 26 ? -17.214 14.290  0.708   1.00 45.34  ? 26 ILE F CD1 1 
ATOM   1352 N N   . LEU F 1 27 ? -19.622 15.176  -4.570  1.00 47.47  ? 27 LEU F N   1 
ATOM   1353 C CA  . LEU F 1 27 ? -20.068 14.469  -5.763  1.00 47.47  ? 27 LEU F CA  1 
ATOM   1354 C C   . LEU F 1 27 ? -18.873 13.787  -6.392  1.00 47.47  ? 27 LEU F C   1 
ATOM   1355 O O   . LEU F 1 27 ? -17.900 14.441  -6.735  1.00 47.47  ? 27 LEU F O   1 
ATOM   1356 C CB  . LEU F 1 27 ? -20.697 15.434  -6.764  1.00 47.47  ? 27 LEU F CB  1 
ATOM   1357 C CG  . LEU F 1 27 ? -22.013 16.123  -6.391  1.00 47.47  ? 27 LEU F CG  1 
ATOM   1358 C CD1 . LEU F 1 27 ? -21.772 17.421  -5.633  1.00 47.47  ? 27 LEU F CD1 1 
ATOM   1359 C CD2 . LEU F 1 27 ? -22.816 16.402  -7.651  1.00 47.47  ? 27 LEU F CD2 1 
ATOM   1360 N N   . SER F 1 28 ? -18.937 12.472  -6.545  1.00 50.94  ? 28 SER F N   1 
ATOM   1361 C CA  . SER F 1 28 ? -17.801 11.746  -7.088  1.00 50.94  ? 28 SER F CA  1 
ATOM   1362 C C   . SER F 1 28 ? -18.168 10.846  -8.246  1.00 50.94  ? 28 SER F C   1 
ATOM   1363 O O   . SER F 1 28 ? -19.075 10.031  -8.132  1.00 50.94  ? 28 SER F O   1 
ATOM   1364 C CB  . SER F 1 28 ? -17.142 10.919  -5.994  1.00 50.94  ? 28 SER F CB  1 
ATOM   1365 O OG  . SER F 1 28 ? -16.751 11.735  -4.909  1.00 50.94  ? 28 SER F OG  1 
ATOM   1366 N N   . SER F 1 29 ? -17.465 10.981  -9.362  1.00 53.66  ? 29 SER F N   1 
ATOM   1367 C CA  . SER F 1 29 ? -17.704 10.102  -10.499 1.00 53.66  ? 29 SER F CA  1 
ATOM   1368 C C   . SER F 1 29 ? -16.392 9.532   -10.991 1.00 53.66  ? 29 SER F C   1 
ATOM   1369 O O   . SER F 1 29 ? -15.426 10.268  -11.164 1.00 53.66  ? 29 SER F O   1 
ATOM   1370 C CB  . SER F 1 29 ? -18.404 10.854  -11.625 1.00 53.66  ? 29 SER F CB  1 
ATOM   1371 O OG  . SER F 1 29 ? -17.655 11.987  -12.022 1.00 53.66  ? 29 SER F OG  1 
ATOM   1372 N N   . THR F 1 30 ? -16.337 8.227   -11.213 1.00 51.96  ? 30 THR F N   1 
ATOM   1373 C CA  . THR F 1 30 ? -15.125 7.644   -11.759 1.00 51.96  ? 30 THR F CA  1 
ATOM   1374 C C   . THR F 1 30 ? -15.368 6.912   -13.053 1.00 51.96  ? 30 THR F C   1 
ATOM   1375 O O   . THR F 1 30 ? -16.268 6.088   -13.132 1.00 51.96  ? 30 THR F O   1 
ATOM   1376 C CB  . THR F 1 30 ? -14.473 6.646   -10.789 1.00 51.96  ? 30 THR F CB  1 
ATOM   1377 O OG1 . THR F 1 30 ? -15.282 5.473   -10.695 1.00 51.96  ? 30 THR F OG1 1 
ATOM   1378 C CG2 . THR F 1 30 ? -14.302 7.252   -9.415  1.00 51.96  ? 30 THR F CG2 1 
ATOM   1379 N N   . ASN F 1 31 ? -14.594 7.217   -14.087 1.00 51.52  ? 31 ASN F N   1 
ATOM   1380 C CA  . ASN F 1 31 ? -14.704 6.460   -15.322 1.00 51.52  ? 31 ASN F CA  1 
ATOM   1381 C C   . ASN F 1 31 ? -13.330 5.888   -15.569 1.00 51.52  ? 31 ASN F C   1 
ATOM   1382 O O   . ASN F 1 31 ? -12.383 6.634   -15.765 1.00 51.52  ? 31 ASN F O   1 
ATOM   1383 C CB  . ASN F 1 31 ? -15.074 7.365   -16.491 1.00 51.52  ? 31 ASN F CB  1 
ATOM   1384 C CG  . ASN F 1 31 ? -16.479 7.927   -16.389 1.00 51.52  ? 31 ASN F CG  1 
ATOM   1385 O OD1 . ASN F 1 31 ? -16.805 8.917   -17.042 1.00 51.52  ? 31 ASN F OD1 1 
ATOM   1386 N ND2 . ASN F 1 31 ? -17.318 7.300   -15.578 1.00 51.52  ? 31 ASN F ND2 1 
ATOM   1387 N N   . VAL F 1 32 ? -13.200 4.571   -15.580 1.00 49.96  ? 32 VAL F N   1 
ATOM   1388 C CA  . VAL F 1 32 ? -11.918 3.969   -15.902 1.00 49.96  ? 32 VAL F CA  1 
ATOM   1389 C C   . VAL F 1 32 ? -12.122 2.956   -17.009 1.00 49.96  ? 32 VAL F C   1 
ATOM   1390 O O   . VAL F 1 32 ? -13.008 2.116   -16.922 1.00 49.96  ? 32 VAL F O   1 
ATOM   1391 C CB  . VAL F 1 32 ? -11.256 3.312   -14.678 1.00 49.96  ? 32 VAL F CB  1 
ATOM   1392 C CG1 . VAL F 1 32 ? -10.114 2.404   -15.102 1.00 49.96  ? 32 VAL F CG1 1 
ATOM   1393 C CG2 . VAL F 1 32 ? -10.747 4.376   -13.723 1.00 49.96  ? 32 VAL F CG2 1 
ATOM   1394 N N   . GLY F 1 33 ? -11.319 3.041   -18.061 1.00 54.30  ? 33 GLY F N   1 
ATOM   1395 C CA  . GLY F 1 33 ? -11.442 2.113   -19.166 1.00 54.30  ? 33 GLY F CA  1 
ATOM   1396 C C   . GLY F 1 33 ? -12.831 2.163   -19.740 1.00 54.30  ? 33 GLY F C   1 
ATOM   1397 O O   . GLY F 1 33 ? -13.380 1.144   -20.139 1.00 54.30  ? 33 GLY F O   1 
ATOM   1398 N N   . SER F 1 34 ? -13.406 3.354   -19.811 1.00 59.39  ? 34 SER F N   1 
ATOM   1399 C CA  . SER F 1 34 ? -14.773 3.458   -20.270 1.00 59.39  ? 34 SER F CA  1 
ATOM   1400 C C   . SER F 1 34 ? -14.842 4.051   -21.654 1.00 59.39  ? 34 SER F C   1 
ATOM   1401 O O   . SER F 1 34 ? -14.277 5.105   -21.917 1.00 59.39  ? 34 SER F O   1 
ATOM   1402 C CB  . SER F 1 34 ? -15.589 4.314   -19.307 1.00 59.39  ? 34 SER F CB  1 
ATOM   1403 O OG  . SER F 1 34 ? -15.107 5.644   -19.283 1.00 59.39  ? 34 SER F OG  1 
ATOM   1404 N N   . ASN F 1 35 ? -15.545 3.376   -22.547 1.00 65.71  ? 35 ASN F N   1 
ATOM   1405 C CA  . ASN F 1 35 ? -15.700 3.907   -23.881 1.00 65.71  ? 35 ASN F CA  1 
ATOM   1406 C C   . ASN F 1 35 ? -17.111 4.425   -24.024 1.00 65.71  ? 35 ASN F C   1 
ATOM   1407 O O   . ASN F 1 35 ? -18.069 3.685   -23.836 1.00 65.71  ? 35 ASN F O   1 
ATOM   1408 C CB  . ASN F 1 35 ? -15.431 2.823   -24.913 1.00 65.71  ? 35 ASN F CB  1 
ATOM   1409 C CG  . ASN F 1 35 ? -13.998 2.335   -24.883 1.00 65.71  ? 35 ASN F CG  1 
ATOM   1410 O OD1 . ASN F 1 35 ? -13.137 2.936   -24.243 1.00 65.71  ? 35 ASN F OD1 1 
ATOM   1411 N ND2 . ASN F 1 35 ? -13.737 1.238   -25.582 1.00 65.71  ? 35 ASN F ND2 1 
ATOM   1412 N N   . THR F 1 36 ? -17.246 5.696   -24.365 1.00 69.85  ? 36 THR F N   1 
ATOM   1413 C CA  . THR F 1 36 ? -18.567 6.276   -24.534 1.00 69.85  ? 36 THR F CA  1 
ATOM   1414 C C   . THR F 1 36 ? -18.755 6.643   -25.989 1.00 69.85  ? 36 THR F C   1 
ATOM   1415 O O   . THR F 1 36 ? -17.886 7.254   -26.597 1.00 69.85  ? 36 THR F O   1 
ATOM   1416 C CB  . THR F 1 36 ? -18.782 7.513   -23.643 1.00 69.85  ? 36 THR F CB  1 
ATOM   1417 O OG1 . THR F 1 36 ? -18.214 8.668   -24.267 1.00 69.85  ? 36 THR F OG1 1 
ATOM   1418 C CG2 . THR F 1 36 ? -18.154 7.309   -22.271 1.00 69.85  ? 36 THR F CG2 1 
HETATM 1419 N N   . TYC F 1 37 ? -19.798 6.227   -26.566 1.00 20.00  ? 37 TYC F N   1 
HETATM 1420 C CA  . TYC F 1 37 ? -20.053 6.460   -27.993 1.00 20.00  ? 37 TYC F CA  1 
HETATM 1421 C C   . TYC F 1 37 ? -21.243 7.372   -28.148 1.00 20.00  ? 37 TYC F C   1 
HETATM 1422 O O   . TYC F 1 37 ? -22.125 7.361   -27.318 1.00 20.00  ? 37 TYC F O   1 
HETATM 1423 C CB  . TYC F 1 37 ? -20.336 5.127   -28.684 1.00 20.00  ? 37 TYC F CB  1 
HETATM 1424 C CG  . TYC F 1 37 ? -19.121 4.242   -28.588 1.00 20.00  ? 37 TYC F CG  1 
HETATM 1425 C CD1 . TYC F 1 37 ? -18.894 3.506   -27.439 1.00 20.00  ? 37 TYC F CD1 1 
HETATM 1426 C CD2 . TYC F 1 37 ? -18.238 4.163   -29.649 1.00 20.00  ? 37 TYC F CD2 1 
HETATM 1427 C CE1 . TYC F 1 37 ? -17.779 2.694   -27.348 1.00 20.00  ? 37 TYC F CE1 1 
HETATM 1428 C CE2 . TYC F 1 37 ? -17.121 3.356   -29.560 1.00 20.00  ? 37 TYC F CE2 1 
HETATM 1429 O OH  . TYC F 1 37 ? -15.792 1.818   -28.322 1.00 20.00  ? 37 TYC F OH  1 
HETATM 1430 C CZ  . TYC F 1 37 ? -16.890 2.616   -28.408 1.00 20.00  ? 37 TYC F CZ  1 
HETATM 1431 N NXT . TYC F 1 37 ? -21.325 8.197   -29.209 1.00 20.00  ? 37 TYC F NXT 1 
ATOM   1432 N N   . ARG G 1 11 ? 15.399  -30.613 -28.148 1.00 164.35 ? 11 ARG G N   1 
ATOM   1433 C CA  . ARG G 1 11 ? 15.009  -30.865 -26.767 1.00 164.35 ? 11 ARG G CA  1 
ATOM   1434 C C   . ARG G 1 11 ? 14.959  -29.567 -25.973 1.00 164.35 ? 11 ARG G C   1 
ATOM   1435 O O   . ARG G 1 11 ? 15.990  -29.032 -25.583 1.00 164.35 ? 11 ARG G O   1 
ATOM   1436 C CB  . ARG G 1 11 ? 15.972  -31.859 -26.114 1.00 164.35 ? 11 ARG G CB  1 
ATOM   1437 C CG  . ARG G 1 11 ? 15.610  -32.243 -24.688 1.00 164.35 ? 11 ARG G CG  1 
ATOM   1438 C CD  . ARG G 1 11 ? 16.367  -33.486 -24.259 1.00 164.35 ? 11 ARG G CD  1 
ATOM   1439 N NE  . ARG G 1 11 ? 16.106  -34.606 -25.159 1.00 164.35 ? 11 ARG G NE  1 
ATOM   1440 C CZ  . ARG G 1 11 ? 16.660  -35.807 -25.035 1.00 164.35 ? 11 ARG G CZ  1 
ATOM   1441 N NH1 . ARG G 1 11 ? 17.508  -36.050 -24.047 1.00 164.35 ? 11 ARG G NH1 1 
ATOM   1442 N NH2 . ARG G 1 11 ? 16.364  -36.767 -25.902 1.00 164.35 ? 11 ARG G NH2 1 
ATOM   1443 N N   . LEU G 1 12 ? 13.760  -29.057 -25.730 1.00 152.89 ? 12 LEU G N   1 
ATOM   1444 C CA  . LEU G 1 12 ? 13.643  -27.786 -25.030 1.00 152.89 ? 12 LEU G CA  1 
ATOM   1445 C C   . LEU G 1 12 ? 13.092  -27.995 -23.632 1.00 152.89 ? 12 LEU G C   1 
ATOM   1446 O O   . LEU G 1 12 ? 12.035  -28.594 -23.460 1.00 152.89 ? 12 LEU G O   1 
ATOM   1447 C CB  . LEU G 1 12 ? 12.735  -26.826 -25.800 1.00 152.89 ? 12 LEU G CB  1 
ATOM   1448 C CG  . LEU G 1 12 ? 12.987  -26.650 -27.299 1.00 152.89 ? 12 LEU G CG  1 
ATOM   1449 C CD1 . LEU G 1 12 ? 11.969  -25.695 -27.904 1.00 152.89 ? 12 LEU G CD1 1 
ATOM   1450 C CD2 . LEU G 1 12 ? 14.403  -26.179 -27.586 1.00 152.89 ? 12 LEU G CD2 1 
ATOM   1451 N N   . ALA G 1 13 ? 13.806  -27.497 -22.630 1.00 138.94 ? 13 ALA G N   1 
ATOM   1452 C CA  . ALA G 1 13 ? 13.350  -27.641 -21.258 1.00 138.94 ? 13 ALA G CA  1 
ATOM   1453 C C   . ALA G 1 13 ? 13.097  -26.290 -20.616 1.00 138.94 ? 13 ALA G C   1 
ATOM   1454 O O   . ALA G 1 13 ? 13.959  -25.420 -20.637 1.00 138.94 ? 13 ALA G O   1 
ATOM   1455 C CB  . ALA G 1 13 ? 14.360  -28.433 -20.444 1.00 138.94 ? 13 ALA G CB  1 
ATOM   1456 N N   . ASN G 1 14 ? 11.916  -26.108 -20.047 1.00 120.12 ? 14 ASN G N   1 
ATOM   1457 C CA  . ASN G 1 14 ? 11.628  -24.866 -19.348 1.00 120.12 ? 14 ASN G CA  1 
ATOM   1458 C C   . ASN G 1 14 ? 11.293  -25.184 -17.909 1.00 120.12 ? 14 ASN G C   1 
ATOM   1459 O O   . ASN G 1 14 ? 10.440  -26.023 -17.641 1.00 120.12 ? 14 ASN G O   1 
ATOM   1460 C CB  . ASN G 1 14 ? 10.460  -24.136 -20.005 1.00 120.12 ? 14 ASN G CB  1 
ATOM   1461 C CG  . ASN G 1 14 ? 10.115  -22.835 -19.301 1.00 120.12 ? 14 ASN G CG  1 
ATOM   1462 O OD1 . ASN G 1 14 ? 10.980  -22.174 -18.728 1.00 120.12 ? 14 ASN G OD1 1 
ATOM   1463 N ND2 . ASN G 1 14 ? 8.844   -22.458 -19.351 1.00 120.12 ? 14 ASN G ND2 1 
ATOM   1464 N N   . PHE G 1 15 ? 11.898  -24.458 -16.982 1.00 109.15 ? 15 PHE G N   1 
ATOM   1465 C CA  . PHE G 1 15 ? 11.678  -24.710 -15.571 1.00 109.15 ? 15 PHE G CA  1 
ATOM   1466 C C   . PHE G 1 15 ? 11.235  -23.430 -14.886 1.00 109.15 ? 15 PHE G C   1 
ATOM   1467 O O   . PHE G 1 15 ? 12.027  -22.504 -14.749 1.00 109.15 ? 15 PHE G O   1 
ATOM   1468 C CB  . PHE G 1 15 ? 12.986  -25.189 -14.967 1.00 109.15 ? 15 PHE G CB  1 
ATOM   1469 C CG  . PHE G 1 15 ? 12.836  -25.929 -13.677 1.00 109.15 ? 15 PHE G CG  1 
ATOM   1470 C CD1 . PHE G 1 15 ? 12.213  -25.347 -12.591 1.00 109.15 ? 15 PHE G CD1 1 
ATOM   1471 C CD2 . PHE G 1 15 ? 13.353  -27.204 -13.543 1.00 109.15 ? 15 PHE G CD2 1 
ATOM   1472 C CE1 . PHE G 1 15 ? 12.091  -26.033 -11.400 1.00 109.15 ? 15 PHE G CE1 1 
ATOM   1473 C CE2 . PHE G 1 15 ? 13.235  -27.896 -12.356 1.00 109.15 ? 15 PHE G CE2 1 
ATOM   1474 C CZ  . PHE G 1 15 ? 12.602  -27.310 -11.281 1.00 109.15 ? 15 PHE G CZ  1 
ATOM   1475 N N   . LEU G 1 16 ? 9.982   -23.360 -14.459 1.00 87.83  ? 16 LEU G N   1 
ATOM   1476 C CA  . LEU G 1 16 ? 9.499   -22.137 -13.852 1.00 87.83  ? 16 LEU G CA  1 
ATOM   1477 C C   . LEU G 1 16 ? 9.102   -22.426 -12.424 1.00 87.83  ? 16 LEU G C   1 
ATOM   1478 O O   . LEU G 1 16 ? 8.322   -23.338 -12.173 1.00 87.83  ? 16 LEU G O   1 
ATOM   1479 C CB  . LEU G 1 16 ? 8.308   -21.589 -14.638 1.00 87.83  ? 16 LEU G CB  1 
ATOM   1480 C CG  . LEU G 1 16 ? 7.879   -20.134 -14.420 1.00 87.83  ? 16 LEU G CG  1 
ATOM   1481 C CD1 . LEU G 1 16 ? 7.293   -19.563 -15.699 1.00 87.83  ? 16 LEU G CD1 1 
ATOM   1482 C CD2 . LEU G 1 16 ? 6.909   -19.967 -13.259 1.00 87.83  ? 16 LEU G CD2 1 
ATOM   1483 N N   . VAL G 1 17 ? 9.634   -21.665 -11.481 1.00 71.64  ? 17 VAL G N   1 
ATOM   1484 C CA  . VAL G 1 17 ? 9.219   -21.837 -10.103 1.00 71.64  ? 17 VAL G CA  1 
ATOM   1485 C C   . VAL G 1 17 ? 8.687   -20.530 -9.582  1.00 71.64  ? 17 VAL G C   1 
ATOM   1486 O O   . VAL G 1 17 ? 9.385   -19.525 -9.614  1.00 71.64  ? 17 VAL G O   1 
ATOM   1487 C CB  . VAL G 1 17 ? 10.397  -22.250 -9.204  1.00 71.64  ? 17 VAL G CB  1 
ATOM   1488 C CG1 . VAL G 1 17 ? 9.924   -22.482 -7.779  1.00 71.64  ? 17 VAL G CG1 1 
ATOM   1489 C CG2 . VAL G 1 17 ? 11.084  -23.490 -9.746  1.00 71.64  ? 17 VAL G CG2 1 
ATOM   1490 N N   . HIS G 1 18 ? 7.455   -20.517 -9.106  1.00 67.07  ? 18 HIS G N   1 
ATOM   1491 C CA  . HIS G 1 18 ? 6.944   -19.314 -8.485  1.00 67.07  ? 18 HIS G CA  1 
ATOM   1492 C C   . HIS G 1 18 ? 6.672   -19.732 -7.064  1.00 67.07  ? 18 HIS G C   1 
ATOM   1493 O O   . HIS G 1 18 ? 5.838   -20.592 -6.817  1.00 67.07  ? 18 HIS G O   1 
ATOM   1494 C CB  . HIS G 1 18 ? 5.654   -18.861 -9.153  1.00 67.07  ? 18 HIS G CB  1 
ATOM   1495 C CG  . HIS G 1 18 ? 5.127   -17.562 -8.630  1.00 67.07  ? 18 HIS G CG  1 
ATOM   1496 N ND1 . HIS G 1 18 ? 5.238   -16.380 -9.328  1.00 67.07  ? 18 HIS G ND1 1 
ATOM   1497 C CD2 . HIS G 1 18 ? 4.491   -17.257 -7.473  1.00 67.07  ? 18 HIS G CD2 1 
ATOM   1498 C CE1 . HIS G 1 18 ? 4.687   -15.404 -8.629  1.00 67.07  ? 18 HIS G CE1 1 
ATOM   1499 N NE2 . HIS G 1 18 ? 4.229   -15.910 -7.498  1.00 67.07  ? 18 HIS G NE2 1 
ATOM   1500 N N   . SER G 1 19 ? 7.375   -19.130 -6.120  1.00 60.62  ? 19 SER G N   1 
ATOM   1501 C CA  . SER G 1 19 ? 7.197   -19.506 -4.736  1.00 60.62  ? 19 SER G CA  1 
ATOM   1502 C C   . SER G 1 19 ? 6.898   -18.303 -3.886  1.00 60.62  ? 19 SER G C   1 
ATOM   1503 O O   . SER G 1 19 ? 7.626   -17.320 -3.925  1.00 60.62  ? 19 SER G O   1 
ATOM   1504 C CB  . SER G 1 19 ? 8.435   -20.223 -4.208  1.00 60.62  ? 19 SER G CB  1 
ATOM   1505 O OG  . SER G 1 19 ? 9.590   -19.422 -4.355  1.00 60.62  ? 19 SER G OG  1 
ATOM   1506 N N   . SER G 1 20 ? 5.829   -18.366 -3.113  1.00 54.76  ? 20 SER G N   1 
ATOM   1507 C CA  . SER G 1 20 ? 5.548   -17.279 -2.205  1.00 54.76  ? 20 SER G CA  1 
ATOM   1508 C C   . SER G 1 20 ? 5.489   -17.840 -0.811  1.00 54.76  ? 20 SER G C   1 
ATOM   1509 O O   . SER G 1 20 ? 4.719   -18.751 -0.538  1.00 54.76  ? 20 SER G O   1 
ATOM   1510 C CB  . SER G 1 20 ? 4.224   -16.610 -2.556  1.00 54.76  ? 20 SER G CB  1 
ATOM   1511 O OG  . SER G 1 20 ? 3.917   -15.586 -1.626  1.00 54.76  ? 20 SER G OG  1 
ATOM   1512 N N   . ASN G 1 21 ? 6.301   -17.304 0.081   1.00 53.92  ? 21 ASN G N   1 
ATOM   1513 C CA  . ASN G 1 21 ? 6.247   -17.744 1.457   1.00 53.92  ? 21 ASN G CA  1 
ATOM   1514 C C   . ASN G 1 21 ? 5.894   -16.528 2.271   1.00 53.92  ? 21 ASN G C   1 
ATOM   1515 O O   . ASN G 1 21 ? 6.541   -15.495 2.153   1.00 53.92  ? 21 ASN G O   1 
ATOM   1516 C CB  . ASN G 1 21 ? 7.598   -18.286 1.906   1.00 53.92  ? 21 ASN G CB  1 
ATOM   1517 C CG  . ASN G 1 21 ? 8.027   -19.516 1.132   1.00 53.92  ? 21 ASN G CG  1 
ATOM   1518 O OD1 . ASN G 1 21 ? 9.220   -19.777 0.983   1.00 53.92  ? 21 ASN G OD1 1 
ATOM   1519 N ND2 . ASN G 1 21 ? 7.063   -20.279 0.638   1.00 53.92  ? 21 ASN G ND2 1 
ATOM   1520 N N   . ASN G 1 22 ? 4.871   -16.636 3.100   1.00 50.64  ? 22 ASN G N   1 
ATOM   1521 C CA  . ASN G 1 22 ? 4.533   -15.525 3.963   1.00 50.64  ? 22 ASN G CA  1 
ATOM   1522 C C   . ASN G 1 22 ? 4.689   -15.952 5.390   1.00 50.64  ? 22 ASN G C   1 
ATOM   1523 O O   . ASN G 1 22 ? 4.177   -16.988 5.782   1.00 50.64  ? 22 ASN G O   1 
ATOM   1524 C CB  . ASN G 1 22 ? 3.102   -15.064 3.725   1.00 50.64  ? 22 ASN G CB  1 
ATOM   1525 C CG  . ASN G 1 22 ? 2.715   -13.901 4.614   1.00 50.64  ? 22 ASN G CG  1 
ATOM   1526 O OD1 . ASN G 1 22 ? 3.550   -13.073 4.971   1.00 50.64  ? 22 ASN G OD1 1 
ATOM   1527 N ND2 . ASN G 1 22 ? 1.442   -13.829 4.968   1.00 50.64  ? 22 ASN G ND2 1 
ATOM   1528 N N   . PHE G 1 23 ? 5.421   -15.176 6.169   1.00 48.27  ? 23 PHE G N   1 
ATOM   1529 C CA  . PHE G 1 23 ? 5.553   -15.463 7.579   1.00 48.27  ? 23 PHE G CA  1 
ATOM   1530 C C   . PHE G 1 23 ? 5.280   -14.116 8.177   1.00 48.27  ? 23 PHE G C   1 
ATOM   1531 O O   . PHE G 1 23 ? 6.165   -13.504 8.767   1.00 48.27  ? 23 PHE G O   1 
ATOM   1532 C CB  . PHE G 1 23 ? 6.980   -15.875 7.923   1.00 48.27  ? 23 PHE G CB  1 
ATOM   1533 C CG  . PHE G 1 23 ? 7.408   -17.185 7.327   1.00 48.27  ? 23 PHE G CG  1 
ATOM   1534 C CD1 . PHE G 1 23 ? 7.803   -17.270 6.002   1.00 48.27  ? 23 PHE G CD1 1 
ATOM   1535 C CD2 . PHE G 1 23 ? 7.454   -18.323 8.107   1.00 48.27  ? 23 PHE G CD2 1 
ATOM   1536 C CE1 . PHE G 1 23 ? 8.206   -18.471 5.462   1.00 48.27  ? 23 PHE G CE1 1 
ATOM   1537 C CE2 . PHE G 1 23 ? 7.861   -19.530 7.574   1.00 48.27  ? 23 PHE G CE2 1 
ATOM   1538 C CZ  . PHE G 1 23 ? 8.236   -19.604 6.247   1.00 48.27  ? 23 PHE G CZ  1 
ATOM   1539 N N   . GLY G 1 24 ? 4.054   -13.639 8.040   1.00 50.56  ? 24 GLY G N   1 
ATOM   1540 C CA  . GLY G 1 24 ? 3.750   -12.301 8.501   1.00 50.56  ? 24 GLY G CA  1 
ATOM   1541 C C   . GLY G 1 24 ? 2.352   -11.916 8.094   1.00 50.56  ? 24 GLY G C   1 
ATOM   1542 O O   . GLY G 1 24 ? 1.588   -12.755 7.628   1.00 50.56  ? 24 GLY G O   1 
ATOM   1543 N N   . ALA G 1 25 ? 2.004   -10.650 8.266   1.00 51.91  ? 25 ALA G N   1 
ATOM   1544 C CA  . ALA G 1 25 ? 0.647   -10.239 7.969   1.00 51.91  ? 25 ALA G CA  1 
ATOM   1545 C C   . ALA G 1 25 ? 0.555   -9.460  6.680   1.00 51.91  ? 25 ALA G C   1 
ATOM   1546 O O   . ALA G 1 25 ? 1.192   -8.428  6.529   1.00 51.91  ? 25 ALA G O   1 
ATOM   1547 C CB  . ALA G 1 25 ? 0.096   -9.415  9.117   1.00 51.91  ? 25 ALA G CB  1 
ATOM   1548 N N   . ILE G 1 26 ? -0.245  -9.948  5.743   1.00 47.88  ? 26 ILE G N   1 
ATOM   1549 C CA  . ILE G 1 26 ? -0.444  -9.207  4.519   1.00 47.88  ? 26 ILE G CA  1 
ATOM   1550 C C   . ILE G 1 26 ? -1.900  -8.837  4.418   1.00 47.88  ? 26 ILE G C   1 
ATOM   1551 O O   . ILE G 1 26 ? -2.757  -9.708  4.410   1.00 47.88  ? 26 ILE G O   1 
ATOM   1552 C CB  . ILE G 1 26 ? -0.092  -10.051 3.288   1.00 47.88  ? 26 ILE G CB  1 
ATOM   1553 C CG1 . ILE G 1 26 ? 1.355   -10.530 3.359   1.00 47.88  ? 26 ILE G CG1 1 
ATOM   1554 C CG2 . ILE G 1 26 ? -0.310  -9.256  2.009   1.00 47.88  ? 26 ILE G CG2 1 
ATOM   1555 C CD1 . ILE G 1 26 ? 1.798   -11.293 2.132   1.00 47.88  ? 26 ILE G CD1 1 
ATOM   1556 N N   . LEU G 1 27 ? -2.199  -7.550  4.335   1.00 51.47  ? 27 LEU G N   1 
ATOM   1557 C CA  . LEU G 1 27 ? -3.574  -7.143  4.130   1.00 51.47  ? 27 LEU G CA  1 
ATOM   1558 C C   . LEU G 1 27 ? -3.584  -6.542  2.749   1.00 51.47  ? 27 LEU G C   1 
ATOM   1559 O O   . LEU G 1 27 ? -2.916  -5.549  2.492   1.00 51.47  ? 27 LEU G O   1 
ATOM   1560 C CB  . LEU G 1 27 ? -3.996  -6.122  5.183   1.00 51.47  ? 27 LEU G CB  1 
ATOM   1561 C CG  . LEU G 1 27 ? -5.242  -5.244  5.042   1.00 51.47  ? 27 LEU G CG  1 
ATOM   1562 C CD1 . LEU G 1 27 ? -6.462  -5.986  4.534   1.00 51.47  ? 27 LEU G CD1 1 
ATOM   1563 C CD2 . LEU G 1 27 ? -5.541  -4.553  6.363   1.00 51.47  ? 27 LEU G CD2 1 
ATOM   1564 N N   . SER G 1 28 ? -4.339  -7.147  1.847   1.00 47.01  ? 28 SER G N   1 
ATOM   1565 C CA  . SER G 1 28 ? -4.409  -6.625  0.505   1.00 47.01  ? 28 SER G CA  1 
ATOM   1566 C C   . SER G 1 28 ? -5.835  -6.325  0.152   1.00 47.01  ? 28 SER G C   1 
ATOM   1567 O O   . SER G 1 28 ? -6.685  -7.203  0.208   1.00 47.01  ? 28 SER G O   1 
ATOM   1568 C CB  . SER G 1 28 ? -3.841  -7.631  -0.488  1.00 47.01  ? 28 SER G CB  1 
ATOM   1569 O OG  . SER G 1 28 ? -3.981  -7.157  -1.816  1.00 47.01  ? 28 SER G OG  1 
ATOM   1570 N N   . SER G 1 29 ? -6.112  -5.092  -0.230  1.00 48.28  ? 29 SER G N   1 
ATOM   1571 C CA  . SER G 1 29 ? -7.453  -4.787  -0.670  1.00 48.28  ? 29 SER G CA  1 
ATOM   1572 C C   . SER G 1 29 ? -7.411  -4.199  -2.054  1.00 48.28  ? 29 SER G C   1 
ATOM   1573 O O   . SER G 1 29 ? -6.725  -3.213  -2.296  1.00 48.28  ? 29 SER G O   1 
ATOM   1574 C CB  . SER G 1 29 ? -8.136  -3.823  0.292   1.00 48.28  ? 29 SER G CB  1 
ATOM   1575 O OG  . SER G 1 29 ? -7.462  -2.579  0.326   1.00 48.28  ? 29 SER G OG  1 
ATOM   1576 N N   . THR G 1 30 ? -8.145  -4.794  -2.979  1.00 51.95  ? 30 THR G N   1 
ATOM   1577 C CA  . THR G 1 30 ? -8.218  -4.208  -4.296  1.00 51.95  ? 30 THR G CA  1 
ATOM   1578 C C   . THR G 1 30 ? -9.655  -3.801  -4.484  1.00 51.95  ? 30 THR G C   1 
ATOM   1579 O O   . THR G 1 30 ? -10.561 -4.616  -4.355  1.00 51.95  ? 30 THR G O   1 
ATOM   1580 C CB  . THR G 1 30 ? -7.791  -5.189  -5.401  1.00 51.95  ? 30 THR G CB  1 
ATOM   1581 O OG1 . THR G 1 30 ? -8.816  -6.164  -5.615  1.00 51.95  ? 30 THR G OG1 1 
ATOM   1582 C CG2 . THR G 1 30 ? -6.494  -5.893  -5.027  1.00 51.95  ? 30 THR G CG2 1 
ATOM   1583 N N   . ASN G 1 31 ? -9.881  -2.533  -4.767  1.00 50.04  ? 31 ASN G N   1 
ATOM   1584 C CA  . ASN G 1 31 ? -11.231 -2.089  -5.012  1.00 50.04  ? 31 ASN G CA  1 
ATOM   1585 C C   . ASN G 1 31 ? -11.286 -1.634  -6.443  1.00 50.04  ? 31 ASN G C   1 
ATOM   1586 O O   . ASN G 1 31 ? -10.558 -0.733  -6.835  1.00 50.04  ? 31 ASN G O   1 
ATOM   1587 C CB  . ASN G 1 31 ? -11.577 -0.933  -4.084  1.00 50.04  ? 31 ASN G CB  1 
ATOM   1588 C CG  . ASN G 1 31 ? -11.597 -1.339  -2.624  1.00 50.04  ? 31 ASN G CG  1 
ATOM   1589 O OD1 . ASN G 1 31 ? -11.347 -0.520  -1.741  1.00 50.04  ? 31 ASN G OD1 1 
ATOM   1590 N ND2 . ASN G 1 31 ? -11.889 -2.606  -2.360  1.00 50.04  ? 31 ASN G ND2 1 
ATOM   1591 N N   . VAL G 1 32 ? -12.149 -2.245  -7.236  1.00 48.07  ? 32 VAL G N   1 
ATOM   1592 C CA  . VAL G 1 32 ? -12.300 -1.806  -8.604  1.00 48.07  ? 32 VAL G CA  1 
ATOM   1593 C C   . VAL G 1 32 ? -13.713 -1.312  -8.773  1.00 48.07  ? 32 VAL G C   1 
ATOM   1594 O O   . VAL G 1 32 ? -14.659 -2.059  -8.555  1.00 48.07  ? 32 VAL G O   1 
ATOM   1595 C CB  . VAL G 1 32 ? -12.045 -2.954  -9.588  1.00 48.07  ? 32 VAL G CB  1 
ATOM   1596 C CG1 . VAL G 1 32 ? -12.049 -2.436  -11.017 1.00 48.07  ? 32 VAL G CG1 1 
ATOM   1597 C CG2 . VAL G 1 32 ? -10.725 -3.637  -9.278  1.00 48.07  ? 32 VAL G CG2 1 
ATOM   1598 N N   . GLY G 1 33 ? -13.869 -0.054  -9.151  1.00 49.48  ? 33 GLY G N   1 
ATOM   1599 C CA  . GLY G 1 33 ? -15.190 0.493   -9.380  1.00 49.48  ? 33 GLY G CA  1 
ATOM   1600 C C   . GLY G 1 33 ? -16.111 0.325   -8.202  1.00 49.48  ? 33 GLY G C   1 
ATOM   1601 O O   . GLY G 1 33 ? -17.282 0.026   -8.383  1.00 49.48  ? 33 GLY G O   1 
ATOM   1602 N N   . SER G 1 34 ? -15.612 0.530   -6.992  1.00 51.89  ? 34 SER G N   1 
ATOM   1603 C CA  . SER G 1 34 ? -16.442 0.276   -5.829  1.00 51.89  ? 34 SER G CA  1 
ATOM   1604 C C   . SER G 1 34 ? -16.511 1.461   -4.890  1.00 51.89  ? 34 SER G C   1 
ATOM   1605 O O   . SER G 1 34 ? -15.551 2.204   -4.735  1.00 51.89  ? 34 SER G O   1 
ATOM   1606 C CB  . SER G 1 34 ? -15.924 -0.944  -5.082  1.00 51.89  ? 34 SER G CB  1 
ATOM   1607 O OG  . SER G 1 34 ? -14.754 -0.628  -4.359  1.00 51.89  ? 34 SER G OG  1 
ATOM   1608 N N   . ASN G 1 35 ? -17.657 1.644   -4.256  1.00 54.46  ? 35 ASN G N   1 
ATOM   1609 C CA  . ASN G 1 35 ? -17.793 2.733   -3.318  1.00 54.46  ? 35 ASN G CA  1 
ATOM   1610 C C   . ASN G 1 35 ? -17.686 2.169   -1.920  1.00 54.46  ? 35 ASN G C   1 
ATOM   1611 O O   . ASN G 1 35 ? -18.461 1.298   -1.536  1.00 54.46  ? 35 ASN G O   1 
ATOM   1612 C CB  . ASN G 1 35 ? -19.141 3.416   -3.500  1.00 54.46  ? 35 ASN G CB  1 
ATOM   1613 C CG  . ASN G 1 35 ? -19.251 4.132   -4.825  1.00 54.46  ? 35 ASN G CG  1 
ATOM   1614 O OD1 . ASN G 1 35 ? -18.285 4.723   -5.298  1.00 54.46  ? 35 ASN G OD1 1 
ATOM   1615 N ND2 . ASN G 1 35 ? -20.436 4.100   -5.425  1.00 54.46  ? 35 ASN G ND2 1 
ATOM   1616 N N   . THR G 1 36 ? -16.724 2.663   -1.154  1.00 54.32  ? 36 THR G N   1 
ATOM   1617 C CA  . THR G 1 36 ? -16.542 2.183   0.205   1.00 54.32  ? 36 THR G CA  1 
ATOM   1618 C C   . THR G 1 36 ? -16.781 3.315   1.174   1.00 54.32  ? 36 THR G C   1 
ATOM   1619 O O   . THR G 1 36 ? -16.312 4.428   0.966   1.00 54.32  ? 36 THR G O   1 
ATOM   1620 C CB  . THR G 1 36 ? -15.143 1.592   0.451   1.00 54.32  ? 36 THR G CB  1 
ATOM   1621 O OG1 . THR G 1 36 ? -14.233 2.629   0.831   1.00 54.32  ? 36 THR G OG1 1 
ATOM   1622 C CG2 . THR G 1 36 ? -14.625 0.872   -0.785  1.00 54.32  ? 36 THR G CG2 1 
HETATM 1623 N N   . TYC G 1 37 ? -17.687 3.232   2.202   1.00 20.00  ? 37 TYC G N   1 
HETATM 1624 C CA  . TYC G 1 37 ? -17.988 4.213   3.254   1.00 20.00  ? 37 TYC G CA  1 
HETATM 1625 C C   . TYC G 1 37 ? -17.606 3.640   4.596   1.00 20.00  ? 37 TYC G C   1 
HETATM 1626 O O   . TYC G 1 37 ? -17.658 2.445   4.781   1.00 20.00  ? 37 TYC G O   1 
HETATM 1627 C CB  . TYC G 1 37 ? -19.482 4.534   3.240   1.00 20.00  ? 37 TYC G CB  1 
HETATM 1628 C CG  . TYC G 1 37 ? -19.828 5.261   1.968   1.00 20.00  ? 37 TYC G CG  1 
HETATM 1629 C CD1 . TYC G 1 37 ? -20.185 4.548   0.840   1.00 20.00  ? 37 TYC G CD1 1 
HETATM 1630 C CD2 . TYC G 1 37 ? -19.794 6.643   1.933   1.00 20.00  ? 37 TYC G CD2 1 
HETATM 1631 C CE1 . TYC G 1 37 ? -20.502 5.214   -0.328  1.00 20.00  ? 37 TYC G CE1 1 
HETATM 1632 C CE2 . TYC G 1 37 ? -20.106 7.313   0.767   1.00 20.00  ? 37 TYC G CE2 1 
HETATM 1633 O OH  . TYC G 1 37 ? -20.776 7.257   -1.516  1.00 20.00  ? 37 TYC G OH  1 
HETATM 1634 C CZ  . TYC G 1 37 ? -20.465 6.599   -0.368  1.00 20.00  ? 37 TYC G CZ  1 
HETATM 1635 N NXT . TYC G 1 37 ? -17.211 4.460   5.588   1.00 20.00  ? 37 TYC G NXT 1 
ATOM   1636 N N   . LYS H 1 1  ? 6.723   -7.484  30.114  1.00 255.90 ? 1  LYS H N   1 
ATOM   1637 C CA  . LYS H 1 1  ? 7.993   -7.404  30.827  1.00 255.90 ? 1  LYS H CA  1 
ATOM   1638 C C   . LYS H 1 1  ? 8.801   -8.672  30.629  1.00 255.90 ? 1  LYS H C   1 
ATOM   1639 O O   . LYS H 1 1  ? 8.371   -9.755  31.021  1.00 255.90 ? 1  LYS H O   1 
ATOM   1640 C CB  . LYS H 1 1  ? 7.769   -7.153  32.321  1.00 255.90 ? 1  LYS H CB  1 
ATOM   1641 C CG  . LYS H 1 1  ? 7.912   -5.699  32.749  1.00 255.90 ? 1  LYS H CG  1 
ATOM   1642 C CD  . LYS H 1 1  ? 6.844   -4.807  32.140  1.00 255.90 ? 1  LYS H CD  1 
ATOM   1643 C CE  . LYS H 1 1  ? 5.473   -5.096  32.724  1.00 255.90 ? 1  LYS H CE  1 
ATOM   1644 N NZ  . LYS H 1 1  ? 4.416   -4.269  32.078  1.00 255.90 ? 1  LYS H NZ  1 
ATOM   1645 N N   . CYS H 1 2  ? 9.984   -8.545  30.049  1.00 254.69 ? 2  CYS H N   1 
ATOM   1646 C CA  . CYS H 1 2  ? 10.791  -9.727  29.798  1.00 254.69 ? 2  CYS H CA  1 
ATOM   1647 C C   . CYS H 1 2  ? 12.109  -9.704  30.552  1.00 254.69 ? 2  CYS H C   1 
ATOM   1648 O O   . CYS H 1 2  ? 12.871  -8.743  30.444  1.00 254.69 ? 2  CYS H O   1 
ATOM   1649 C CB  . CYS H 1 2  ? 11.054  -9.899  28.303  1.00 254.69 ? 2  CYS H CB  1 
ATOM   1650 S SG  . CYS H 1 2  ? 11.679  -11.547 27.921  1.00 254.69 ? 2  CYS H SG  1 
ATOM   1651 N N   . ASN H 1 3  ? 12.374  -10.756 31.317  1.00 255.13 ? 3  ASN H N   1 
ATOM   1652 C CA  . ASN H 1 3  ? 13.637  -10.857 32.037  1.00 255.13 ? 3  ASN H CA  1 
ATOM   1653 C C   . ASN H 1 3  ? 14.253  -12.217 31.773  1.00 255.13 ? 3  ASN H C   1 
ATOM   1654 O O   . ASN H 1 3  ? 15.115  -12.668 32.525  1.00 255.13 ? 3  ASN H O   1 
ATOM   1655 C CB  . ASN H 1 3  ? 13.421  -10.654 33.533  1.00 255.13 ? 3  ASN H CB  1 
ATOM   1656 C CG  . ASN H 1 3  ? 13.044  -9.226  33.879  1.00 255.13 ? 3  ASN H CG  1 
ATOM   1657 O OD1 . ASN H 1 3  ? 13.181  -8.318  33.060  1.00 255.13 ? 3  ASN H OD1 1 
ATOM   1658 N ND2 . ASN H 1 3  ? 12.574  -9.020  35.102  1.00 255.13 ? 3  ASN H ND2 1 
ATOM   1659 N N   . THR H 1 4  ? 13.816  -12.873 30.703  1.00 248.12 ? 4  THR H N   1 
ATOM   1660 C CA  . THR H 1 4  ? 14.319  -14.203 30.381  1.00 248.12 ? 4  THR H CA  1 
ATOM   1661 C C   . THR H 1 4  ? 15.728  -14.139 29.834  1.00 248.12 ? 4  THR H C   1 
ATOM   1662 O O   . THR H 1 4  ? 16.284  -13.059 29.668  1.00 248.12 ? 4  THR H O   1 
ATOM   1663 C CB  . THR H 1 4  ? 13.433  -14.895 29.333  1.00 248.12 ? 4  THR H CB  1 
ATOM   1664 O OG1 . THR H 1 4  ? 13.532  -14.194 28.087  1.00 248.12 ? 4  THR H OG1 1 
ATOM   1665 C CG2 . THR H 1 4  ? 11.983  -14.910 29.788  1.00 248.12 ? 4  THR H CG2 1 
ATOM   1666 N N   . ALA H 1 5  ? 16.321  -15.294 29.562  1.00 242.43 ? 5  ALA H N   1 
ATOM   1667 C CA  . ALA H 1 5  ? 17.643  -15.297 28.959  1.00 242.43 ? 5  ALA H CA  1 
ATOM   1668 C C   . ALA H 1 5  ? 17.544  -14.602 27.618  1.00 242.43 ? 5  ALA H C   1 
ATOM   1669 O O   . ALA H 1 5  ? 18.337  -13.712 27.310  1.00 242.43 ? 5  ALA H O   1 
ATOM   1670 C CB  . ALA H 1 5  ? 18.152  -16.714 28.792  1.00 242.43 ? 5  ALA H CB  1 
ATOM   1671 N N   . THR H 1 6  ? 16.559  -14.993 26.820  1.00 232.57 ? 6  THR H N   1 
ATOM   1672 C CA  . THR H 1 6  ? 16.355  -14.349 25.529  1.00 232.57 ? 6  THR H CA  1 
ATOM   1673 C C   . THR H 1 6  ? 14.903  -14.465 25.101  1.00 232.57 ? 6  THR H C   1 
ATOM   1674 O O   . THR H 1 6  ? 14.314  -15.543 25.168  1.00 232.57 ? 6  THR H O   1 
ATOM   1675 C CB  . THR H 1 6  ? 17.257  -14.958 24.440  1.00 232.57 ? 6  THR H CB  1 
ATOM   1676 O OG1 . THR H 1 6  ? 18.632  -14.739 24.779  1.00 232.57 ? 6  THR H OG1 1 
ATOM   1677 C CG2 . THR H 1 6  ? 16.967  -14.321 23.090  1.00 232.57 ? 6  THR H CG2 1 
ATOM   1678 N N   . CYS H 1 7  ? 14.322  -13.355 24.662  1.00 208.41 ? 7  CYS H N   1 
ATOM   1679 C CA  . CYS H 1 7  ? 12.941  -13.391 24.198  1.00 208.41 ? 7  CYS H CA  1 
ATOM   1680 C C   . CYS H 1 7  ? 12.722  -12.589 22.933  1.00 208.41 ? 7  CYS H C   1 
ATOM   1681 O O   . CYS H 1 7  ? 13.052  -11.405 22.873  1.00 208.41 ? 7  CYS H O   1 
ATOM   1682 C CB  . CYS H 1 7  ? 11.990  -12.909 25.289  1.00 208.41 ? 7  CYS H CB  1 
ATOM   1683 S SG  . CYS H 1 7  ? 12.453  -11.350 26.060  1.00 208.41 ? 7  CYS H SG  1 
ATOM   1684 N N   . ALA H 1 8  ? 12.164  -13.235 21.922  1.00 166.73 ? 8  ALA H N   1 
ATOM   1685 C CA  . ALA H 1 8  ? 11.886  -12.571 20.659  1.00 166.73 ? 8  ALA H CA  1 
ATOM   1686 C C   . ALA H 1 8  ? 10.403  -12.266 20.554  1.00 166.73 ? 8  ALA H C   1 
ATOM   1687 O O   . ALA H 1 8  ? 9.576   -13.171 20.598  1.00 166.73 ? 8  ALA H O   1 
ATOM   1688 C CB  . ALA H 1 8  ? 12.329  -13.441 19.499  1.00 166.73 ? 8  ALA H CB  1 
ATOM   1689 N N   . THR H 1 9  ? 10.062  -10.992 20.405  1.00 137.89 ? 9  THR H N   1 
ATOM   1690 C CA  . THR H 1 9  ? 8.664   -10.618 20.248  1.00 137.89 ? 9  THR H CA  1 
ATOM   1691 C C   . THR H 1 9  ? 8.441   -9.822  18.980  1.00 137.89 ? 9  THR H C   1 
ATOM   1692 O O   . THR H 1 9  ? 9.121   -8.830  18.736  1.00 137.89 ? 9  THR H O   1 
ATOM   1693 C CB  . THR H 1 9  ? 8.146   -9.814  21.455  1.00 137.89 ? 9  THR H CB  1 
ATOM   1694 O OG1 . THR H 1 9  ? 8.245   -10.613 22.642  1.00 137.89 ? 9  THR H OG1 1 
ATOM   1695 C CG2 . THR H 1 9  ? 6.699   -9.397  21.249  1.00 137.89 ? 9  THR H CG2 1 
ATOM   1696 N N   . GLN H 1 10 ? 7.496   -10.252 18.159  1.00 108.31 ? 10 GLN H N   1 
ATOM   1697 C CA  . GLN H 1 10 ? 7.181   -9.489  16.969  1.00 108.31 ? 10 GLN H CA  1 
ATOM   1698 C C   . GLN H 1 10 ? 5.721   -9.133  16.931  1.00 108.31 ? 10 GLN H C   1 
ATOM   1699 O O   . GLN H 1 10 ? 4.869   -10.005 17.042  1.00 108.31 ? 10 GLN H O   1 
ATOM   1700 C CB  . GLN H 1 10 ? 7.535   -10.275 15.711  1.00 108.31 ? 10 GLN H CB  1 
ATOM   1701 C CG  . GLN H 1 10 ? 9.009   -10.261 15.358  1.00 108.31 ? 10 GLN H CG  1 
ATOM   1702 C CD  . GLN H 1 10 ? 9.271   -10.817 13.975  1.00 108.31 ? 10 GLN H CD  1 
ATOM   1703 O OE1 . GLN H 1 10 ? 10.402  -10.805 13.490  1.00 108.31 ? 10 GLN H OE1 1 
ATOM   1704 N NE2 . GLN H 1 10 ? 8.219   -11.308 13.329  1.00 108.31 ? 10 GLN H NE2 1 
ATOM   1705 N N   . ARG H 1 11 ? 5.414   -7.856  16.770  1.00 89.94  ? 11 ARG H N   1 
ATOM   1706 C CA  . ARG H 1 11 ? 4.026   -7.469  16.616  1.00 89.94  ? 11 ARG H CA  1 
ATOM   1707 C C   . ARG H 1 11 ? 3.937   -6.858  15.238  1.00 89.94  ? 11 ARG H C   1 
ATOM   1708 O O   . ARG H 1 11 ? 4.578   -5.852  14.959  1.00 89.94  ? 11 ARG H O   1 
ATOM   1709 C CB  . ARG H 1 11 ? 3.630   -6.444  17.674  1.00 89.94  ? 11 ARG H CB  1 
ATOM   1710 C CG  . ARG H 1 11 ? 4.035   -6.827  19.087  1.00 89.94  ? 11 ARG H CG  1 
ATOM   1711 C CD  . ARG H 1 11 ? 3.912   -5.643  20.032  1.00 89.94  ? 11 ARG H CD  1 
ATOM   1712 N NE  . ARG H 1 11 ? 2.522   -5.262  20.256  1.00 89.94  ? 11 ARG H NE  1 
ATOM   1713 C CZ  . ARG H 1 11 ? 1.820   -5.606  21.329  1.00 89.94  ? 11 ARG H CZ  1 
ATOM   1714 N NH1 . ARG H 1 11 ? 0.558   -5.216  21.453  1.00 89.94  ? 11 ARG H NH1 1 
ATOM   1715 N NH2 . ARG H 1 11 ? 2.380   -6.334  22.286  1.00 89.94  ? 11 ARG H NH2 1 
ATOM   1716 N N   . LEU H 1 12 ? 3.136   -7.452  14.368  1.00 76.37  ? 12 LEU H N   1 
ATOM   1717 C CA  . LEU H 1 12 ? 2.973   -6.897  13.042  1.00 76.37  ? 12 LEU H CA  1 
ATOM   1718 C C   . LEU H 1 12 ? 1.525   -6.517  12.871  1.00 76.37  ? 12 LEU H C   1 
ATOM   1719 O O   . LEU H 1 12 ? 0.643   -7.351  13.009  1.00 76.37  ? 12 LEU H O   1 
ATOM   1720 C CB  . LEU H 1 12 ? 3.359   -7.918  11.980  1.00 76.37  ? 12 LEU H CB  1 
ATOM   1721 C CG  . LEU H 1 12 ? 4.725   -8.594  12.098  1.00 76.37  ? 12 LEU H CG  1 
ATOM   1722 C CD1 . LEU H 1 12 ? 4.909   -9.633  11.007  1.00 76.37  ? 12 LEU H CD1 1 
ATOM   1723 C CD2 . LEU H 1 12 ? 5.851   -7.585  12.069  1.00 76.37  ? 12 LEU H CD2 1 
ATOM   1724 N N   . ALA H 1 13 ? 1.269   -5.256  12.567  1.00 65.86  ? 13 ALA H N   1 
ATOM   1725 C CA  . ALA H 1 13 ? -0.104  -4.815  12.445  1.00 65.86  ? 13 ALA H CA  1 
ATOM   1726 C C   . ALA H 1 13 ? -0.381  -4.079  11.162  1.00 65.86  ? 13 ALA H C   1 
ATOM   1727 O O   . ALA H 1 13 ? 0.317   -3.137  10.826  1.00 65.86  ? 13 ALA H O   1 
ATOM   1728 C CB  . ALA H 1 13 ? -0.476  -3.949  13.636  1.00 65.86  ? 13 ALA H CB  1 
ATOM   1729 N N   . ASN H 1 14 ? -1.401  -4.488  10.431  1.00 61.97  ? 14 ASN H N   1 
ATOM   1730 C CA  . ASN H 1 14 ? -1.771  -3.724  9.261   1.00 61.97  ? 14 ASN H CA  1 
ATOM   1731 C C   . ASN H 1 14 ? -3.128  -3.187  9.614   1.00 61.97  ? 14 ASN H C   1 
ATOM   1732 O O   . ASN H 1 14 ? -4.045  -3.949  9.885   1.00 61.97  ? 14 ASN H O   1 
ATOM   1733 C CB  . ASN H 1 14 ? -1.872  -4.608  8.034   1.00 61.97  ? 14 ASN H CB  1 
ATOM   1734 C CG  . ASN H 1 14 ? -0.522  -4.939  7.446   1.00 61.97  ? 14 ASN H CG  1 
ATOM   1735 O OD1 . ASN H 1 14 ? 0.440   -4.201  7.628   1.00 61.97  ? 14 ASN H OD1 1 
ATOM   1736 N ND2 . ASN H 1 14 ? -0.447  -6.049  6.725   1.00 61.97  ? 14 ASN H ND2 1 
ATOM   1737 N N   . PHE H 1 15 ? -3.266  -1.872  9.619   1.00 58.26  ? 15 PHE H N   1 
ATOM   1738 C CA  . PHE H 1 15 ? -4.547  -1.278  9.920   1.00 58.26  ? 15 PHE H CA  1 
ATOM   1739 C C   . PHE H 1 15 ? -5.048  -0.512  8.729   1.00 58.26  ? 15 PHE H C   1 
ATOM   1740 O O   . PHE H 1 15 ? -4.401  0.425   8.280   1.00 58.26  ? 15 PHE H O   1 
ATOM   1741 C CB  . PHE H 1 15 ? -4.421  -0.322  11.101  1.00 58.26  ? 15 PHE H CB  1 
ATOM   1742 C CG  . PHE H 1 15 ? -4.583  -0.977  12.437  1.00 58.26  ? 15 PHE H CG  1 
ATOM   1743 C CD1 . PHE H 1 15 ? -3.568  -1.744  12.977  1.00 58.26  ? 15 PHE H CD1 1 
ATOM   1744 C CD2 . PHE H 1 15 ? -5.747  -0.808  13.162  1.00 58.26  ? 15 PHE H CD2 1 
ATOM   1745 C CE1 . PHE H 1 15 ? -3.717  -2.343  14.213  1.00 58.26  ? 15 PHE H CE1 1 
ATOM   1746 C CE2 . PHE H 1 15 ? -5.904  -1.402  14.399  1.00 58.26  ? 15 PHE H CE2 1 
ATOM   1747 C CZ  . PHE H 1 15 ? -4.886  -2.170  14.924  1.00 58.26  ? 15 PHE H CZ  1 
ATOM   1748 N N   . LEU H 1 16 ? -6.200  -0.892  8.207   1.00 53.14  ? 16 LEU H N   1 
ATOM   1749 C CA  . LEU H 1 16 ? -6.785  -0.122  7.135   1.00 53.14  ? 16 LEU H CA  1 
ATOM   1750 C C   . LEU H 1 16 ? -8.146  0.243   7.665   1.00 53.14  ? 16 LEU H C   1 
ATOM   1751 O O   . LEU H 1 16 ? -8.960  -0.624  7.943   1.00 53.14  ? 16 LEU H O   1 
ATOM   1752 C CB  . LEU H 1 16 ? -6.884  -0.956  5.862   1.00 53.14  ? 16 LEU H CB  1 
ATOM   1753 C CG  . LEU H 1 16 ? -7.591  -0.395  4.628   1.00 53.14  ? 16 LEU H CG  1 
ATOM   1754 C CD1 . LEU H 1 16 ? -7.338  1.083   4.407   1.00 53.14  ? 16 LEU H CD1 1 
ATOM   1755 C CD2 . LEU H 1 16 ? -7.237  -1.200  3.391   1.00 53.14  ? 16 LEU H CD2 1 
ATOM   1756 N N   . VAL H 1 17 ? -8.399  1.531   7.816   1.00 50.44  ? 17 VAL H N   1 
ATOM   1757 C CA  . VAL H 1 17 ? -9.699  1.954   8.283   1.00 50.44  ? 17 VAL H CA  1 
ATOM   1758 C C   . VAL H 1 17 ? -10.331 2.966   7.355   1.00 50.44  ? 17 VAL H C   1 
ATOM   1759 O O   . VAL H 1 17 ? -9.720  3.973   7.016   1.00 50.44  ? 17 VAL H O   1 
ATOM   1760 C CB  . VAL H 1 17 ? -9.632  2.472   9.735   1.00 50.44  ? 17 VAL H CB  1 
ATOM   1761 C CG1 . VAL H 1 17 ? -10.969 3.029   10.185  1.00 50.44  ? 17 VAL H CG1 1 
ATOM   1762 C CG2 . VAL H 1 17 ? -9.090  1.420   10.692  1.00 50.44  ? 17 VAL H CG2 1 
ATOM   1763 N N   . HIS H 1 18 ? -11.549 2.696   6.917   1.00 51.28  ? 18 HIS H N   1 
ATOM   1764 C CA  . HIS H 1 18 ? -12.245 3.671   6.118   1.00 51.28  ? 18 HIS H CA  1 
ATOM   1765 C C   . HIS H 1 18 ? -13.351 4.135   7.030   1.00 51.28  ? 18 HIS H C   1 
ATOM   1766 O O   . HIS H 1 18 ? -14.212 3.352   7.410   1.00 51.28  ? 18 HIS H O   1 
ATOM   1767 C CB  . HIS H 1 18 ? -12.844 3.018   4.884   1.00 51.28  ? 18 HIS H CB  1 
ATOM   1768 C CG  . HIS H 1 18 ? -11.830 2.591   3.872   1.00 51.28  ? 18 HIS H CG  1 
ATOM   1769 N ND1 . HIS H 1 18 ? -11.502 3.364   2.779   1.00 51.28  ? 18 HIS H ND1 1 
ATOM   1770 C CD2 . HIS H 1 18 ? -11.079 1.470   3.779   1.00 51.28  ? 18 HIS H CD2 1 
ATOM   1771 C CE1 . HIS H 1 18 ? -10.588 2.739   2.059   1.00 51.28  ? 18 HIS H CE1 1 
ATOM   1772 N NE2 . HIS H 1 18 ? -10.315 1.585   2.643   1.00 51.28  ? 18 HIS H NE2 1 
ATOM   1773 N N   . SER H 1 19 ? -13.335 5.406   7.391   1.00 48.44  ? 19 SER H N   1 
ATOM   1774 C CA  . SER H 1 19 ? -14.381 5.938   8.241   1.00 48.44  ? 19 SER H CA  1 
ATOM   1775 C C   . SER H 1 19 ? -15.020 7.150   7.604   1.00 48.44  ? 19 SER H C   1 
ATOM   1776 O O   . SER H 1 19 ? -14.328 8.074   7.200   1.00 48.44  ? 19 SER H O   1 
ATOM   1777 C CB  . SER H 1 19 ? -13.823 6.295   9.614   1.00 48.44  ? 19 SER H CB  1 
ATOM   1778 O OG  . SER H 1 19 ? -12.650 7.078   9.497   1.00 48.44  ? 19 SER H OG  1 
ATOM   1779 N N   . SER H 1 20 ? -16.340 7.152   7.499   1.00 48.49  ? 20 SER H N   1 
ATOM   1780 C CA  . SER H 1 20 ? -17.006 8.328   6.976   1.00 48.49  ? 20 SER H CA  1 
ATOM   1781 C C   . SER H 1 20 ? -18.081 8.827   7.897   1.00 48.49  ? 20 SER H C   1 
ATOM   1782 O O   . SER H 1 20 ? -18.963 8.074   8.285   1.00 48.49  ? 20 SER H O   1 
ATOM   1783 C CB  . SER H 1 20 ? -17.611 8.046   5.605   1.00 48.49  ? 20 SER H CB  1 
ATOM   1784 O OG  . SER H 1 20 ? -18.304 9.173   5.103   1.00 48.49  ? 20 SER H OG  1 
ATOM   1785 N N   . ASN H 1 21 ? -18.028 10.096  8.253   1.00 44.08  ? 21 ASN H N   1 
ATOM   1786 C CA  . ASN H 1 21 ? -19.100 10.653  9.039   1.00 44.08  ? 21 ASN H CA  1 
ATOM   1787 C C   . ASN H 1 21 ? -19.744 11.586  8.050   1.00 44.08  ? 21 ASN H C   1 
ATOM   1788 O O   . ASN H 1 21 ? -19.097 12.496  7.551   1.00 44.08  ? 21 ASN H O   1 
ATOM   1789 C CB  . ASN H 1 21 ? -18.564 11.459  10.214  1.00 44.08  ? 21 ASN H CB  1 
ATOM   1790 C CG  . ASN H 1 21 ? -17.837 10.608  11.232  1.00 44.08  ? 21 ASN H CG  1 
ATOM   1791 O OD1 . ASN H 1 21 ? -17.076 11.123  12.050  1.00 44.08  ? 21 ASN H OD1 1 
ATOM   1792 N ND2 . ASN H 1 21 ? -18.065 9.303   11.190  1.00 44.08  ? 21 ASN H ND2 1 
ATOM   1793 N N   . ASN H 1 22 ? -21.010 11.369  7.749   1.00 41.80  ? 22 ASN H N   1 
ATOM   1794 C CA  . ASN H 1 22 ? -21.663 12.199  6.763   1.00 41.80  ? 22 ASN H CA  1 
ATOM   1795 C C   . ASN H 1 22 ? -22.801 12.930  7.405   1.00 41.80  ? 22 ASN H C   1 
ATOM   1796 O O   . ASN H 1 22 ? -23.623 12.325  8.070   1.00 41.80  ? 22 ASN H O   1 
ATOM   1797 C CB  . ASN H 1 22 ? -22.175 11.363  5.594   1.00 41.80  ? 22 ASN H CB  1 
ATOM   1798 C CG  . ASN H 1 22 ? -22.760 12.213  4.484   1.00 41.80  ? 22 ASN H CG  1 
ATOM   1799 O OD1 . ASN H 1 22 ? -22.377 13.369  4.303   1.00 41.80  ? 22 ASN H OD1 1 
ATOM   1800 N ND2 . ASN H 1 22 ? -23.686 11.641  3.724   1.00 41.80  ? 22 ASN H ND2 1 
ATOM   1801 N N   . PHE H 1 23 ? -22.839 14.239  7.236   1.00 39.23  ? 23 PHE H N   1 
ATOM   1802 C CA  . PHE H 1 23 ? -23.942 15.025  7.746   1.00 39.23  ? 23 PHE H CA  1 
ATOM   1803 C C   . PHE H 1 23 ? -24.264 15.844  6.532   1.00 39.23  ? 23 PHE H C   1 
ATOM   1804 O O   . PHE H 1 23 ? -24.082 17.057  6.534   1.00 39.23  ? 23 PHE H O   1 
ATOM   1805 C CB  . PHE H 1 23 ? -23.480 15.939  8.872   1.00 39.23  ? 23 PHE H CB  1 
ATOM   1806 C CG  . PHE H 1 23 ? -22.796 15.228  10.004  1.00 39.23  ? 23 PHE H CG  1 
ATOM   1807 C CD1 . PHE H 1 23 ? -21.442 14.938  9.946   1.00 39.23  ? 23 PHE H CD1 1 
ATOM   1808 C CD2 . PHE H 1 23 ? -23.503 14.872  11.136  1.00 39.23  ? 23 PHE H CD2 1 
ATOM   1809 C CE1 . PHE H 1 23 ? -20.813 14.290  10.987  1.00 39.23  ? 23 PHE H CE1 1 
ATOM   1810 C CE2 . PHE H 1 23 ? -22.877 14.227  12.185  1.00 39.23  ? 23 PHE H CE2 1 
ATOM   1811 C CZ  . PHE H 1 23 ? -21.531 13.932  12.110  1.00 39.23  ? 23 PHE H CZ  1 
ATOM   1812 N N   . GLY H 1 24 ? -24.753 15.198  5.485   1.00 41.59  ? 24 GLY H N   1 
ATOM   1813 C CA  . GLY H 1 24 ? -24.973 15.908  4.242   1.00 41.59  ? 24 GLY H CA  1 
ATOM   1814 C C   . GLY H 1 24 ? -25.142 14.908  3.127   1.00 41.59  ? 24 GLY H C   1 
ATOM   1815 O O   . GLY H 1 24 ? -25.533 13.771  3.375   1.00 41.59  ? 24 GLY H O   1 
ATOM   1816 N N   . ALA H 1 25 ? -24.868 15.318  1.896   1.00 45.48  ? 25 ALA H N   1 
ATOM   1817 C CA  . ALA H 1 25 ? -25.095 14.428  0.769   1.00 45.48  ? 25 ALA H CA  1 
ATOM   1818 C C   . ALA H 1 25 ? -23.846 13.956  0.059   1.00 45.48  ? 25 ALA H C   1 
ATOM   1819 O O   . ALA H 1 25 ? -23.005 14.759  -0.317  1.00 45.48  ? 25 ALA H O   1 
ATOM   1820 C CB  . ALA H 1 25 ? -26.029 15.091  -0.229  1.00 45.48  ? 25 ALA H CB  1 
ATOM   1821 N N   . ILE H 1 26 ? -23.713 12.650  -0.128  1.00 45.34  ? 26 ILE H N   1 
ATOM   1822 C CA  . ILE H 1 26 ? -22.591 12.135  -0.893  1.00 45.34  ? 26 ILE H CA  1 
ATOM   1823 C C   . ILE H 1 26 ? -23.175 11.435  -2.101  1.00 45.34  ? 26 ILE H C   1 
ATOM   1824 O O   . ILE H 1 26 ? -24.023 10.563  -1.952  1.00 45.34  ? 26 ILE H O   1 
ATOM   1825 C CB  . ILE H 1 26 ? -21.768 11.116  -0.094  1.00 45.34  ? 26 ILE H CB  1 
ATOM   1826 C CG1 . ILE H 1 26 ? -21.174 11.759  1.156   1.00 45.34  ? 26 ILE H CG1 1 
ATOM   1827 C CG2 . ILE H 1 26 ? -20.651 10.538  -0.946  1.00 45.34  ? 26 ILE H CG2 1 
ATOM   1828 C CD1 . ILE H 1 26 ? -20.257 10.840  1.929   1.00 45.34  ? 26 ILE H CD1 1 
ATOM   1829 N N   . LEU H 1 27 ? -22.743 11.806  -3.297  1.00 47.47  ? 27 LEU H N   1 
ATOM   1830 C CA  . LEU H 1 27 ? -23.209 11.117  -4.493  1.00 47.47  ? 27 LEU H CA  1 
ATOM   1831 C C   . LEU H 1 27 ? -22.025 10.441  -5.151  1.00 47.47  ? 27 LEU H C   1 
ATOM   1832 O O   . LEU H 1 27 ? -21.056 11.098  -5.499  1.00 47.47  ? 27 LEU H O   1 
ATOM   1833 C CB  . LEU H 1 27 ? -23.850 12.098  -5.471  1.00 47.47  ? 27 LEU H CB  1 
ATOM   1834 C CG  . LEU H 1 27 ? -25.159 12.785  -5.068  1.00 47.47  ? 27 LEU H CG  1 
ATOM   1835 C CD1 . LEU H 1 27 ? -24.902 14.070  -4.296  1.00 47.47  ? 27 LEU H CD1 1 
ATOM   1836 C CD2 . LEU H 1 27 ? -25.980 13.083  -6.312  1.00 47.47  ? 27 LEU H CD2 1 
ATOM   1837 N N   . SER H 1 28 ? -22.095 9.128   -5.321  1.00 50.94  ? 28 SER H N   1 
ATOM   1838 C CA  . SER H 1 28 ? -20.970 8.407   -5.892  1.00 50.94  ? 28 SER H CA  1 
ATOM   1839 C C   . SER H 1 28 ? -21.357 7.526   -7.056  1.00 50.94  ? 28 SER H C   1 
ATOM   1840 O O   . SER H 1 28 ? -22.264 6.711   -6.940  1.00 50.94  ? 28 SER H O   1 
ATOM   1841 C CB  . SER H 1 28 ? -20.297 7.564   -4.819  1.00 50.94  ? 28 SER H CB  1 
ATOM   1842 O OG  . SER H 1 28 ? -19.887 8.364   -3.729  1.00 50.94  ? 28 SER H OG  1 
ATOM   1843 N N   . SER H 1 29 ? -20.670 7.675   -8.181  1.00 53.66  ? 29 SER H N   1 
ATOM   1844 C CA  . SER H 1 29 ? -20.930 6.812   -9.326  1.00 53.66  ? 29 SER H CA  1 
ATOM   1845 C C   . SER H 1 29 ? -19.626 6.246   -9.846  1.00 53.66  ? 29 SER H C   1 
ATOM   1846 O O   . SER H 1 29 ? -18.662 6.982   -10.024 1.00 53.66  ? 29 SER H O   1 
ATOM   1847 C CB  . SER H 1 29 ? -21.644 7.581   -10.431 1.00 53.66  ? 29 SER H CB  1 
ATOM   1848 O OG  . SER H 1 29 ? -20.899 8.718   -10.824 1.00 53.66  ? 29 SER H OG  1 
ATOM   1849 N N   . THR H 1 30 ? -19.578 4.945   -10.089 1.00 51.96  ? 30 THR H N   1 
ATOM   1850 C CA  . THR H 1 30 ? -18.375 4.367   -10.661 1.00 51.96  ? 30 THR H CA  1 
ATOM   1851 C C   . THR H 1 30 ? -18.641 3.653   -11.962 1.00 51.96  ? 30 THR H C   1 
ATOM   1852 O O   . THR H 1 30 ? -19.544 2.832   -12.038 1.00 51.96  ? 30 THR H O   1 
ATOM   1853 C CB  . THR H 1 30 ? -17.712 3.353   -9.715  1.00 51.96  ? 30 THR H CB  1 
ATOM   1854 O OG1 . THR H 1 30 ? -18.523 2.181   -9.625  1.00 51.96  ? 30 THR H OG1 1 
ATOM   1855 C CG2 . THR H 1 30 ? -17.518 3.939   -8.336  1.00 51.96  ? 30 THR H CG2 1 
ATOM   1856 N N   . ASN H 1 31 ? -17.883 3.971   -13.002 1.00 51.52  ? 31 ASN H N   1 
ATOM   1857 C CA  . ASN H 1 31 ? -18.013 3.233   -14.246 1.00 51.52  ? 31 ASN H CA  1 
ATOM   1858 C C   . ASN H 1 31 ? -16.645 2.660   -14.523 1.00 51.52  ? 31 ASN H C   1 
ATOM   1859 O O   . ASN H 1 31 ? -15.699 3.407   -14.722 1.00 51.52  ? 31 ASN H O   1 
ATOM   1860 C CB  . ASN H 1 31 ? -18.400 4.154   -15.396 1.00 51.52  ? 31 ASN H CB  1 
ATOM   1861 C CG  . ASN H 1 31 ? -19.800 4.718   -15.264 1.00 51.52  ? 31 ASN H CG  1 
ATOM   1862 O OD1 . ASN H 1 31 ? -20.134 5.718   -15.898 1.00 51.52  ? 31 ASN H OD1 1 
ATOM   1863 N ND2 . ASN H 1 31 ? -20.629 4.081   -14.451 1.00 51.52  ? 31 ASN H ND2 1 
ATOM   1864 N N   . VAL H 1 32 ? -16.518 1.344   -14.553 1.00 49.96  ? 32 VAL H N   1 
ATOM   1865 C CA  . VAL H 1 32 ? -15.241 0.742   -14.904 1.00 49.96  ? 32 VAL H CA  1 
ATOM   1866 C C   . VAL H 1 32 ? -15.467 -0.255  -16.022 1.00 49.96  ? 32 VAL H C   1 
ATOM   1867 O O   . VAL H 1 32 ? -16.353 -1.093  -15.934 1.00 49.96  ? 32 VAL H O   1 
ATOM   1868 C CB  . VAL H 1 32 ? -14.564 0.067   -13.700 1.00 49.96  ? 32 VAL H CB  1 
ATOM   1869 C CG1 . VAL H 1 32 ? -13.431 -0.838  -14.155 1.00 49.96  ? 32 VAL H CG1 1 
ATOM   1870 C CG2 . VAL H 1 32 ? -14.038 1.116   -12.737 1.00 49.96  ? 32 VAL H CG2 1 
ATOM   1871 N N   . GLY H 1 33 ? -14.678 -0.157  -17.085 1.00 54.30  ? 33 GLY H N   1 
ATOM   1872 C CA  . GLY H 1 33 ? -14.821 -1.068  -18.201 1.00 54.30  ? 33 GLY H CA  1 
ATOM   1873 C C   . GLY H 1 33 ? -16.219 -1.006  -18.753 1.00 54.30  ? 33 GLY H C   1 
ATOM   1874 O O   . GLY H 1 33 ? -16.777 -2.019  -19.157 1.00 54.30  ? 33 GLY H O   1 
ATOM   1875 N N   . SER H 1 34 ? -16.792 0.186   -18.798 1.00 59.39  ? 34 SER H N   1 
ATOM   1876 C CA  . SER H 1 34 ? -18.166 0.301   -19.235 1.00 59.39  ? 34 SER H CA  1 
ATOM   1877 C C   . SER H 1 34 ? -18.254 0.913   -20.609 1.00 59.39  ? 34 SER H C   1 
ATOM   1878 O O   . SER H 1 34 ? -17.690 1.969   -20.866 1.00 59.39  ? 34 SER H O   1 
ATOM   1879 C CB  . SER H 1 34 ? -18.964 1.145   -18.247 1.00 59.39  ? 34 SER H CB  1 
ATOM   1880 O OG  . SER H 1 34 ? -18.479 2.473   -18.213 1.00 59.39  ? 34 SER H OG  1 
ATOM   1881 N N   . ASN H 1 35 ? -18.973 0.253   -21.500 1.00 65.71  ? 35 ASN H N   1 
ATOM   1882 C CA  . ASN H 1 35 ? -19.147 0.802   -22.823 1.00 65.71  ? 35 ASN H CA  1 
ATOM   1883 C C   . ASN H 1 35 ? -20.559 1.326   -22.939 1.00 65.71  ? 35 ASN H C   1 
ATOM   1884 O O   . ASN H 1 35 ? -21.516 0.587   -22.746 1.00 65.71  ? 35 ASN H O   1 
ATOM   1885 C CB  . ASN H 1 35 ? -18.896 -0.267  -23.876 1.00 65.71  ? 35 ASN H CB  1 
ATOM   1886 C CG  . ASN H 1 35 ? -17.465 -0.759  -23.873 1.00 65.71  ? 35 ASN H CG  1 
ATOM   1887 O OD1 . ASN H 1 35 ? -16.592 -0.170  -23.239 1.00 65.71  ? 35 ASN H OD1 1 
ATOM   1888 N ND2 . ASN H 1 35 ? -17.217 -1.846  -24.593 1.00 65.71  ? 35 ASN H ND2 1 
ATOM   1889 N N   . THR H 1 36 ? -20.696 2.602   -23.258 1.00 69.85  ? 36 THR H N   1 
ATOM   1890 C CA  . THR H 1 36 ? -22.016 3.188   -23.399 1.00 69.85  ? 36 THR H CA  1 
ATOM   1891 C C   . THR H 1 36 ? -22.226 3.575   -24.846 1.00 69.85  ? 36 THR H C   1 
ATOM   1892 O O   . THR H 1 36 ? -21.365 4.193   -25.459 1.00 69.85  ? 36 THR H O   1 
ATOM   1893 C CB  . THR H 1 36 ? -22.215 4.412   -22.488 1.00 69.85  ? 36 THR H CB  1 
ATOM   1894 O OG1 . THR H 1 36 ? -21.654 5.575   -23.104 1.00 69.85  ? 36 THR H OG1 1 
ATOM   1895 C CG2 . THR H 1 36 ? -21.567 4.188   -21.128 1.00 69.85  ? 36 THR H CG2 1 
HETATM 1896 N N   . TYC H 1 37 ? -23.279 3.170   -25.413 1.00 20.00  ? 37 TYC H N   1 
HETATM 1897 C CA  . TYC H 1 37 ? -23.555 3.424   -26.833 1.00 20.00  ? 37 TYC H CA  1 
HETATM 1898 C C   . TYC H 1 37 ? -24.745 4.341   -26.956 1.00 20.00  ? 37 TYC H C   1 
HETATM 1899 O O   . TYC H 1 37 ? -25.615 4.320   -26.113 1.00 20.00  ? 37 TYC H O   1 
HETATM 1900 C CB  . TYC H 1 37 ? -23.852 2.102   -27.539 1.00 20.00  ? 37 TYC H CB  1 
HETATM 1901 C CG  . TYC H 1 37 ? -22.638 1.213   -27.473 1.00 20.00  ? 37 TYC H CG  1 
HETATM 1902 C CD1 . TYC H 1 37 ? -22.396 0.460   -26.338 1.00 20.00  ? 37 TYC H CD1 1 
HETATM 1903 C CD2 . TYC H 1 37 ? -21.773 1.146   -28.548 1.00 20.00  ? 37 TYC H CD2 1 
HETATM 1904 C CE1 . TYC H 1 37 ? -21.282 -0.356  -26.276 1.00 20.00  ? 37 TYC H CE1 1 
HETATM 1905 C CE2 . TYC H 1 37 ? -20.656 0.335   -28.488 1.00 20.00  ? 37 TYC H CE2 1 
HETATM 1906 O OH  . TYC H 1 37 ? -19.313 -1.223  -27.292 1.00 20.00  ? 37 TYC H OH  1 
HETATM 1907 C CZ  . TYC H 1 37 ? -20.410 -0.421  -27.351 1.00 20.00  ? 37 TYC H CZ  1 
HETATM 1908 N NXT . TYC H 1 37 ? -24.841 5.181   -28.005 1.00 20.00  ? 37 TYC H NXT 1 
# 
